data_3RVC
# 
_entry.id   3RVC 
# 
_audit_conform.dict_name       mmcif_pdbx.dic 
_audit_conform.dict_version    5.387 
_audit_conform.dict_location   http://mmcif.pdb.org/dictionaries/ascii/mmcif_pdbx.dic 
# 
loop_
_database_2.database_id 
_database_2.database_code 
_database_2.pdbx_database_accession 
_database_2.pdbx_DOI 
PDB   3RVC         pdb_00003rvc 10.2210/pdb3rvc/pdb 
RCSB  RCSB065422   ?            ?                   
WWPDB D_1000065422 ?            ?                   
# 
loop_
_pdbx_audit_revision_history.ordinal 
_pdbx_audit_revision_history.data_content_type 
_pdbx_audit_revision_history.major_revision 
_pdbx_audit_revision_history.minor_revision 
_pdbx_audit_revision_history.revision_date 
1 'Structure model' 1 0 2011-08-24 
2 'Structure model' 1 1 2024-02-28 
# 
_pdbx_audit_revision_details.ordinal             1 
_pdbx_audit_revision_details.revision_ordinal    1 
_pdbx_audit_revision_details.data_content_type   'Structure model' 
_pdbx_audit_revision_details.provider            repository 
_pdbx_audit_revision_details.type                'Initial release' 
_pdbx_audit_revision_details.description         ? 
_pdbx_audit_revision_details.details             ? 
# 
loop_
_pdbx_audit_revision_group.ordinal 
_pdbx_audit_revision_group.revision_ordinal 
_pdbx_audit_revision_group.data_content_type 
_pdbx_audit_revision_group.group 
1 2 'Structure model' 'Data collection'     
2 2 'Structure model' 'Database references' 
# 
loop_
_pdbx_audit_revision_category.ordinal 
_pdbx_audit_revision_category.revision_ordinal 
_pdbx_audit_revision_category.data_content_type 
_pdbx_audit_revision_category.category 
1 2 'Structure model' chem_comp_atom     
2 2 'Structure model' chem_comp_bond     
3 2 'Structure model' database_2         
4 2 'Structure model' struct_ref_seq_dif 
# 
loop_
_pdbx_audit_revision_item.ordinal 
_pdbx_audit_revision_item.revision_ordinal 
_pdbx_audit_revision_item.data_content_type 
_pdbx_audit_revision_item.item 
1 2 'Structure model' '_database_2.pdbx_DOI'                
2 2 'Structure model' '_database_2.pdbx_database_accession' 
3 2 'Structure model' '_struct_ref_seq_dif.details'         
# 
_pdbx_database_status.status_code                     REL 
_pdbx_database_status.entry_id                        3RVC 
_pdbx_database_status.recvd_initial_deposition_date   2011-05-06 
_pdbx_database_status.deposit_site                    RCSB 
_pdbx_database_status.process_site                    RCSB 
_pdbx_database_status.status_code_sf                  REL 
_pdbx_database_status.status_code_mr                  ? 
_pdbx_database_status.SG_entry                        ? 
_pdbx_database_status.status_code_cs                  ? 
_pdbx_database_status.pdb_format_compatible           Y 
_pdbx_database_status.status_code_nmr_data            ? 
_pdbx_database_status.methods_development_category    ? 
# 
loop_
_pdbx_database_related.db_name 
_pdbx_database_related.db_id 
_pdbx_database_related.details 
_pdbx_database_related.content_type 
PDB 3O9R . unspecified 
PDB 3O9Q . unspecified 
# 
loop_
_audit_author.name 
_audit_author.pdbx_ordinal 
'Kerry, P.S.'     1 
'Long, E.'        2 
'Taylor, M.A.'    3 
'Russell, R.J.M.' 4 
# 
_citation.id                        primary 
_citation.title                     
'Conservation of a crystallographic interface suggests a role for beta-sheet augmentation in influenza virus NS1 multifunctionality.' 
_citation.journal_abbrev            'Acta Crystallogr.,Sect.F' 
_citation.journal_volume            67 
_citation.page_first                858 
_citation.page_last                 861 
_citation.year                      2011 
_citation.journal_id_ASTM           ? 
_citation.country                   DK 
_citation.journal_id_ISSN           1744-3091 
_citation.journal_id_CSD            ? 
_citation.book_publisher            ? 
_citation.pdbx_database_id_PubMed   21821881 
_citation.pdbx_database_id_DOI      10.1107/S1744309111019312 
# 
loop_
_citation_author.citation_id 
_citation_author.name 
_citation_author.ordinal 
_citation_author.identifier_ORCID 
primary 'Kerry, P.S.'   1 ? 
primary 'Long, E.'      2 ? 
primary 'Taylor, M.A.'  3 ? 
primary 'Russell, R.J.' 4 ? 
# 
loop_
_entity.id 
_entity.type 
_entity.src_method 
_entity.pdbx_description 
_entity.formula_weight 
_entity.pdbx_number_of_molecules 
_entity.pdbx_ec 
_entity.pdbx_mutation 
_entity.pdbx_fragment 
_entity.details 
1 polymer man 'Non-structural protein 1' 16875.506 1  ? W187A ? ? 
2 water   nat water                      18.015    81 ? ?     ? ? 
# 
_entity_name_com.entity_id   1 
_entity_name_com.name        'NS1, NS1A' 
# 
_entity_poly.entity_id                      1 
_entity_poly.type                           'polypeptide(L)' 
_entity_poly.nstd_linkage                   no 
_entity_poly.nstd_monomer                   no 
_entity_poly.pdbx_seq_one_letter_code       
;MTMASVPASRYLTDMTLEEMSRDWSMLIPKQKVAGPLCIRMDQAIMDKNIILKANFSVIFDRLETLILLRAFTEEGAIVG
EISPLPSLPGHTAEDVKNAVGVLIGGLEANDNTVRVSETLQRFAWRSSNENGRPPLTPKQKREMAGTIRSEV
;
_entity_poly.pdbx_seq_one_letter_code_can   
;MTMASVPASRYLTDMTLEEMSRDWSMLIPKQKVAGPLCIRMDQAIMDKNIILKANFSVIFDRLETLILLRAFTEEGAIVG
EISPLPSLPGHTAEDVKNAVGVLIGGLEANDNTVRVSETLQRFAWRSSNENGRPPLTPKQKREMAGTIRSEV
;
_entity_poly.pdbx_strand_id                 A 
_entity_poly.pdbx_target_identifier         ? 
# 
_pdbx_entity_nonpoly.entity_id   2 
_pdbx_entity_nonpoly.name        water 
_pdbx_entity_nonpoly.comp_id     HOH 
# 
loop_
_entity_poly_seq.entity_id 
_entity_poly_seq.num 
_entity_poly_seq.mon_id 
_entity_poly_seq.hetero 
1 1   MET n 
1 2   THR n 
1 3   MET n 
1 4   ALA n 
1 5   SER n 
1 6   VAL n 
1 7   PRO n 
1 8   ALA n 
1 9   SER n 
1 10  ARG n 
1 11  TYR n 
1 12  LEU n 
1 13  THR n 
1 14  ASP n 
1 15  MET n 
1 16  THR n 
1 17  LEU n 
1 18  GLU n 
1 19  GLU n 
1 20  MET n 
1 21  SER n 
1 22  ARG n 
1 23  ASP n 
1 24  TRP n 
1 25  SER n 
1 26  MET n 
1 27  LEU n 
1 28  ILE n 
1 29  PRO n 
1 30  LYS n 
1 31  GLN n 
1 32  LYS n 
1 33  VAL n 
1 34  ALA n 
1 35  GLY n 
1 36  PRO n 
1 37  LEU n 
1 38  CYS n 
1 39  ILE n 
1 40  ARG n 
1 41  MET n 
1 42  ASP n 
1 43  GLN n 
1 44  ALA n 
1 45  ILE n 
1 46  MET n 
1 47  ASP n 
1 48  LYS n 
1 49  ASN n 
1 50  ILE n 
1 51  ILE n 
1 52  LEU n 
1 53  LYS n 
1 54  ALA n 
1 55  ASN n 
1 56  PHE n 
1 57  SER n 
1 58  VAL n 
1 59  ILE n 
1 60  PHE n 
1 61  ASP n 
1 62  ARG n 
1 63  LEU n 
1 64  GLU n 
1 65  THR n 
1 66  LEU n 
1 67  ILE n 
1 68  LEU n 
1 69  LEU n 
1 70  ARG n 
1 71  ALA n 
1 72  PHE n 
1 73  THR n 
1 74  GLU n 
1 75  GLU n 
1 76  GLY n 
1 77  ALA n 
1 78  ILE n 
1 79  VAL n 
1 80  GLY n 
1 81  GLU n 
1 82  ILE n 
1 83  SER n 
1 84  PRO n 
1 85  LEU n 
1 86  PRO n 
1 87  SER n 
1 88  LEU n 
1 89  PRO n 
1 90  GLY n 
1 91  HIS n 
1 92  THR n 
1 93  ALA n 
1 94  GLU n 
1 95  ASP n 
1 96  VAL n 
1 97  LYS n 
1 98  ASN n 
1 99  ALA n 
1 100 VAL n 
1 101 GLY n 
1 102 VAL n 
1 103 LEU n 
1 104 ILE n 
1 105 GLY n 
1 106 GLY n 
1 107 LEU n 
1 108 GLU n 
1 109 ALA n 
1 110 ASN n 
1 111 ASP n 
1 112 ASN n 
1 113 THR n 
1 114 VAL n 
1 115 ARG n 
1 116 VAL n 
1 117 SER n 
1 118 GLU n 
1 119 THR n 
1 120 LEU n 
1 121 GLN n 
1 122 ARG n 
1 123 PHE n 
1 124 ALA n 
1 125 TRP n 
1 126 ARG n 
1 127 SER n 
1 128 SER n 
1 129 ASN n 
1 130 GLU n 
1 131 ASN n 
1 132 GLY n 
1 133 ARG n 
1 134 PRO n 
1 135 PRO n 
1 136 LEU n 
1 137 THR n 
1 138 PRO n 
1 139 LYS n 
1 140 GLN n 
1 141 LYS n 
1 142 ARG n 
1 143 GLU n 
1 144 MET n 
1 145 ALA n 
1 146 GLY n 
1 147 THR n 
1 148 ILE n 
1 149 ARG n 
1 150 SER n 
1 151 GLU n 
1 152 VAL n 
# 
_entity_src_gen.entity_id                          1 
_entity_src_gen.pdbx_src_id                        1 
_entity_src_gen.pdbx_alt_source_flag               sample 
_entity_src_gen.pdbx_seq_type                      ? 
_entity_src_gen.pdbx_beg_seq_num                   ? 
_entity_src_gen.pdbx_end_seq_num                   ? 
_entity_src_gen.gene_src_common_name               ? 
_entity_src_gen.gene_src_genus                     ? 
_entity_src_gen.pdbx_gene_src_gene                 NS 
_entity_src_gen.gene_src_species                   ? 
_entity_src_gen.gene_src_strain                    'A/Puerto Rico/8/1934 H1N1' 
_entity_src_gen.gene_src_tissue                    ? 
_entity_src_gen.gene_src_tissue_fraction           ? 
_entity_src_gen.gene_src_details                   ? 
_entity_src_gen.pdbx_gene_src_fragment             ? 
_entity_src_gen.pdbx_gene_src_scientific_name      'Influenza A virus' 
_entity_src_gen.pdbx_gene_src_ncbi_taxonomy_id     211044 
_entity_src_gen.pdbx_gene_src_variant              ? 
_entity_src_gen.pdbx_gene_src_cell_line            ? 
_entity_src_gen.pdbx_gene_src_atcc                 ? 
_entity_src_gen.pdbx_gene_src_organ                ? 
_entity_src_gen.pdbx_gene_src_organelle            ? 
_entity_src_gen.pdbx_gene_src_cell                 ? 
_entity_src_gen.pdbx_gene_src_cellular_location    ? 
_entity_src_gen.host_org_common_name               ? 
_entity_src_gen.pdbx_host_org_scientific_name      'Escherichia coli' 
_entity_src_gen.pdbx_host_org_ncbi_taxonomy_id     562 
_entity_src_gen.host_org_genus                     ? 
_entity_src_gen.pdbx_host_org_gene                 ? 
_entity_src_gen.pdbx_host_org_organ                ? 
_entity_src_gen.host_org_species                   ? 
_entity_src_gen.pdbx_host_org_tissue               ? 
_entity_src_gen.pdbx_host_org_tissue_fraction      ? 
_entity_src_gen.pdbx_host_org_strain               ? 
_entity_src_gen.pdbx_host_org_variant              ? 
_entity_src_gen.pdbx_host_org_cell_line            ? 
_entity_src_gen.pdbx_host_org_atcc                 ? 
_entity_src_gen.pdbx_host_org_culture_collection   ? 
_entity_src_gen.pdbx_host_org_cell                 ? 
_entity_src_gen.pdbx_host_org_organelle            ? 
_entity_src_gen.pdbx_host_org_cellular_location    ? 
_entity_src_gen.pdbx_host_org_vector_type          ? 
_entity_src_gen.pdbx_host_org_vector               ? 
_entity_src_gen.host_org_details                   ? 
_entity_src_gen.expression_system_id               ? 
_entity_src_gen.plasmid_name                       ? 
_entity_src_gen.plasmid_details                    ? 
_entity_src_gen.pdbx_description                   ? 
# 
loop_
_chem_comp.id 
_chem_comp.type 
_chem_comp.mon_nstd_flag 
_chem_comp.name 
_chem_comp.pdbx_synonyms 
_chem_comp.formula 
_chem_comp.formula_weight 
ALA 'L-peptide linking' y ALANINE         ? 'C3 H7 N O2'     89.093  
ARG 'L-peptide linking' y ARGININE        ? 'C6 H15 N4 O2 1' 175.209 
ASN 'L-peptide linking' y ASPARAGINE      ? 'C4 H8 N2 O3'    132.118 
ASP 'L-peptide linking' y 'ASPARTIC ACID' ? 'C4 H7 N O4'     133.103 
CYS 'L-peptide linking' y CYSTEINE        ? 'C3 H7 N O2 S'   121.158 
GLN 'L-peptide linking' y GLUTAMINE       ? 'C5 H10 N2 O3'   146.144 
GLU 'L-peptide linking' y 'GLUTAMIC ACID' ? 'C5 H9 N O4'     147.129 
GLY 'peptide linking'   y GLYCINE         ? 'C2 H5 N O2'     75.067  
HIS 'L-peptide linking' y HISTIDINE       ? 'C6 H10 N3 O2 1' 156.162 
HOH non-polymer         . WATER           ? 'H2 O'           18.015  
ILE 'L-peptide linking' y ISOLEUCINE      ? 'C6 H13 N O2'    131.173 
LEU 'L-peptide linking' y LEUCINE         ? 'C6 H13 N O2'    131.173 
LYS 'L-peptide linking' y LYSINE          ? 'C6 H15 N2 O2 1' 147.195 
MET 'L-peptide linking' y METHIONINE      ? 'C5 H11 N O2 S'  149.211 
PHE 'L-peptide linking' y PHENYLALANINE   ? 'C9 H11 N O2'    165.189 
PRO 'L-peptide linking' y PROLINE         ? 'C5 H9 N O2'     115.130 
SER 'L-peptide linking' y SERINE          ? 'C3 H7 N O3'     105.093 
THR 'L-peptide linking' y THREONINE       ? 'C4 H9 N O3'     119.119 
TRP 'L-peptide linking' y TRYPTOPHAN      ? 'C11 H12 N2 O2'  204.225 
TYR 'L-peptide linking' y TYROSINE        ? 'C9 H11 N O3'    181.189 
VAL 'L-peptide linking' y VALINE          ? 'C5 H11 N O2'    117.146 
# 
loop_
_pdbx_poly_seq_scheme.asym_id 
_pdbx_poly_seq_scheme.entity_id 
_pdbx_poly_seq_scheme.seq_id 
_pdbx_poly_seq_scheme.mon_id 
_pdbx_poly_seq_scheme.ndb_seq_num 
_pdbx_poly_seq_scheme.pdb_seq_num 
_pdbx_poly_seq_scheme.auth_seq_num 
_pdbx_poly_seq_scheme.pdb_mon_id 
_pdbx_poly_seq_scheme.auth_mon_id 
_pdbx_poly_seq_scheme.pdb_strand_id 
_pdbx_poly_seq_scheme.pdb_ins_code 
_pdbx_poly_seq_scheme.hetero 
A 1 1   MET 1   79  ?   ?   ?   A . n 
A 1 2   THR 2   80  ?   ?   ?   A . n 
A 1 3   MET 3   81  ?   ?   ?   A . n 
A 1 4   ALA 4   82  ?   ?   ?   A . n 
A 1 5   SER 5   83  ?   ?   ?   A . n 
A 1 6   VAL 6   84  ?   ?   ?   A . n 
A 1 7   PRO 7   85  ?   ?   ?   A . n 
A 1 8   ALA 8   86  86  ALA ALA A . n 
A 1 9   SER 9   87  87  SER SER A . n 
A 1 10  ARG 10  88  88  ARG ARG A . n 
A 1 11  TYR 11  89  89  TYR TYR A . n 
A 1 12  LEU 12  90  90  LEU LEU A . n 
A 1 13  THR 13  91  91  THR THR A . n 
A 1 14  ASP 14  92  92  ASP ASP A . n 
A 1 15  MET 15  93  93  MET MET A . n 
A 1 16  THR 16  94  94  THR THR A . n 
A 1 17  LEU 17  95  95  LEU LEU A . n 
A 1 18  GLU 18  96  96  GLU GLU A . n 
A 1 19  GLU 19  97  97  GLU GLU A . n 
A 1 20  MET 20  98  98  MET MET A . n 
A 1 21  SER 21  99  99  SER SER A . n 
A 1 22  ARG 22  100 100 ARG ARG A . n 
A 1 23  ASP 23  101 101 ASP ASP A . n 
A 1 24  TRP 24  102 102 TRP TRP A . n 
A 1 25  SER 25  103 103 SER SER A . n 
A 1 26  MET 26  104 104 MET MET A . n 
A 1 27  LEU 27  105 105 LEU LEU A . n 
A 1 28  ILE 28  106 106 ILE ILE A . n 
A 1 29  PRO 29  107 107 PRO PRO A . n 
A 1 30  LYS 30  108 108 LYS LYS A . n 
A 1 31  GLN 31  109 109 GLN GLN A . n 
A 1 32  LYS 32  110 110 LYS LYS A . n 
A 1 33  VAL 33  111 111 VAL VAL A . n 
A 1 34  ALA 34  112 112 ALA ALA A . n 
A 1 35  GLY 35  113 113 GLY GLY A . n 
A 1 36  PRO 36  114 114 PRO PRO A . n 
A 1 37  LEU 37  115 115 LEU LEU A . n 
A 1 38  CYS 38  116 116 CYS CYS A . n 
A 1 39  ILE 39  117 117 ILE ILE A . n 
A 1 40  ARG 40  118 118 ARG ARG A . n 
A 1 41  MET 41  119 119 MET MET A . n 
A 1 42  ASP 42  120 120 ASP ASP A . n 
A 1 43  GLN 43  121 121 GLN GLN A . n 
A 1 44  ALA 44  122 122 ALA ALA A . n 
A 1 45  ILE 45  123 123 ILE ILE A . n 
A 1 46  MET 46  124 124 MET MET A . n 
A 1 47  ASP 47  125 125 ASP ASP A . n 
A 1 48  LYS 48  126 126 LYS LYS A . n 
A 1 49  ASN 49  127 127 ASN ASN A . n 
A 1 50  ILE 50  128 128 ILE ILE A . n 
A 1 51  ILE 51  129 129 ILE ILE A . n 
A 1 52  LEU 52  130 130 LEU LEU A . n 
A 1 53  LYS 53  131 131 LYS LYS A . n 
A 1 54  ALA 54  132 132 ALA ALA A . n 
A 1 55  ASN 55  133 133 ASN ASN A . n 
A 1 56  PHE 56  134 134 PHE PHE A . n 
A 1 57  SER 57  135 135 SER SER A . n 
A 1 58  VAL 58  136 136 VAL VAL A . n 
A 1 59  ILE 59  137 137 ILE ILE A . n 
A 1 60  PHE 60  138 138 PHE PHE A . n 
A 1 61  ASP 61  139 139 ASP ASP A . n 
A 1 62  ARG 62  140 140 ARG ARG A . n 
A 1 63  LEU 63  141 141 LEU LEU A . n 
A 1 64  GLU 64  142 142 GLU GLU A . n 
A 1 65  THR 65  143 143 THR THR A . n 
A 1 66  LEU 66  144 144 LEU LEU A . n 
A 1 67  ILE 67  145 145 ILE ILE A . n 
A 1 68  LEU 68  146 146 LEU LEU A . n 
A 1 69  LEU 69  147 147 LEU LEU A . n 
A 1 70  ARG 70  148 148 ARG ARG A . n 
A 1 71  ALA 71  149 149 ALA ALA A . n 
A 1 72  PHE 72  150 150 PHE PHE A . n 
A 1 73  THR 73  151 151 THR THR A . n 
A 1 74  GLU 74  152 152 GLU GLU A . n 
A 1 75  GLU 75  153 153 GLU GLU A . n 
A 1 76  GLY 76  154 154 GLY GLY A . n 
A 1 77  ALA 77  155 155 ALA ALA A . n 
A 1 78  ILE 78  156 156 ILE ILE A . n 
A 1 79  VAL 79  157 157 VAL VAL A . n 
A 1 80  GLY 80  158 158 GLY GLY A . n 
A 1 81  GLU 81  159 159 GLU GLU A . n 
A 1 82  ILE 82  160 160 ILE ILE A . n 
A 1 83  SER 83  161 161 SER SER A . n 
A 1 84  PRO 84  162 162 PRO PRO A . n 
A 1 85  LEU 85  163 163 LEU LEU A . n 
A 1 86  PRO 86  164 164 PRO PRO A . n 
A 1 87  SER 87  165 165 SER SER A . n 
A 1 88  LEU 88  166 166 LEU LEU A . n 
A 1 89  PRO 89  167 167 PRO PRO A . n 
A 1 90  GLY 90  168 168 GLY GLY A . n 
A 1 91  HIS 91  169 169 HIS HIS A . n 
A 1 92  THR 92  170 170 THR THR A . n 
A 1 93  ALA 93  171 171 ALA ALA A . n 
A 1 94  GLU 94  172 172 GLU GLU A . n 
A 1 95  ASP 95  173 173 ASP ASP A . n 
A 1 96  VAL 96  174 174 VAL VAL A . n 
A 1 97  LYS 97  175 175 LYS LYS A . n 
A 1 98  ASN 98  176 176 ASN ASN A . n 
A 1 99  ALA 99  177 177 ALA ALA A . n 
A 1 100 VAL 100 178 178 VAL VAL A . n 
A 1 101 GLY 101 179 179 GLY GLY A . n 
A 1 102 VAL 102 180 180 VAL VAL A . n 
A 1 103 LEU 103 181 181 LEU LEU A . n 
A 1 104 ILE 104 182 182 ILE ILE A . n 
A 1 105 GLY 105 183 183 GLY GLY A . n 
A 1 106 GLY 106 184 184 GLY GLY A . n 
A 1 107 LEU 107 185 185 LEU LEU A . n 
A 1 108 GLU 108 186 186 GLU GLU A . n 
A 1 109 ALA 109 187 187 ALA ALA A . n 
A 1 110 ASN 110 188 188 ASN ASN A . n 
A 1 111 ASP 111 189 189 ASP ASP A . n 
A 1 112 ASN 112 190 190 ASN ASN A . n 
A 1 113 THR 113 191 191 THR THR A . n 
A 1 114 VAL 114 192 192 VAL VAL A . n 
A 1 115 ARG 115 193 193 ARG ARG A . n 
A 1 116 VAL 116 194 194 VAL VAL A . n 
A 1 117 SER 117 195 195 SER SER A . n 
A 1 118 GLU 118 196 196 GLU GLU A . n 
A 1 119 THR 119 197 197 THR THR A . n 
A 1 120 LEU 120 198 198 LEU LEU A . n 
A 1 121 GLN 121 199 199 GLN GLN A . n 
A 1 122 ARG 122 200 200 ARG ARG A . n 
A 1 123 PHE 123 201 201 PHE PHE A . n 
A 1 124 ALA 124 202 202 ALA ALA A . n 
A 1 125 TRP 125 203 203 TRP TRP A . n 
A 1 126 ARG 126 204 ?   ?   ?   A . n 
A 1 127 SER 127 205 ?   ?   ?   A . n 
A 1 128 SER 128 206 ?   ?   ?   A . n 
A 1 129 ASN 129 207 ?   ?   ?   A . n 
A 1 130 GLU 130 208 ?   ?   ?   A . n 
A 1 131 ASN 131 209 ?   ?   ?   A . n 
A 1 132 GLY 132 210 ?   ?   ?   A . n 
A 1 133 ARG 133 211 ?   ?   ?   A . n 
A 1 134 PRO 134 212 ?   ?   ?   A . n 
A 1 135 PRO 135 213 ?   ?   ?   A . n 
A 1 136 LEU 136 214 ?   ?   ?   A . n 
A 1 137 THR 137 215 ?   ?   ?   A . n 
A 1 138 PRO 138 216 ?   ?   ?   A . n 
A 1 139 LYS 139 217 ?   ?   ?   A . n 
A 1 140 GLN 140 218 ?   ?   ?   A . n 
A 1 141 LYS 141 219 ?   ?   ?   A . n 
A 1 142 ARG 142 220 ?   ?   ?   A . n 
A 1 143 GLU 143 221 ?   ?   ?   A . n 
A 1 144 MET 144 222 ?   ?   ?   A . n 
A 1 145 ALA 145 223 ?   ?   ?   A . n 
A 1 146 GLY 146 224 ?   ?   ?   A . n 
A 1 147 THR 147 225 ?   ?   ?   A . n 
A 1 148 ILE 148 226 ?   ?   ?   A . n 
A 1 149 ARG 149 227 ?   ?   ?   A . n 
A 1 150 SER 150 228 ?   ?   ?   A . n 
A 1 151 GLU 151 229 ?   ?   ?   A . n 
A 1 152 VAL 152 230 ?   ?   ?   A . n 
# 
loop_
_pdbx_nonpoly_scheme.asym_id 
_pdbx_nonpoly_scheme.entity_id 
_pdbx_nonpoly_scheme.mon_id 
_pdbx_nonpoly_scheme.ndb_seq_num 
_pdbx_nonpoly_scheme.pdb_seq_num 
_pdbx_nonpoly_scheme.auth_seq_num 
_pdbx_nonpoly_scheme.pdb_mon_id 
_pdbx_nonpoly_scheme.auth_mon_id 
_pdbx_nonpoly_scheme.pdb_strand_id 
_pdbx_nonpoly_scheme.pdb_ins_code 
B 2 HOH 1  1   1  HOH HOH A . 
B 2 HOH 2  2   2  HOH HOH A . 
B 2 HOH 3  3   3  HOH HOH A . 
B 2 HOH 4  4   4  HOH HOH A . 
B 2 HOH 5  5   5  HOH HOH A . 
B 2 HOH 6  6   6  HOH HOH A . 
B 2 HOH 7  7   7  HOH HOH A . 
B 2 HOH 8  8   8  HOH HOH A . 
B 2 HOH 9  9   9  HOH HOH A . 
B 2 HOH 10 10  10 HOH HOH A . 
B 2 HOH 11 11  11 HOH HOH A . 
B 2 HOH 12 12  12 HOH HOH A . 
B 2 HOH 13 13  13 HOH HOH A . 
B 2 HOH 14 14  14 HOH HOH A . 
B 2 HOH 15 15  15 HOH HOH A . 
B 2 HOH 16 16  16 HOH HOH A . 
B 2 HOH 17 17  17 HOH HOH A . 
B 2 HOH 18 18  18 HOH HOH A . 
B 2 HOH 19 19  19 HOH HOH A . 
B 2 HOH 20 20  20 HOH HOH A . 
B 2 HOH 21 21  21 HOH HOH A . 
B 2 HOH 22 22  22 HOH HOH A . 
B 2 HOH 23 23  23 HOH HOH A . 
B 2 HOH 24 24  24 HOH HOH A . 
B 2 HOH 25 25  25 HOH HOH A . 
B 2 HOH 26 26  26 HOH HOH A . 
B 2 HOH 27 27  27 HOH HOH A . 
B 2 HOH 28 28  28 HOH HOH A . 
B 2 HOH 29 29  29 HOH HOH A . 
B 2 HOH 30 30  30 HOH HOH A . 
B 2 HOH 31 31  31 HOH HOH A . 
B 2 HOH 32 32  32 HOH HOH A . 
B 2 HOH 33 33  33 HOH HOH A . 
B 2 HOH 34 34  34 HOH HOH A . 
B 2 HOH 35 35  35 HOH HOH A . 
B 2 HOH 36 36  36 HOH HOH A . 
B 2 HOH 37 37  37 HOH HOH A . 
B 2 HOH 38 38  38 HOH HOH A . 
B 2 HOH 39 39  39 HOH HOH A . 
B 2 HOH 40 40  40 HOH HOH A . 
B 2 HOH 41 41  41 HOH HOH A . 
B 2 HOH 42 42  42 HOH HOH A . 
B 2 HOH 43 43  43 HOH HOH A . 
B 2 HOH 44 44  44 HOH HOH A . 
B 2 HOH 45 45  45 HOH HOH A . 
B 2 HOH 46 46  46 HOH HOH A . 
B 2 HOH 47 47  47 HOH HOH A . 
B 2 HOH 48 48  48 HOH HOH A . 
B 2 HOH 49 49  49 HOH HOH A . 
B 2 HOH 50 50  50 HOH HOH A . 
B 2 HOH 51 51  51 HOH HOH A . 
B 2 HOH 52 52  52 HOH HOH A . 
B 2 HOH 53 53  53 HOH HOH A . 
B 2 HOH 54 54  54 HOH HOH A . 
B 2 HOH 55 55  55 HOH HOH A . 
B 2 HOH 56 56  56 HOH HOH A . 
B 2 HOH 57 57  57 HOH HOH A . 
B 2 HOH 58 58  58 HOH HOH A . 
B 2 HOH 59 59  59 HOH HOH A . 
B 2 HOH 60 60  60 HOH HOH A . 
B 2 HOH 61 61  61 HOH HOH A . 
B 2 HOH 62 62  62 HOH HOH A . 
B 2 HOH 63 63  63 HOH HOH A . 
B 2 HOH 64 64  64 HOH HOH A . 
B 2 HOH 65 65  65 HOH HOH A . 
B 2 HOH 66 66  66 HOH HOH A . 
B 2 HOH 67 67  67 HOH HOH A . 
B 2 HOH 68 68  68 HOH HOH A . 
B 2 HOH 69 69  69 HOH HOH A . 
B 2 HOH 70 70  70 HOH HOH A . 
B 2 HOH 71 71  71 HOH HOH A . 
B 2 HOH 72 72  72 HOH HOH A . 
B 2 HOH 73 73  73 HOH HOH A . 
B 2 HOH 74 74  74 HOH HOH A . 
B 2 HOH 75 75  75 HOH HOH A . 
B 2 HOH 76 76  76 HOH HOH A . 
B 2 HOH 77 77  77 HOH HOH A . 
B 2 HOH 78 78  78 HOH HOH A . 
B 2 HOH 79 231 79 HOH HOH A . 
B 2 HOH 80 232 80 HOH HOH A . 
B 2 HOH 81 233 81 HOH HOH A . 
# 
loop_
_software.name 
_software.classification 
_software.version 
_software.citation_id 
_software.pdbx_ordinal 
StructureStudio 'data collection' .                          ? 1 
PHENIX          refinement        '(phenix.refine: 1.7_650)' ? 2 
HKL-2000        'data reduction'  .                          ? 3 
HKL-2000        'data scaling'    .                          ? 4 
# 
_cell.entry_id           3RVC 
_cell.length_a           31.992 
_cell.length_b           102.773 
_cell.length_c           67.397 
_cell.angle_alpha        90.00 
_cell.angle_beta         90.00 
_cell.angle_gamma        90.00 
_cell.Z_PDB              8 
_cell.pdbx_unique_axis   ? 
_cell.length_a_esd       ? 
_cell.length_b_esd       ? 
_cell.length_c_esd       ? 
_cell.angle_alpha_esd    ? 
_cell.angle_beta_esd     ? 
_cell.angle_gamma_esd    ? 
# 
_symmetry.entry_id                         3RVC 
_symmetry.space_group_name_H-M             'C 2 2 21' 
_symmetry.pdbx_full_space_group_name_H-M   ? 
_symmetry.cell_setting                     ? 
_symmetry.Int_Tables_number                20 
_symmetry.space_group_name_Hall            ? 
# 
_exptl.entry_id          3RVC 
_exptl.method            'X-RAY DIFFRACTION' 
_exptl.crystals_number   1 
# 
_exptl_crystal.id                    1 
_exptl_crystal.density_meas          ? 
_exptl_crystal.density_Matthews      1.64 
_exptl_crystal.density_percent_sol   25.1 
_exptl_crystal.description           ? 
_exptl_crystal.F_000                 ? 
_exptl_crystal.preparation           ? 
# 
_exptl_crystal_grow.crystal_id      1 
_exptl_crystal_grow.method          'VAPOR DIFFUSION, HANGING DROP' 
_exptl_crystal_grow.temp            293 
_exptl_crystal_grow.temp_details    ? 
_exptl_crystal_grow.pH              6.0 
_exptl_crystal_grow.pdbx_details    
;0.1M Bis Tris, 0.2M NaCl, 22% PEG 3350, 20mM Xylitol, 40mM thieno[2.3-b]pyridin-2-ylmethanol, pH 6.0, VAPOR DIFFUSION, HANGING DROP, temperature 293K
;
_exptl_crystal_grow.pdbx_pH_range   ? 
# 
_diffrn.id                     1 
_diffrn.ambient_temp           100 
_diffrn.ambient_temp_details   ? 
_diffrn.crystal_id             1 
# 
_diffrn_detector.diffrn_id              1 
_diffrn_detector.detector               CCD 
_diffrn_detector.type                   'RIGAKU SATURN 944+' 
_diffrn_detector.pdbx_collection_date   2011-04-05 
_diffrn_detector.details                ? 
# 
_diffrn_radiation.diffrn_id                        1 
_diffrn_radiation.wavelength_id                    1 
_diffrn_radiation.pdbx_monochromatic_or_laue_m_l   M 
_diffrn_radiation.monochromator                    ? 
_diffrn_radiation.pdbx_diffrn_protocol             'SINGLE WAVELENGTH' 
_diffrn_radiation.pdbx_scattering_type             x-ray 
# 
_diffrn_radiation_wavelength.id           1 
_diffrn_radiation_wavelength.wavelength   1.54 
_diffrn_radiation_wavelength.wt           1.0 
# 
_diffrn_source.diffrn_id                   1 
_diffrn_source.source                      'ROTATING ANODE' 
_diffrn_source.type                        'RIGAKU MICROMAX-007 HF' 
_diffrn_source.pdbx_synchrotron_site       ? 
_diffrn_source.pdbx_synchrotron_beamline   ? 
_diffrn_source.pdbx_wavelength             ? 
_diffrn_source.pdbx_wavelength_list        1.54 
# 
_reflns.entry_id                     3RVC 
_reflns.observed_criterion_sigma_I   0 
_reflns.observed_criterion_sigma_F   ? 
_reflns.d_resolution_low             18.098 
_reflns.d_resolution_high            1.8 
_reflns.number_obs                   9857 
_reflns.number_all                   9857 
_reflns.percent_possible_obs         100 
_reflns.pdbx_Rmerge_I_obs            ? 
_reflns.pdbx_Rsym_value              ? 
_reflns.pdbx_netI_over_sigmaI        ? 
_reflns.B_iso_Wilson_estimate        ? 
_reflns.pdbx_redundancy              ? 
_reflns.R_free_details               ? 
_reflns.limit_h_max                  ? 
_reflns.limit_h_min                  ? 
_reflns.limit_k_max                  ? 
_reflns.limit_k_min                  ? 
_reflns.limit_l_max                  ? 
_reflns.limit_l_min                  ? 
_reflns.observed_criterion_F_max     ? 
_reflns.observed_criterion_F_min     ? 
_reflns.pdbx_chi_squared             ? 
_reflns.pdbx_scaling_rejects         ? 
_reflns.pdbx_ordinal                 1 
_reflns.pdbx_diffrn_id               1 
# 
_reflns_shell.d_res_high             1.80 
_reflns_shell.d_res_low              1.83 
_reflns_shell.percent_possible_all   ? 
_reflns_shell.Rmerge_I_obs           ? 
_reflns_shell.pdbx_Rsym_value        ? 
_reflns_shell.meanI_over_sigI_obs    ? 
_reflns_shell.pdbx_redundancy        ? 
_reflns_shell.percent_possible_obs   ? 
_reflns_shell.number_unique_all      ? 
_reflns_shell.number_measured_all    ? 
_reflns_shell.number_measured_obs    ? 
_reflns_shell.number_unique_obs      ? 
_reflns_shell.pdbx_chi_squared       ? 
_reflns_shell.pdbx_ordinal           1 
_reflns_shell.pdbx_diffrn_id         1 
# 
_refine.entry_id                                 3RVC 
_refine.ls_number_reflns_obs                     9517 
_refine.ls_number_reflns_all                     10673 
_refine.pdbx_ls_sigma_I                          ? 
_refine.pdbx_ls_sigma_F                          0.00 
_refine.pdbx_data_cutoff_high_absF               ? 
_refine.pdbx_data_cutoff_low_absF                ? 
_refine.pdbx_data_cutoff_high_rms_absF           ? 
_refine.ls_d_res_low                             18 
_refine.ls_d_res_high                            1.800 
_refine.ls_percent_reflns_obs                    89.17 
_refine.ls_R_factor_obs                          0.1999 
_refine.ls_R_factor_all                          ? 
_refine.ls_R_factor_R_work                       0.1950 
_refine.ls_R_factor_R_free                       0.2452 
_refine.ls_R_factor_R_free_error                 ? 
_refine.ls_R_factor_R_free_error_details         ? 
_refine.ls_percent_reflns_R_free                 9.98 
_refine.ls_number_reflns_R_free                  950 
_refine.ls_number_parameters                     ? 
_refine.ls_number_restraints                     ? 
_refine.occupancy_min                            ? 
_refine.occupancy_max                            ? 
_refine.correlation_coeff_Fo_to_Fc               ? 
_refine.correlation_coeff_Fo_to_Fc_free          ? 
_refine.B_iso_mean                               ? 
_refine.aniso_B[1][1]                            1.9469 
_refine.aniso_B[2][2]                            -2.6244 
_refine.aniso_B[3][3]                            0.6775 
_refine.aniso_B[1][2]                            -0.0000 
_refine.aniso_B[1][3]                            -0.0000 
_refine.aniso_B[2][3]                            0.0000 
_refine.solvent_model_details                    'FLAT BULK SOLVENT MODEL' 
_refine.solvent_model_param_ksol                 0.409 
_refine.solvent_model_param_bsol                 43.506 
_refine.pdbx_solvent_vdw_probe_radii             1.20 
_refine.pdbx_solvent_ion_probe_radii             ? 
_refine.pdbx_solvent_shrinkage_radii             0.95 
_refine.pdbx_ls_cross_valid_method               ? 
_refine.details                                  ? 
_refine.pdbx_starting_model                      ? 
_refine.pdbx_method_to_determine_struct          'MOLECULAR REPLACEMENT' 
_refine.pdbx_isotropic_thermal_model             ? 
_refine.pdbx_stereochemistry_target_values       ML 
_refine.pdbx_stereochem_target_val_spec_case     ? 
_refine.pdbx_R_Free_selection_details            ? 
_refine.pdbx_overall_ESU_R_Free                  ? 
_refine.overall_SU_ML                            0.19 
_refine.pdbx_overall_phase_error                 23.95 
_refine.overall_SU_B                             ? 
_refine.overall_SU_R_Cruickshank_DPI             ? 
_refine.ls_redundancy_reflns_obs                 ? 
_refine.B_iso_min                                ? 
_refine.B_iso_max                                ? 
_refine.overall_SU_R_free                        ? 
_refine.ls_wR_factor_R_free                      ? 
_refine.ls_wR_factor_R_work                      ? 
_refine.overall_FOM_free_R_set                   ? 
_refine.overall_FOM_work_R_set                   ? 
_refine.pdbx_diffrn_id                           1 
_refine.pdbx_refine_id                           'X-RAY DIFFRACTION' 
_refine.pdbx_overall_ESU_R                       ? 
_refine.pdbx_TLS_residual_ADP_flag               ? 
_refine.pdbx_overall_SU_R_free_Cruickshank_DPI   ? 
_refine.pdbx_overall_SU_R_Blow_DPI               ? 
_refine.pdbx_overall_SU_R_free_Blow_DPI          ? 
# 
_refine_hist.pdbx_refine_id                   'X-RAY DIFFRACTION' 
_refine_hist.cycle_id                         LAST 
_refine_hist.pdbx_number_atoms_protein        918 
_refine_hist.pdbx_number_atoms_nucleic_acid   0 
_refine_hist.pdbx_number_atoms_ligand         0 
_refine_hist.number_atoms_solvent             81 
_refine_hist.number_atoms_total               999 
_refine_hist.d_res_high                       1.800 
_refine_hist.d_res_low                        18 
# 
loop_
_refine_ls_restr.type 
_refine_ls_restr.dev_ideal 
_refine_ls_restr.dev_ideal_target 
_refine_ls_restr.weight 
_refine_ls_restr.number 
_refine_ls_restr.pdbx_restraint_function 
_refine_ls_restr.pdbx_refine_id 
f_bond_d           0.007  ? ? 932  ? 'X-RAY DIFFRACTION' 
f_angle_d          1.030  ? ? 1262 ? 'X-RAY DIFFRACTION' 
f_dihedral_angle_d 13.657 ? ? 350  ? 'X-RAY DIFFRACTION' 
f_chiral_restr     0.070  ? ? 150  ? 'X-RAY DIFFRACTION' 
f_plane_restr      0.004  ? ? 161  ? 'X-RAY DIFFRACTION' 
# 
loop_
_refine_ls_shell.pdbx_total_number_of_bins_used 
_refine_ls_shell.d_res_high 
_refine_ls_shell.d_res_low 
_refine_ls_shell.number_reflns_R_work 
_refine_ls_shell.R_factor_R_work 
_refine_ls_shell.percent_reflns_obs 
_refine_ls_shell.R_factor_R_free 
_refine_ls_shell.R_factor_R_free_error 
_refine_ls_shell.percent_reflns_R_free 
_refine_ls_shell.number_reflns_R_free 
_refine_ls_shell.number_reflns_all 
_refine_ls_shell.R_factor_all 
_refine_ls_shell.number_reflns_obs 
_refine_ls_shell.redundancy_reflns_obs 
_refine_ls_shell.pdbx_refine_id 
. 1.8    1.8946  703  0.2340 53.00  0.3122 . . 81  . . . . 'X-RAY DIFFRACTION' 
. 1.8946 2.0132  1069 0.2034 78.00  0.2666 . . 119 . . . . 'X-RAY DIFFRACTION' 
. 2.0132 2.1684  1313 0.1936 98.00  0.2700 . . 143 . . . . 'X-RAY DIFFRACTION' 
. 2.1684 2.3862  1328 0.1977 98.00  0.2343 . . 145 . . . . 'X-RAY DIFFRACTION' 
. 2.3862 2.7304  1344 0.2022 98.00  0.2755 . . 147 . . . . 'X-RAY DIFFRACTION' 
. 2.7304 3.4362  1358 0.1875 98.00  0.2137 . . 153 . . . . 'X-RAY DIFFRACTION' 
. 3.4362 18.0989 1452 0.1926 100.00 0.2440 . . 162 . . . . 'X-RAY DIFFRACTION' 
# 
_struct.entry_id                  3RVC 
_struct.title                     'Effector domain of NS1 from influenza A/PR/8/34 containing a W187A mutation' 
_struct.pdbx_model_details        ? 
_struct.pdbx_CASP_flag            ? 
_struct.pdbx_model_type_details   ? 
# 
_struct_keywords.entry_id        3RVC 
_struct_keywords.pdbx_keywords   'PROTEIN BINDING' 
_struct_keywords.text            'Interferon Antagonist, Protein Binding' 
# 
loop_
_struct_asym.id 
_struct_asym.pdbx_blank_PDB_chainid_flag 
_struct_asym.pdbx_modified 
_struct_asym.entity_id 
_struct_asym.details 
A N N 1 ? 
B N N 2 ? 
# 
_struct_ref.id                         1 
_struct_ref.db_name                    UNP 
_struct_ref.db_code                    NS1_I34A1 
_struct_ref.pdbx_db_accession          P03496 
_struct_ref.entity_id                  1 
_struct_ref.pdbx_seq_one_letter_code   
;MTMASVPASRYLTDMTLEEMSRDWSMLIPKQKVAGPLCIRMDQAIMDKNIILKANFSVIFDRLETLILLRAFTEEGAIVG
EISPLPSLPGHTAEDVKNAVGVLIGGLEWNDNTVRVSETLQRFAWRSSNENGRPPLTPKQKREMAGTIRSEV
;
_struct_ref.pdbx_align_begin           79 
_struct_ref.pdbx_db_isoform            ? 
# 
_struct_ref_seq.align_id                      1 
_struct_ref_seq.ref_id                        1 
_struct_ref_seq.pdbx_PDB_id_code              3RVC 
_struct_ref_seq.pdbx_strand_id                A 
_struct_ref_seq.seq_align_beg                 1 
_struct_ref_seq.pdbx_seq_align_beg_ins_code   ? 
_struct_ref_seq.seq_align_end                 152 
_struct_ref_seq.pdbx_seq_align_end_ins_code   ? 
_struct_ref_seq.pdbx_db_accession             P03496 
_struct_ref_seq.db_align_beg                  79 
_struct_ref_seq.pdbx_db_align_beg_ins_code    ? 
_struct_ref_seq.db_align_end                  230 
_struct_ref_seq.pdbx_db_align_end_ins_code    ? 
_struct_ref_seq.pdbx_auth_seq_align_beg       79 
_struct_ref_seq.pdbx_auth_seq_align_end       230 
# 
_struct_ref_seq_dif.align_id                     1 
_struct_ref_seq_dif.pdbx_pdb_id_code             3RVC 
_struct_ref_seq_dif.mon_id                       ALA 
_struct_ref_seq_dif.pdbx_pdb_strand_id           A 
_struct_ref_seq_dif.seq_num                      109 
_struct_ref_seq_dif.pdbx_pdb_ins_code            ? 
_struct_ref_seq_dif.pdbx_seq_db_name             UNP 
_struct_ref_seq_dif.pdbx_seq_db_accession_code   P03496 
_struct_ref_seq_dif.db_mon_id                    TRP 
_struct_ref_seq_dif.pdbx_seq_db_seq_num          187 
_struct_ref_seq_dif.details                      'engineered mutation' 
_struct_ref_seq_dif.pdbx_auth_seq_num            187 
_struct_ref_seq_dif.pdbx_ordinal                 1 
# 
_pdbx_struct_assembly.id                   1 
_pdbx_struct_assembly.details              author_and_software_defined_assembly 
_pdbx_struct_assembly.method_details       PISA 
_pdbx_struct_assembly.oligomeric_details   monomeric 
_pdbx_struct_assembly.oligomeric_count     1 
# 
_pdbx_struct_assembly_gen.assembly_id       1 
_pdbx_struct_assembly_gen.oper_expression   1 
_pdbx_struct_assembly_gen.asym_id_list      A,B 
# 
_pdbx_struct_oper_list.id                   1 
_pdbx_struct_oper_list.type                 'identity operation' 
_pdbx_struct_oper_list.name                 1_555 
_pdbx_struct_oper_list.symmetry_operation   x,y,z 
_pdbx_struct_oper_list.matrix[1][1]         1.0000000000 
_pdbx_struct_oper_list.matrix[1][2]         0.0000000000 
_pdbx_struct_oper_list.matrix[1][3]         0.0000000000 
_pdbx_struct_oper_list.vector[1]            0.0000000000 
_pdbx_struct_oper_list.matrix[2][1]         0.0000000000 
_pdbx_struct_oper_list.matrix[2][2]         1.0000000000 
_pdbx_struct_oper_list.matrix[2][3]         0.0000000000 
_pdbx_struct_oper_list.vector[2]            0.0000000000 
_pdbx_struct_oper_list.matrix[3][1]         0.0000000000 
_pdbx_struct_oper_list.matrix[3][2]         0.0000000000 
_pdbx_struct_oper_list.matrix[3][3]         1.0000000000 
_pdbx_struct_oper_list.vector[3]            0.0000000000 
# 
_struct_biol.id        1 
_struct_biol.details   ? 
# 
loop_
_struct_conf.conf_type_id 
_struct_conf.id 
_struct_conf.pdbx_PDB_helix_id 
_struct_conf.beg_label_comp_id 
_struct_conf.beg_label_asym_id 
_struct_conf.beg_label_seq_id 
_struct_conf.pdbx_beg_PDB_ins_code 
_struct_conf.end_label_comp_id 
_struct_conf.end_label_asym_id 
_struct_conf.end_label_seq_id 
_struct_conf.pdbx_end_PDB_ins_code 
_struct_conf.beg_auth_comp_id 
_struct_conf.beg_auth_asym_id 
_struct_conf.beg_auth_seq_id 
_struct_conf.end_auth_comp_id 
_struct_conf.end_auth_asym_id 
_struct_conf.end_auth_seq_id 
_struct_conf.pdbx_PDB_helix_class 
_struct_conf.details 
_struct_conf.pdbx_PDB_helix_length 
HELX_P HELX_P1 1 THR A 16  ? ARG A 22  ? THR A 94  ARG A 100 1 ? 7  
HELX_P HELX_P2 2 THR A 92  ? ASN A 110 ? THR A 170 ASN A 188 1 ? 19 
HELX_P HELX_P3 3 SER A 117 ? ALA A 124 ? SER A 195 ALA A 202 1 ? 8  
# 
_struct_conf_type.id          HELX_P 
_struct_conf_type.criteria    ? 
_struct_conf_type.reference   ? 
# 
loop_
_struct_sheet.id 
_struct_sheet.type 
_struct_sheet.number_strands 
_struct_sheet.details 
A ? 6 ? 
B ? 3 ? 
# 
loop_
_struct_sheet_order.sheet_id 
_struct_sheet_order.range_id_1 
_struct_sheet_order.range_id_2 
_struct_sheet_order.offset 
_struct_sheet_order.sense 
A 1 2 ? anti-parallel 
A 2 3 ? anti-parallel 
A 3 4 ? anti-parallel 
A 4 5 ? anti-parallel 
A 5 6 ? anti-parallel 
B 1 2 ? anti-parallel 
B 2 3 ? parallel      
# 
loop_
_struct_sheet_range.sheet_id 
_struct_sheet_range.id 
_struct_sheet_range.beg_label_comp_id 
_struct_sheet_range.beg_label_asym_id 
_struct_sheet_range.beg_label_seq_id 
_struct_sheet_range.pdbx_beg_PDB_ins_code 
_struct_sheet_range.end_label_comp_id 
_struct_sheet_range.end_label_asym_id 
_struct_sheet_range.end_label_seq_id 
_struct_sheet_range.pdbx_end_PDB_ins_code 
_struct_sheet_range.beg_auth_comp_id 
_struct_sheet_range.beg_auth_asym_id 
_struct_sheet_range.beg_auth_seq_id 
_struct_sheet_range.end_auth_comp_id 
_struct_sheet_range.end_auth_asym_id 
_struct_sheet_range.end_auth_seq_id 
A 1 ARG A 10  ? THR A 13  ? ARG A 88  THR A 91  
A 2 ASN A 49  ? ILE A 59  ? ASN A 127 ILE A 137 
A 3 ARG A 62  ? THR A 73  ? ARG A 140 THR A 151 
A 4 ILE A 78  ? PRO A 84  ? ILE A 156 PRO A 162 
A 5 LEU A 37  ? ASP A 42  ? LEU A 115 ASP A 120 
A 6 PRO A 29  ? ALA A 34  ? PRO A 107 ALA A 112 
B 1 ARG A 10  ? THR A 13  ? ARG A 88  THR A 91  
B 2 ASN A 49  ? ILE A 59  ? ASN A 127 ILE A 137 
B 3 THR A 113 ? VAL A 116 ? THR A 191 VAL A 194 
# 
loop_
_pdbx_struct_sheet_hbond.sheet_id 
_pdbx_struct_sheet_hbond.range_id_1 
_pdbx_struct_sheet_hbond.range_id_2 
_pdbx_struct_sheet_hbond.range_1_label_atom_id 
_pdbx_struct_sheet_hbond.range_1_label_comp_id 
_pdbx_struct_sheet_hbond.range_1_label_asym_id 
_pdbx_struct_sheet_hbond.range_1_label_seq_id 
_pdbx_struct_sheet_hbond.range_1_PDB_ins_code 
_pdbx_struct_sheet_hbond.range_1_auth_atom_id 
_pdbx_struct_sheet_hbond.range_1_auth_comp_id 
_pdbx_struct_sheet_hbond.range_1_auth_asym_id 
_pdbx_struct_sheet_hbond.range_1_auth_seq_id 
_pdbx_struct_sheet_hbond.range_2_label_atom_id 
_pdbx_struct_sheet_hbond.range_2_label_comp_id 
_pdbx_struct_sheet_hbond.range_2_label_asym_id 
_pdbx_struct_sheet_hbond.range_2_label_seq_id 
_pdbx_struct_sheet_hbond.range_2_PDB_ins_code 
_pdbx_struct_sheet_hbond.range_2_auth_atom_id 
_pdbx_struct_sheet_hbond.range_2_auth_comp_id 
_pdbx_struct_sheet_hbond.range_2_auth_asym_id 
_pdbx_struct_sheet_hbond.range_2_auth_seq_id 
A 1 2 N ARG A 10 ? N ARG A 88  O VAL A 58  ? O VAL A 136 
A 2 3 N SER A 57 ? N SER A 135 O GLU A 64  ? O GLU A 142 
A 3 4 N ALA A 71 ? N ALA A 149 O VAL A 79  ? O VAL A 157 
A 4 5 O GLU A 81 ? O GLU A 159 N ARG A 40  ? N ARG A 118 
A 5 6 O ILE A 39 ? O ILE A 117 N LYS A 32  ? N LYS A 110 
B 1 2 N ARG A 10 ? N ARG A 88  O VAL A 58  ? O VAL A 136 
B 2 3 N ILE A 50 ? N ILE A 128 O THR A 113 ? O THR A 191 
# 
_pdbx_validate_symm_contact.id                1 
_pdbx_validate_symm_contact.PDB_model_num     1 
_pdbx_validate_symm_contact.auth_atom_id_1    O 
_pdbx_validate_symm_contact.auth_asym_id_1    A 
_pdbx_validate_symm_contact.auth_comp_id_1    HOH 
_pdbx_validate_symm_contact.auth_seq_id_1     46 
_pdbx_validate_symm_contact.PDB_ins_code_1    ? 
_pdbx_validate_symm_contact.label_alt_id_1    ? 
_pdbx_validate_symm_contact.site_symmetry_1   1_555 
_pdbx_validate_symm_contact.auth_atom_id_2    O 
_pdbx_validate_symm_contact.auth_asym_id_2    A 
_pdbx_validate_symm_contact.auth_comp_id_2    HOH 
_pdbx_validate_symm_contact.auth_seq_id_2     48 
_pdbx_validate_symm_contact.PDB_ins_code_2    ? 
_pdbx_validate_symm_contact.label_alt_id_2    ? 
_pdbx_validate_symm_contact.site_symmetry_2   3_454 
_pdbx_validate_symm_contact.dist              1.97 
# 
loop_
_pdbx_validate_torsion.id 
_pdbx_validate_torsion.PDB_model_num 
_pdbx_validate_torsion.auth_comp_id 
_pdbx_validate_torsion.auth_asym_id 
_pdbx_validate_torsion.auth_seq_id 
_pdbx_validate_torsion.PDB_ins_code 
_pdbx_validate_torsion.label_alt_id 
_pdbx_validate_torsion.phi 
_pdbx_validate_torsion.psi 
1 1 GLU A 142 ? ? -106.24 -80.58 
2 1 LEU A 166 ? ? 38.86   56.20  
# 
_pdbx_struct_special_symmetry.id              1 
_pdbx_struct_special_symmetry.PDB_model_num   1 
_pdbx_struct_special_symmetry.auth_asym_id    A 
_pdbx_struct_special_symmetry.auth_comp_id    HOH 
_pdbx_struct_special_symmetry.auth_seq_id     74 
_pdbx_struct_special_symmetry.PDB_ins_code    ? 
_pdbx_struct_special_symmetry.label_asym_id   B 
_pdbx_struct_special_symmetry.label_comp_id   HOH 
_pdbx_struct_special_symmetry.label_seq_id    . 
# 
loop_
_pdbx_unobs_or_zero_occ_residues.id 
_pdbx_unobs_or_zero_occ_residues.PDB_model_num 
_pdbx_unobs_or_zero_occ_residues.polymer_flag 
_pdbx_unobs_or_zero_occ_residues.occupancy_flag 
_pdbx_unobs_or_zero_occ_residues.auth_asym_id 
_pdbx_unobs_or_zero_occ_residues.auth_comp_id 
_pdbx_unobs_or_zero_occ_residues.auth_seq_id 
_pdbx_unobs_or_zero_occ_residues.PDB_ins_code 
_pdbx_unobs_or_zero_occ_residues.label_asym_id 
_pdbx_unobs_or_zero_occ_residues.label_comp_id 
_pdbx_unobs_or_zero_occ_residues.label_seq_id 
1  1 Y 1 A MET 79  ? A MET 1   
2  1 Y 1 A THR 80  ? A THR 2   
3  1 Y 1 A MET 81  ? A MET 3   
4  1 Y 1 A ALA 82  ? A ALA 4   
5  1 Y 1 A SER 83  ? A SER 5   
6  1 Y 1 A VAL 84  ? A VAL 6   
7  1 Y 1 A PRO 85  ? A PRO 7   
8  1 Y 1 A ARG 204 ? A ARG 126 
9  1 Y 1 A SER 205 ? A SER 127 
10 1 Y 1 A SER 206 ? A SER 128 
11 1 Y 1 A ASN 207 ? A ASN 129 
12 1 Y 1 A GLU 208 ? A GLU 130 
13 1 Y 1 A ASN 209 ? A ASN 131 
14 1 Y 1 A GLY 210 ? A GLY 132 
15 1 Y 1 A ARG 211 ? A ARG 133 
16 1 Y 1 A PRO 212 ? A PRO 134 
17 1 Y 1 A PRO 213 ? A PRO 135 
18 1 Y 1 A LEU 214 ? A LEU 136 
19 1 Y 1 A THR 215 ? A THR 137 
20 1 Y 1 A PRO 216 ? A PRO 138 
21 1 Y 1 A LYS 217 ? A LYS 139 
22 1 Y 1 A GLN 218 ? A GLN 140 
23 1 Y 1 A LYS 219 ? A LYS 141 
24 1 Y 1 A ARG 220 ? A ARG 142 
25 1 Y 1 A GLU 221 ? A GLU 143 
26 1 Y 1 A MET 222 ? A MET 144 
27 1 Y 1 A ALA 223 ? A ALA 145 
28 1 Y 1 A GLY 224 ? A GLY 146 
29 1 Y 1 A THR 225 ? A THR 147 
30 1 Y 1 A ILE 226 ? A ILE 148 
31 1 Y 1 A ARG 227 ? A ARG 149 
32 1 Y 1 A SER 228 ? A SER 150 
33 1 Y 1 A GLU 229 ? A GLU 151 
34 1 Y 1 A VAL 230 ? A VAL 152 
# 
loop_
_chem_comp_atom.comp_id 
_chem_comp_atom.atom_id 
_chem_comp_atom.type_symbol 
_chem_comp_atom.pdbx_aromatic_flag 
_chem_comp_atom.pdbx_stereo_config 
_chem_comp_atom.pdbx_ordinal 
ALA N    N N N 1   
ALA CA   C N S 2   
ALA C    C N N 3   
ALA O    O N N 4   
ALA CB   C N N 5   
ALA OXT  O N N 6   
ALA H    H N N 7   
ALA H2   H N N 8   
ALA HA   H N N 9   
ALA HB1  H N N 10  
ALA HB2  H N N 11  
ALA HB3  H N N 12  
ALA HXT  H N N 13  
ARG N    N N N 14  
ARG CA   C N S 15  
ARG C    C N N 16  
ARG O    O N N 17  
ARG CB   C N N 18  
ARG CG   C N N 19  
ARG CD   C N N 20  
ARG NE   N N N 21  
ARG CZ   C N N 22  
ARG NH1  N N N 23  
ARG NH2  N N N 24  
ARG OXT  O N N 25  
ARG H    H N N 26  
ARG H2   H N N 27  
ARG HA   H N N 28  
ARG HB2  H N N 29  
ARG HB3  H N N 30  
ARG HG2  H N N 31  
ARG HG3  H N N 32  
ARG HD2  H N N 33  
ARG HD3  H N N 34  
ARG HE   H N N 35  
ARG HH11 H N N 36  
ARG HH12 H N N 37  
ARG HH21 H N N 38  
ARG HH22 H N N 39  
ARG HXT  H N N 40  
ASN N    N N N 41  
ASN CA   C N S 42  
ASN C    C N N 43  
ASN O    O N N 44  
ASN CB   C N N 45  
ASN CG   C N N 46  
ASN OD1  O N N 47  
ASN ND2  N N N 48  
ASN OXT  O N N 49  
ASN H    H N N 50  
ASN H2   H N N 51  
ASN HA   H N N 52  
ASN HB2  H N N 53  
ASN HB3  H N N 54  
ASN HD21 H N N 55  
ASN HD22 H N N 56  
ASN HXT  H N N 57  
ASP N    N N N 58  
ASP CA   C N S 59  
ASP C    C N N 60  
ASP O    O N N 61  
ASP CB   C N N 62  
ASP CG   C N N 63  
ASP OD1  O N N 64  
ASP OD2  O N N 65  
ASP OXT  O N N 66  
ASP H    H N N 67  
ASP H2   H N N 68  
ASP HA   H N N 69  
ASP HB2  H N N 70  
ASP HB3  H N N 71  
ASP HD2  H N N 72  
ASP HXT  H N N 73  
CYS N    N N N 74  
CYS CA   C N R 75  
CYS C    C N N 76  
CYS O    O N N 77  
CYS CB   C N N 78  
CYS SG   S N N 79  
CYS OXT  O N N 80  
CYS H    H N N 81  
CYS H2   H N N 82  
CYS HA   H N N 83  
CYS HB2  H N N 84  
CYS HB3  H N N 85  
CYS HG   H N N 86  
CYS HXT  H N N 87  
GLN N    N N N 88  
GLN CA   C N S 89  
GLN C    C N N 90  
GLN O    O N N 91  
GLN CB   C N N 92  
GLN CG   C N N 93  
GLN CD   C N N 94  
GLN OE1  O N N 95  
GLN NE2  N N N 96  
GLN OXT  O N N 97  
GLN H    H N N 98  
GLN H2   H N N 99  
GLN HA   H N N 100 
GLN HB2  H N N 101 
GLN HB3  H N N 102 
GLN HG2  H N N 103 
GLN HG3  H N N 104 
GLN HE21 H N N 105 
GLN HE22 H N N 106 
GLN HXT  H N N 107 
GLU N    N N N 108 
GLU CA   C N S 109 
GLU C    C N N 110 
GLU O    O N N 111 
GLU CB   C N N 112 
GLU CG   C N N 113 
GLU CD   C N N 114 
GLU OE1  O N N 115 
GLU OE2  O N N 116 
GLU OXT  O N N 117 
GLU H    H N N 118 
GLU H2   H N N 119 
GLU HA   H N N 120 
GLU HB2  H N N 121 
GLU HB3  H N N 122 
GLU HG2  H N N 123 
GLU HG3  H N N 124 
GLU HE2  H N N 125 
GLU HXT  H N N 126 
GLY N    N N N 127 
GLY CA   C N N 128 
GLY C    C N N 129 
GLY O    O N N 130 
GLY OXT  O N N 131 
GLY H    H N N 132 
GLY H2   H N N 133 
GLY HA2  H N N 134 
GLY HA3  H N N 135 
GLY HXT  H N N 136 
HIS N    N N N 137 
HIS CA   C N S 138 
HIS C    C N N 139 
HIS O    O N N 140 
HIS CB   C N N 141 
HIS CG   C Y N 142 
HIS ND1  N Y N 143 
HIS CD2  C Y N 144 
HIS CE1  C Y N 145 
HIS NE2  N Y N 146 
HIS OXT  O N N 147 
HIS H    H N N 148 
HIS H2   H N N 149 
HIS HA   H N N 150 
HIS HB2  H N N 151 
HIS HB3  H N N 152 
HIS HD1  H N N 153 
HIS HD2  H N N 154 
HIS HE1  H N N 155 
HIS HE2  H N N 156 
HIS HXT  H N N 157 
HOH O    O N N 158 
HOH H1   H N N 159 
HOH H2   H N N 160 
ILE N    N N N 161 
ILE CA   C N S 162 
ILE C    C N N 163 
ILE O    O N N 164 
ILE CB   C N S 165 
ILE CG1  C N N 166 
ILE CG2  C N N 167 
ILE CD1  C N N 168 
ILE OXT  O N N 169 
ILE H    H N N 170 
ILE H2   H N N 171 
ILE HA   H N N 172 
ILE HB   H N N 173 
ILE HG12 H N N 174 
ILE HG13 H N N 175 
ILE HG21 H N N 176 
ILE HG22 H N N 177 
ILE HG23 H N N 178 
ILE HD11 H N N 179 
ILE HD12 H N N 180 
ILE HD13 H N N 181 
ILE HXT  H N N 182 
LEU N    N N N 183 
LEU CA   C N S 184 
LEU C    C N N 185 
LEU O    O N N 186 
LEU CB   C N N 187 
LEU CG   C N N 188 
LEU CD1  C N N 189 
LEU CD2  C N N 190 
LEU OXT  O N N 191 
LEU H    H N N 192 
LEU H2   H N N 193 
LEU HA   H N N 194 
LEU HB2  H N N 195 
LEU HB3  H N N 196 
LEU HG   H N N 197 
LEU HD11 H N N 198 
LEU HD12 H N N 199 
LEU HD13 H N N 200 
LEU HD21 H N N 201 
LEU HD22 H N N 202 
LEU HD23 H N N 203 
LEU HXT  H N N 204 
LYS N    N N N 205 
LYS CA   C N S 206 
LYS C    C N N 207 
LYS O    O N N 208 
LYS CB   C N N 209 
LYS CG   C N N 210 
LYS CD   C N N 211 
LYS CE   C N N 212 
LYS NZ   N N N 213 
LYS OXT  O N N 214 
LYS H    H N N 215 
LYS H2   H N N 216 
LYS HA   H N N 217 
LYS HB2  H N N 218 
LYS HB3  H N N 219 
LYS HG2  H N N 220 
LYS HG3  H N N 221 
LYS HD2  H N N 222 
LYS HD3  H N N 223 
LYS HE2  H N N 224 
LYS HE3  H N N 225 
LYS HZ1  H N N 226 
LYS HZ2  H N N 227 
LYS HZ3  H N N 228 
LYS HXT  H N N 229 
MET N    N N N 230 
MET CA   C N S 231 
MET C    C N N 232 
MET O    O N N 233 
MET CB   C N N 234 
MET CG   C N N 235 
MET SD   S N N 236 
MET CE   C N N 237 
MET OXT  O N N 238 
MET H    H N N 239 
MET H2   H N N 240 
MET HA   H N N 241 
MET HB2  H N N 242 
MET HB3  H N N 243 
MET HG2  H N N 244 
MET HG3  H N N 245 
MET HE1  H N N 246 
MET HE2  H N N 247 
MET HE3  H N N 248 
MET HXT  H N N 249 
PHE N    N N N 250 
PHE CA   C N S 251 
PHE C    C N N 252 
PHE O    O N N 253 
PHE CB   C N N 254 
PHE CG   C Y N 255 
PHE CD1  C Y N 256 
PHE CD2  C Y N 257 
PHE CE1  C Y N 258 
PHE CE2  C Y N 259 
PHE CZ   C Y N 260 
PHE OXT  O N N 261 
PHE H    H N N 262 
PHE H2   H N N 263 
PHE HA   H N N 264 
PHE HB2  H N N 265 
PHE HB3  H N N 266 
PHE HD1  H N N 267 
PHE HD2  H N N 268 
PHE HE1  H N N 269 
PHE HE2  H N N 270 
PHE HZ   H N N 271 
PHE HXT  H N N 272 
PRO N    N N N 273 
PRO CA   C N S 274 
PRO C    C N N 275 
PRO O    O N N 276 
PRO CB   C N N 277 
PRO CG   C N N 278 
PRO CD   C N N 279 
PRO OXT  O N N 280 
PRO H    H N N 281 
PRO HA   H N N 282 
PRO HB2  H N N 283 
PRO HB3  H N N 284 
PRO HG2  H N N 285 
PRO HG3  H N N 286 
PRO HD2  H N N 287 
PRO HD3  H N N 288 
PRO HXT  H N N 289 
SER N    N N N 290 
SER CA   C N S 291 
SER C    C N N 292 
SER O    O N N 293 
SER CB   C N N 294 
SER OG   O N N 295 
SER OXT  O N N 296 
SER H    H N N 297 
SER H2   H N N 298 
SER HA   H N N 299 
SER HB2  H N N 300 
SER HB3  H N N 301 
SER HG   H N N 302 
SER HXT  H N N 303 
THR N    N N N 304 
THR CA   C N S 305 
THR C    C N N 306 
THR O    O N N 307 
THR CB   C N R 308 
THR OG1  O N N 309 
THR CG2  C N N 310 
THR OXT  O N N 311 
THR H    H N N 312 
THR H2   H N N 313 
THR HA   H N N 314 
THR HB   H N N 315 
THR HG1  H N N 316 
THR HG21 H N N 317 
THR HG22 H N N 318 
THR HG23 H N N 319 
THR HXT  H N N 320 
TRP N    N N N 321 
TRP CA   C N S 322 
TRP C    C N N 323 
TRP O    O N N 324 
TRP CB   C N N 325 
TRP CG   C Y N 326 
TRP CD1  C Y N 327 
TRP CD2  C Y N 328 
TRP NE1  N Y N 329 
TRP CE2  C Y N 330 
TRP CE3  C Y N 331 
TRP CZ2  C Y N 332 
TRP CZ3  C Y N 333 
TRP CH2  C Y N 334 
TRP OXT  O N N 335 
TRP H    H N N 336 
TRP H2   H N N 337 
TRP HA   H N N 338 
TRP HB2  H N N 339 
TRP HB3  H N N 340 
TRP HD1  H N N 341 
TRP HE1  H N N 342 
TRP HE3  H N N 343 
TRP HZ2  H N N 344 
TRP HZ3  H N N 345 
TRP HH2  H N N 346 
TRP HXT  H N N 347 
TYR N    N N N 348 
TYR CA   C N S 349 
TYR C    C N N 350 
TYR O    O N N 351 
TYR CB   C N N 352 
TYR CG   C Y N 353 
TYR CD1  C Y N 354 
TYR CD2  C Y N 355 
TYR CE1  C Y N 356 
TYR CE2  C Y N 357 
TYR CZ   C Y N 358 
TYR OH   O N N 359 
TYR OXT  O N N 360 
TYR H    H N N 361 
TYR H2   H N N 362 
TYR HA   H N N 363 
TYR HB2  H N N 364 
TYR HB3  H N N 365 
TYR HD1  H N N 366 
TYR HD2  H N N 367 
TYR HE1  H N N 368 
TYR HE2  H N N 369 
TYR HH   H N N 370 
TYR HXT  H N N 371 
VAL N    N N N 372 
VAL CA   C N S 373 
VAL C    C N N 374 
VAL O    O N N 375 
VAL CB   C N N 376 
VAL CG1  C N N 377 
VAL CG2  C N N 378 
VAL OXT  O N N 379 
VAL H    H N N 380 
VAL H2   H N N 381 
VAL HA   H N N 382 
VAL HB   H N N 383 
VAL HG11 H N N 384 
VAL HG12 H N N 385 
VAL HG13 H N N 386 
VAL HG21 H N N 387 
VAL HG22 H N N 388 
VAL HG23 H N N 389 
VAL HXT  H N N 390 
# 
loop_
_chem_comp_bond.comp_id 
_chem_comp_bond.atom_id_1 
_chem_comp_bond.atom_id_2 
_chem_comp_bond.value_order 
_chem_comp_bond.pdbx_aromatic_flag 
_chem_comp_bond.pdbx_stereo_config 
_chem_comp_bond.pdbx_ordinal 
ALA N   CA   sing N N 1   
ALA N   H    sing N N 2   
ALA N   H2   sing N N 3   
ALA CA  C    sing N N 4   
ALA CA  CB   sing N N 5   
ALA CA  HA   sing N N 6   
ALA C   O    doub N N 7   
ALA C   OXT  sing N N 8   
ALA CB  HB1  sing N N 9   
ALA CB  HB2  sing N N 10  
ALA CB  HB3  sing N N 11  
ALA OXT HXT  sing N N 12  
ARG N   CA   sing N N 13  
ARG N   H    sing N N 14  
ARG N   H2   sing N N 15  
ARG CA  C    sing N N 16  
ARG CA  CB   sing N N 17  
ARG CA  HA   sing N N 18  
ARG C   O    doub N N 19  
ARG C   OXT  sing N N 20  
ARG CB  CG   sing N N 21  
ARG CB  HB2  sing N N 22  
ARG CB  HB3  sing N N 23  
ARG CG  CD   sing N N 24  
ARG CG  HG2  sing N N 25  
ARG CG  HG3  sing N N 26  
ARG CD  NE   sing N N 27  
ARG CD  HD2  sing N N 28  
ARG CD  HD3  sing N N 29  
ARG NE  CZ   sing N N 30  
ARG NE  HE   sing N N 31  
ARG CZ  NH1  sing N N 32  
ARG CZ  NH2  doub N N 33  
ARG NH1 HH11 sing N N 34  
ARG NH1 HH12 sing N N 35  
ARG NH2 HH21 sing N N 36  
ARG NH2 HH22 sing N N 37  
ARG OXT HXT  sing N N 38  
ASN N   CA   sing N N 39  
ASN N   H    sing N N 40  
ASN N   H2   sing N N 41  
ASN CA  C    sing N N 42  
ASN CA  CB   sing N N 43  
ASN CA  HA   sing N N 44  
ASN C   O    doub N N 45  
ASN C   OXT  sing N N 46  
ASN CB  CG   sing N N 47  
ASN CB  HB2  sing N N 48  
ASN CB  HB3  sing N N 49  
ASN CG  OD1  doub N N 50  
ASN CG  ND2  sing N N 51  
ASN ND2 HD21 sing N N 52  
ASN ND2 HD22 sing N N 53  
ASN OXT HXT  sing N N 54  
ASP N   CA   sing N N 55  
ASP N   H    sing N N 56  
ASP N   H2   sing N N 57  
ASP CA  C    sing N N 58  
ASP CA  CB   sing N N 59  
ASP CA  HA   sing N N 60  
ASP C   O    doub N N 61  
ASP C   OXT  sing N N 62  
ASP CB  CG   sing N N 63  
ASP CB  HB2  sing N N 64  
ASP CB  HB3  sing N N 65  
ASP CG  OD1  doub N N 66  
ASP CG  OD2  sing N N 67  
ASP OD2 HD2  sing N N 68  
ASP OXT HXT  sing N N 69  
CYS N   CA   sing N N 70  
CYS N   H    sing N N 71  
CYS N   H2   sing N N 72  
CYS CA  C    sing N N 73  
CYS CA  CB   sing N N 74  
CYS CA  HA   sing N N 75  
CYS C   O    doub N N 76  
CYS C   OXT  sing N N 77  
CYS CB  SG   sing N N 78  
CYS CB  HB2  sing N N 79  
CYS CB  HB3  sing N N 80  
CYS SG  HG   sing N N 81  
CYS OXT HXT  sing N N 82  
GLN N   CA   sing N N 83  
GLN N   H    sing N N 84  
GLN N   H2   sing N N 85  
GLN CA  C    sing N N 86  
GLN CA  CB   sing N N 87  
GLN CA  HA   sing N N 88  
GLN C   O    doub N N 89  
GLN C   OXT  sing N N 90  
GLN CB  CG   sing N N 91  
GLN CB  HB2  sing N N 92  
GLN CB  HB3  sing N N 93  
GLN CG  CD   sing N N 94  
GLN CG  HG2  sing N N 95  
GLN CG  HG3  sing N N 96  
GLN CD  OE1  doub N N 97  
GLN CD  NE2  sing N N 98  
GLN NE2 HE21 sing N N 99  
GLN NE2 HE22 sing N N 100 
GLN OXT HXT  sing N N 101 
GLU N   CA   sing N N 102 
GLU N   H    sing N N 103 
GLU N   H2   sing N N 104 
GLU CA  C    sing N N 105 
GLU CA  CB   sing N N 106 
GLU CA  HA   sing N N 107 
GLU C   O    doub N N 108 
GLU C   OXT  sing N N 109 
GLU CB  CG   sing N N 110 
GLU CB  HB2  sing N N 111 
GLU CB  HB3  sing N N 112 
GLU CG  CD   sing N N 113 
GLU CG  HG2  sing N N 114 
GLU CG  HG3  sing N N 115 
GLU CD  OE1  doub N N 116 
GLU CD  OE2  sing N N 117 
GLU OE2 HE2  sing N N 118 
GLU OXT HXT  sing N N 119 
GLY N   CA   sing N N 120 
GLY N   H    sing N N 121 
GLY N   H2   sing N N 122 
GLY CA  C    sing N N 123 
GLY CA  HA2  sing N N 124 
GLY CA  HA3  sing N N 125 
GLY C   O    doub N N 126 
GLY C   OXT  sing N N 127 
GLY OXT HXT  sing N N 128 
HIS N   CA   sing N N 129 
HIS N   H    sing N N 130 
HIS N   H2   sing N N 131 
HIS CA  C    sing N N 132 
HIS CA  CB   sing N N 133 
HIS CA  HA   sing N N 134 
HIS C   O    doub N N 135 
HIS C   OXT  sing N N 136 
HIS CB  CG   sing N N 137 
HIS CB  HB2  sing N N 138 
HIS CB  HB3  sing N N 139 
HIS CG  ND1  sing Y N 140 
HIS CG  CD2  doub Y N 141 
HIS ND1 CE1  doub Y N 142 
HIS ND1 HD1  sing N N 143 
HIS CD2 NE2  sing Y N 144 
HIS CD2 HD2  sing N N 145 
HIS CE1 NE2  sing Y N 146 
HIS CE1 HE1  sing N N 147 
HIS NE2 HE2  sing N N 148 
HIS OXT HXT  sing N N 149 
HOH O   H1   sing N N 150 
HOH O   H2   sing N N 151 
ILE N   CA   sing N N 152 
ILE N   H    sing N N 153 
ILE N   H2   sing N N 154 
ILE CA  C    sing N N 155 
ILE CA  CB   sing N N 156 
ILE CA  HA   sing N N 157 
ILE C   O    doub N N 158 
ILE C   OXT  sing N N 159 
ILE CB  CG1  sing N N 160 
ILE CB  CG2  sing N N 161 
ILE CB  HB   sing N N 162 
ILE CG1 CD1  sing N N 163 
ILE CG1 HG12 sing N N 164 
ILE CG1 HG13 sing N N 165 
ILE CG2 HG21 sing N N 166 
ILE CG2 HG22 sing N N 167 
ILE CG2 HG23 sing N N 168 
ILE CD1 HD11 sing N N 169 
ILE CD1 HD12 sing N N 170 
ILE CD1 HD13 sing N N 171 
ILE OXT HXT  sing N N 172 
LEU N   CA   sing N N 173 
LEU N   H    sing N N 174 
LEU N   H2   sing N N 175 
LEU CA  C    sing N N 176 
LEU CA  CB   sing N N 177 
LEU CA  HA   sing N N 178 
LEU C   O    doub N N 179 
LEU C   OXT  sing N N 180 
LEU CB  CG   sing N N 181 
LEU CB  HB2  sing N N 182 
LEU CB  HB3  sing N N 183 
LEU CG  CD1  sing N N 184 
LEU CG  CD2  sing N N 185 
LEU CG  HG   sing N N 186 
LEU CD1 HD11 sing N N 187 
LEU CD1 HD12 sing N N 188 
LEU CD1 HD13 sing N N 189 
LEU CD2 HD21 sing N N 190 
LEU CD2 HD22 sing N N 191 
LEU CD2 HD23 sing N N 192 
LEU OXT HXT  sing N N 193 
LYS N   CA   sing N N 194 
LYS N   H    sing N N 195 
LYS N   H2   sing N N 196 
LYS CA  C    sing N N 197 
LYS CA  CB   sing N N 198 
LYS CA  HA   sing N N 199 
LYS C   O    doub N N 200 
LYS C   OXT  sing N N 201 
LYS CB  CG   sing N N 202 
LYS CB  HB2  sing N N 203 
LYS CB  HB3  sing N N 204 
LYS CG  CD   sing N N 205 
LYS CG  HG2  sing N N 206 
LYS CG  HG3  sing N N 207 
LYS CD  CE   sing N N 208 
LYS CD  HD2  sing N N 209 
LYS CD  HD3  sing N N 210 
LYS CE  NZ   sing N N 211 
LYS CE  HE2  sing N N 212 
LYS CE  HE3  sing N N 213 
LYS NZ  HZ1  sing N N 214 
LYS NZ  HZ2  sing N N 215 
LYS NZ  HZ3  sing N N 216 
LYS OXT HXT  sing N N 217 
MET N   CA   sing N N 218 
MET N   H    sing N N 219 
MET N   H2   sing N N 220 
MET CA  C    sing N N 221 
MET CA  CB   sing N N 222 
MET CA  HA   sing N N 223 
MET C   O    doub N N 224 
MET C   OXT  sing N N 225 
MET CB  CG   sing N N 226 
MET CB  HB2  sing N N 227 
MET CB  HB3  sing N N 228 
MET CG  SD   sing N N 229 
MET CG  HG2  sing N N 230 
MET CG  HG3  sing N N 231 
MET SD  CE   sing N N 232 
MET CE  HE1  sing N N 233 
MET CE  HE2  sing N N 234 
MET CE  HE3  sing N N 235 
MET OXT HXT  sing N N 236 
PHE N   CA   sing N N 237 
PHE N   H    sing N N 238 
PHE N   H2   sing N N 239 
PHE CA  C    sing N N 240 
PHE CA  CB   sing N N 241 
PHE CA  HA   sing N N 242 
PHE C   O    doub N N 243 
PHE C   OXT  sing N N 244 
PHE CB  CG   sing N N 245 
PHE CB  HB2  sing N N 246 
PHE CB  HB3  sing N N 247 
PHE CG  CD1  doub Y N 248 
PHE CG  CD2  sing Y N 249 
PHE CD1 CE1  sing Y N 250 
PHE CD1 HD1  sing N N 251 
PHE CD2 CE2  doub Y N 252 
PHE CD2 HD2  sing N N 253 
PHE CE1 CZ   doub Y N 254 
PHE CE1 HE1  sing N N 255 
PHE CE2 CZ   sing Y N 256 
PHE CE2 HE2  sing N N 257 
PHE CZ  HZ   sing N N 258 
PHE OXT HXT  sing N N 259 
PRO N   CA   sing N N 260 
PRO N   CD   sing N N 261 
PRO N   H    sing N N 262 
PRO CA  C    sing N N 263 
PRO CA  CB   sing N N 264 
PRO CA  HA   sing N N 265 
PRO C   O    doub N N 266 
PRO C   OXT  sing N N 267 
PRO CB  CG   sing N N 268 
PRO CB  HB2  sing N N 269 
PRO CB  HB3  sing N N 270 
PRO CG  CD   sing N N 271 
PRO CG  HG2  sing N N 272 
PRO CG  HG3  sing N N 273 
PRO CD  HD2  sing N N 274 
PRO CD  HD3  sing N N 275 
PRO OXT HXT  sing N N 276 
SER N   CA   sing N N 277 
SER N   H    sing N N 278 
SER N   H2   sing N N 279 
SER CA  C    sing N N 280 
SER CA  CB   sing N N 281 
SER CA  HA   sing N N 282 
SER C   O    doub N N 283 
SER C   OXT  sing N N 284 
SER CB  OG   sing N N 285 
SER CB  HB2  sing N N 286 
SER CB  HB3  sing N N 287 
SER OG  HG   sing N N 288 
SER OXT HXT  sing N N 289 
THR N   CA   sing N N 290 
THR N   H    sing N N 291 
THR N   H2   sing N N 292 
THR CA  C    sing N N 293 
THR CA  CB   sing N N 294 
THR CA  HA   sing N N 295 
THR C   O    doub N N 296 
THR C   OXT  sing N N 297 
THR CB  OG1  sing N N 298 
THR CB  CG2  sing N N 299 
THR CB  HB   sing N N 300 
THR OG1 HG1  sing N N 301 
THR CG2 HG21 sing N N 302 
THR CG2 HG22 sing N N 303 
THR CG2 HG23 sing N N 304 
THR OXT HXT  sing N N 305 
TRP N   CA   sing N N 306 
TRP N   H    sing N N 307 
TRP N   H2   sing N N 308 
TRP CA  C    sing N N 309 
TRP CA  CB   sing N N 310 
TRP CA  HA   sing N N 311 
TRP C   O    doub N N 312 
TRP C   OXT  sing N N 313 
TRP CB  CG   sing N N 314 
TRP CB  HB2  sing N N 315 
TRP CB  HB3  sing N N 316 
TRP CG  CD1  doub Y N 317 
TRP CG  CD2  sing Y N 318 
TRP CD1 NE1  sing Y N 319 
TRP CD1 HD1  sing N N 320 
TRP CD2 CE2  doub Y N 321 
TRP CD2 CE3  sing Y N 322 
TRP NE1 CE2  sing Y N 323 
TRP NE1 HE1  sing N N 324 
TRP CE2 CZ2  sing Y N 325 
TRP CE3 CZ3  doub Y N 326 
TRP CE3 HE3  sing N N 327 
TRP CZ2 CH2  doub Y N 328 
TRP CZ2 HZ2  sing N N 329 
TRP CZ3 CH2  sing Y N 330 
TRP CZ3 HZ3  sing N N 331 
TRP CH2 HH2  sing N N 332 
TRP OXT HXT  sing N N 333 
TYR N   CA   sing N N 334 
TYR N   H    sing N N 335 
TYR N   H2   sing N N 336 
TYR CA  C    sing N N 337 
TYR CA  CB   sing N N 338 
TYR CA  HA   sing N N 339 
TYR C   O    doub N N 340 
TYR C   OXT  sing N N 341 
TYR CB  CG   sing N N 342 
TYR CB  HB2  sing N N 343 
TYR CB  HB3  sing N N 344 
TYR CG  CD1  doub Y N 345 
TYR CG  CD2  sing Y N 346 
TYR CD1 CE1  sing Y N 347 
TYR CD1 HD1  sing N N 348 
TYR CD2 CE2  doub Y N 349 
TYR CD2 HD2  sing N N 350 
TYR CE1 CZ   doub Y N 351 
TYR CE1 HE1  sing N N 352 
TYR CE2 CZ   sing Y N 353 
TYR CE2 HE2  sing N N 354 
TYR CZ  OH   sing N N 355 
TYR OH  HH   sing N N 356 
TYR OXT HXT  sing N N 357 
VAL N   CA   sing N N 358 
VAL N   H    sing N N 359 
VAL N   H2   sing N N 360 
VAL CA  C    sing N N 361 
VAL CA  CB   sing N N 362 
VAL CA  HA   sing N N 363 
VAL C   O    doub N N 364 
VAL C   OXT  sing N N 365 
VAL CB  CG1  sing N N 366 
VAL CB  CG2  sing N N 367 
VAL CB  HB   sing N N 368 
VAL CG1 HG11 sing N N 369 
VAL CG1 HG12 sing N N 370 
VAL CG1 HG13 sing N N 371 
VAL CG2 HG21 sing N N 372 
VAL CG2 HG22 sing N N 373 
VAL CG2 HG23 sing N N 374 
VAL OXT HXT  sing N N 375 
# 
_atom_sites.entry_id                    3RVC 
_atom_sites.fract_transf_matrix[1][1]   -0.01876397 
_atom_sites.fract_transf_matrix[1][2]   0.02482160 
_atom_sites.fract_transf_matrix[1][3]   -0.00297726 
_atom_sites.fract_transf_matrix[2][1]   0.00747927 
_atom_sites.fract_transf_matrix[2][2]   0.00589378 
_atom_sites.fract_transf_matrix[2][3]   0.00199920 
_atom_sites.fract_transf_matrix[3][1]   0.00327681 
_atom_sites.fract_transf_matrix[3][2]   0.00074371 
_atom_sites.fract_transf_matrix[3][3]   -0.01445150 
_atom_sites.fract_transf_vector[1]      -0.309212 
_atom_sites.fract_transf_vector[2]      0.127508 
_atom_sites.fract_transf_vector[3]      -0.056809 
# 
loop_
_atom_type.symbol 
C 
N 
O 
S 
# 
loop_
_atom_site.group_PDB 
_atom_site.id 
_atom_site.type_symbol 
_atom_site.label_atom_id 
_atom_site.label_alt_id 
_atom_site.label_comp_id 
_atom_site.label_asym_id 
_atom_site.label_entity_id 
_atom_site.label_seq_id 
_atom_site.pdbx_PDB_ins_code 
_atom_site.Cartn_x 
_atom_site.Cartn_y 
_atom_site.Cartn_z 
_atom_site.occupancy 
_atom_site.B_iso_or_equiv 
_atom_site.pdbx_formal_charge 
_atom_site.auth_seq_id 
_atom_site.auth_comp_id 
_atom_site.auth_asym_id 
_atom_site.auth_atom_id 
_atom_site.pdbx_PDB_model_num 
ATOM   1   N N   . ALA A 1 8   ? -13.432 -4.668  20.415  1.00 35.78 ? 86  ALA A N   1 
ATOM   2   C CA  . ALA A 1 8   ? -12.195 -3.923  20.196  1.00 33.78 ? 86  ALA A CA  1 
ATOM   3   C C   . ALA A 1 8   ? -11.754 -3.935  18.729  1.00 29.04 ? 86  ALA A C   1 
ATOM   4   O O   . ALA A 1 8   ? -12.000 -4.893  17.996  1.00 30.86 ? 86  ALA A O   1 
ATOM   5   C CB  . ALA A 1 8   ? -11.081 -4.452  21.099  1.00 33.50 ? 86  ALA A CB  1 
ATOM   6   N N   . SER A 1 9   ? -11.111 -2.850  18.314  1.00 26.58 ? 87  SER A N   1 
ATOM   7   C CA  . SER A 1 9   ? -10.549 -2.730  16.977  1.00 27.55 ? 87  SER A CA  1 
ATOM   8   C C   . SER A 1 9   ? -9.177  -3.410  16.965  1.00 32.84 ? 87  SER A C   1 
ATOM   9   O O   . SER A 1 9   ? -8.287  -3.068  17.756  1.00 33.06 ? 87  SER A O   1 
ATOM   10  C CB  . SER A 1 9   ? -10.425 -1.249  16.601  1.00 31.39 ? 87  SER A CB  1 
ATOM   11  O OG  . SER A 1 9   ? -10.289 -1.063  15.204  1.00 38.99 ? 87  SER A OG  1 
ATOM   12  N N   . ARG A 1 10  ? -9.022  -4.386  16.082  1.00 22.36 ? 88  ARG A N   1 
ATOM   13  C CA  . ARG A 1 10  ? -7.772  -5.127  15.931  1.00 21.84 ? 88  ARG A CA  1 
ATOM   14  C C   . ARG A 1 10  ? -7.167  -4.840  14.566  1.00 18.69 ? 88  ARG A C   1 
ATOM   15  O O   . ARG A 1 10  ? -7.665  -3.982  13.833  1.00 21.95 ? 88  ARG A O   1 
ATOM   16  C CB  . ARG A 1 10  ? -8.032  -6.618  16.100  1.00 21.74 ? 88  ARG A CB  1 
ATOM   17  C CG  . ARG A 1 10  ? -8.424  -6.997  17.513  1.00 31.64 ? 88  ARG A CG  1 
ATOM   18  C CD  . ARG A 1 10  ? -8.674  -8.486  17.607  1.00 29.11 ? 88  ARG A CD  1 
ATOM   19  N NE  . ARG A 1 10  ? -9.759  -8.918  16.725  1.00 30.49 ? 88  ARG A NE  1 
ATOM   20  C CZ  . ARG A 1 10  ? -10.038 -10.193 16.469  1.00 32.77 ? 88  ARG A CZ  1 
ATOM   21  N NH1 . ARG A 1 10  ? -9.305  -11.160 17.020  1.00 29.65 ? 88  ARG A NH1 1 
ATOM   22  N NH2 . ARG A 1 10  ? -11.041 -10.505 15.662  1.00 34.12 ? 88  ARG A NH2 1 
ATOM   23  N N   . TYR A 1 11  ? -6.073  -5.526  14.240  1.00 18.96 ? 89  TYR A N   1 
ATOM   24  C CA  . TYR A 1 11  ? -5.319  -5.227  13.025  1.00 17.46 ? 89  TYR A CA  1 
ATOM   25  C C   . TYR A 1 11  ? -4.821  -6.510  12.408  1.00 20.03 ? 89  TYR A C   1 
ATOM   26  O O   . TYR A 1 11  ? -4.261  -7.351  13.090  1.00 19.43 ? 89  TYR A O   1 
ATOM   27  C CB  . TYR A 1 11  ? -4.137  -4.304  13.325  1.00 18.80 ? 89  TYR A CB  1 
ATOM   28  C CG  . TYR A 1 11  ? -4.583  -3.085  14.059  1.00 20.10 ? 89  TYR A CG  1 
ATOM   29  C CD1 . TYR A 1 11  ? -4.547  -3.039  15.443  1.00 19.29 ? 89  TYR A CD1 1 
ATOM   30  C CD2 . TYR A 1 11  ? -5.115  -2.004  13.369  1.00 21.81 ? 89  TYR A CD2 1 
ATOM   31  C CE1 . TYR A 1 11  ? -5.006  -1.938  16.123  1.00 21.99 ? 89  TYR A CE1 1 
ATOM   32  C CE2 . TYR A 1 11  ? -5.558  -0.898  14.039  1.00 24.48 ? 89  TYR A CE2 1 
ATOM   33  C CZ  . TYR A 1 11  ? -5.509  -0.871  15.411  1.00 22.45 ? 89  TYR A CZ  1 
ATOM   34  O OH  . TYR A 1 11  ? -5.957  0.236   16.084  1.00 28.41 ? 89  TYR A OH  1 
ATOM   35  N N   . LEU A 1 12  ? -5.038  -6.650  11.110  1.00 17.92 ? 90  LEU A N   1 
ATOM   36  C CA  . LEU A 1 12  ? -4.568  -7.809  10.381  1.00 15.44 ? 90  LEU A CA  1 
ATOM   37  C C   . LEU A 1 12  ? -3.603  -7.293  9.329   1.00 16.39 ? 90  LEU A C   1 
ATOM   38  O O   . LEU A 1 12  ? -3.968  -6.424  8.522   1.00 16.21 ? 90  LEU A O   1 
ATOM   39  C CB  . LEU A 1 12  ? -5.754  -8.510  9.714   1.00 19.05 ? 90  LEU A CB  1 
ATOM   40  C CG  . LEU A 1 12  ? -5.429  -9.638  8.740   1.00 21.66 ? 90  LEU A CG  1 
ATOM   41  C CD1 . LEU A 1 12  ? -4.841  -10.856 9.461   1.00 20.73 ? 90  LEU A CD1 1 
ATOM   42  C CD2 . LEU A 1 12  ? -6.669  -10.000 7.947   1.00 21.54 ? 90  LEU A CD2 1 
ATOM   43  N N   . THR A 1 13  ? -2.379  -7.812  9.338   1.00 16.13 ? 91  THR A N   1 
ATOM   44  C CA  . THR A 1 13  ? -1.324  -7.267  8.480   1.00 17.08 ? 91  THR A CA  1 
ATOM   45  C C   . THR A 1 13  ? -0.466  -8.317  7.751   1.00 19.44 ? 91  THR A C   1 
ATOM   46  O O   . THR A 1 13  ? -0.161  -9.389  8.293   1.00 17.74 ? 91  THR A O   1 
ATOM   47  C CB  . THR A 1 13  ? -0.396  -6.320  9.287   1.00 17.63 ? 91  THR A CB  1 
ATOM   48  O OG1 . THR A 1 13  ? 0.542   -5.695  8.399   1.00 20.06 ? 91  THR A OG1 1 
ATOM   49  C CG2 . THR A 1 13  ? 0.375   -7.097  10.363  1.00 15.51 ? 91  THR A CG2 1 
ATOM   50  N N   . ASP A 1 14  ? -0.073  -8.004  6.514   1.00 17.23 ? 92  ASP A N   1 
ATOM   51  C CA  . ASP A 1 14  ? 0.872   -8.860  5.786   1.00 19.46 ? 92  ASP A CA  1 
ATOM   52  C C   . ASP A 1 14  ? 2.313   -8.563  6.208   1.00 20.63 ? 92  ASP A C   1 
ATOM   53  O O   . ASP A 1 14  ? 3.229   -9.340  5.929   1.00 21.17 ? 92  ASP A O   1 
ATOM   54  C CB  . ASP A 1 14  ? 0.744   -8.656  4.269   1.00 16.73 ? 92  ASP A CB  1 
ATOM   55  C CG  . ASP A 1 14  ? -0.684  -8.757  3.780   1.00 20.48 ? 92  ASP A CG  1 
ATOM   56  O OD1 . ASP A 1 14  ? -1.303  -9.822  3.972   1.00 22.27 ? 92  ASP A OD1 1 
ATOM   57  O OD2 . ASP A 1 14  ? -1.199  -7.768  3.213   1.00 20.31 ? 92  ASP A OD2 1 
ATOM   58  N N   . MET A 1 15  ? 2.511   -7.426  6.865   1.00 19.85 ? 93  MET A N   1 
ATOM   59  C CA  . MET A 1 15  ? 3.853   -6.948  7.177   1.00 18.10 ? 93  MET A CA  1 
ATOM   60  C C   . MET A 1 15  ? 4.314   -7.310  8.586   1.00 20.90 ? 93  MET A C   1 
ATOM   61  O O   . MET A 1 15  ? 3.517   -7.337  9.522   1.00 18.34 ? 93  MET A O   1 
ATOM   62  C CB  . MET A 1 15  ? 3.913   -5.426  7.016   1.00 16.71 ? 93  MET A CB  1 
ATOM   63  C CG  . MET A 1 15  ? 3.854   -4.942  5.564   1.00 18.46 ? 93  MET A CG  1 
ATOM   64  S SD  . MET A 1 15  ? 3.788   -3.141  5.487   1.00 19.67 ? 93  MET A SD  1 
ATOM   65  C CE  . MET A 1 15  ? 2.056   -2.886  5.858   1.00 20.33 ? 93  MET A CE  1 
ATOM   66  N N   . THR A 1 16  ? 5.613   -7.564  8.725   1.00 23.62 ? 94  THR A N   1 
ATOM   67  C CA  . THR A 1 16  ? 6.242   -7.678  10.032  1.00 22.03 ? 94  THR A CA  1 
ATOM   68  C C   . THR A 1 16  ? 6.341   -6.323  10.711  1.00 20.34 ? 94  THR A C   1 
ATOM   69  O O   . THR A 1 16  ? 6.146   -5.282  10.091  1.00 17.21 ? 94  THR A O   1 
ATOM   70  C CB  . THR A 1 16  ? 7.663   -8.270  9.932   1.00 24.72 ? 94  THR A CB  1 
ATOM   71  O OG1 . THR A 1 16  ? 8.532   -7.335  9.267   1.00 23.43 ? 94  THR A OG1 1 
ATOM   72  C CG2 . THR A 1 16  ? 7.632   -9.601  9.185   1.00 26.55 ? 94  THR A CG2 1 
ATOM   73  N N   . LEU A 1 17  ? 6.631   -6.332  12.002  1.00 21.22 ? 95  LEU A N   1 
ATOM   74  C CA  . LEU A 1 17  ? 6.789   -5.080  12.729  1.00 21.30 ? 95  LEU A CA  1 
ATOM   75  C C   . LEU A 1 17  ? 7.902   -4.236  12.091  1.00 23.01 ? 95  LEU A C   1 
ATOM   76  O O   . LEU A 1 17  ? 7.770   -3.031  11.921  1.00 20.09 ? 95  LEU A O   1 
ATOM   77  C CB  . LEU A 1 17  ? 7.105   -5.368  14.203  1.00 25.44 ? 95  LEU A CB  1 
ATOM   78  C CG  . LEU A 1 17  ? 7.247   -4.160  15.127  1.00 29.05 ? 95  LEU A CG  1 
ATOM   79  C CD1 . LEU A 1 17  ? 6.044   -3.244  14.976  1.00 28.58 ? 95  LEU A CD1 1 
ATOM   80  C CD2 . LEU A 1 17  ? 7.428   -4.591  16.583  1.00 24.11 ? 95  LEU A CD2 1 
ATOM   81  N N   . GLU A 1 18  ? 8.996   -4.880  11.718  1.00 22.92 ? 96  GLU A N   1 
ATOM   82  C CA  . GLU A 1 18  ? 10.111  -4.150  11.126  1.00 23.44 ? 96  GLU A CA  1 
ATOM   83  C C   . GLU A 1 18  ? 9.735   -3.541  9.758   1.00 21.11 ? 96  GLU A C   1 
ATOM   84  O O   . GLU A 1 18  ? 10.091  -2.407  9.458   1.00 21.57 ? 96  GLU A O   1 
ATOM   85  C CB  . GLU A 1 18  ? 11.338  -5.052  11.021  1.00 29.23 ? 96  GLU A CB  1 
ATOM   86  C CG  . GLU A 1 18  ? 12.596  -4.322  10.609  1.00 28.70 ? 96  GLU A CG  1 
ATOM   87  C CD  . GLU A 1 18  ? 12.678  -4.078  9.118   1.00 25.58 ? 96  GLU A CD  1 
ATOM   88  O OE1 . GLU A 1 18  ? 12.123  -4.886  8.344   1.00 27.70 ? 96  GLU A OE1 1 
ATOM   89  O OE2 . GLU A 1 18  ? 13.313  -3.078  8.724   1.00 28.27 ? 96  GLU A OE2 1 
ATOM   90  N N   . GLU A 1 19  ? 9.000   -4.294  8.955   1.00 20.13 ? 97  GLU A N   1 
ATOM   91  C CA  . GLU A 1 19  ? 8.547   -3.808  7.651   1.00 18.55 ? 97  GLU A CA  1 
ATOM   92  C C   . GLU A 1 19  ? 7.639   -2.589  7.739   1.00 18.62 ? 97  GLU A C   1 
ATOM   93  O O   . GLU A 1 19  ? 7.653   -1.738  6.850   1.00 17.02 ? 97  GLU A O   1 
ATOM   94  C CB  . GLU A 1 19  ? 7.835   -4.915  6.882   1.00 18.80 ? 97  GLU A CB  1 
ATOM   95  C CG  . GLU A 1 19  ? 8.784   -5.927  6.286   1.00 20.24 ? 97  GLU A CG  1 
ATOM   96  C CD  . GLU A 1 19  ? 8.055   -7.061  5.621   1.00 23.22 ? 97  GLU A CD  1 
ATOM   97  O OE1 . GLU A 1 19  ? 6.996   -7.482  6.139   1.00 20.45 ? 97  GLU A OE1 1 
ATOM   98  O OE2 . GLU A 1 19  ? 8.529   -7.524  4.567   1.00 24.94 ? 97  GLU A OE2 1 
ATOM   99  N N   . MET A 1 20  ? 6.836   -2.511  8.802   1.00 14.20 ? 98  MET A N   1 
ATOM   100 C CA  . MET A 1 20  ? 5.917   -1.381  8.963   1.00 19.48 ? 98  MET A CA  1 
ATOM   101 C C   . MET A 1 20  ? 6.600   -0.164  9.565   1.00 21.45 ? 98  MET A C   1 
ATOM   102 O O   . MET A 1 20  ? 6.176   0.966   9.329   1.00 22.08 ? 98  MET A O   1 
ATOM   103 C CB  . MET A 1 20  ? 4.720   -1.767  9.841   1.00 17.17 ? 98  MET A CB  1 
ATOM   104 C CG  . MET A 1 20  ? 3.842   -2.842  9.226   1.00 17.03 ? 98  MET A CG  1 
ATOM   105 S SD  . MET A 1 20  ? 2.286   -3.138  10.128  1.00 23.30 ? 98  MET A SD  1 
ATOM   106 C CE  . MET A 1 20  ? 2.872   -3.779  11.689  1.00 25.51 ? 98  MET A CE  1 
ATOM   107 N N   . SER A 1 21  ? 7.640   -0.410  10.354  1.00 21.82 ? 99  SER A N   1 
ATOM   108 C CA  . SER A 1 21  ? 8.325   0.656   11.089  1.00 24.91 ? 99  SER A CA  1 
ATOM   109 C C   . SER A 1 21  ? 9.445   1.288   10.274  1.00 27.57 ? 99  SER A C   1 
ATOM   110 O O   . SER A 1 21  ? 9.837   2.433   10.516  1.00 27.78 ? 99  SER A O   1 
ATOM   111 C CB  . SER A 1 21  ? 8.909   0.100   12.391  1.00 27.63 ? 99  SER A CB  1 
ATOM   112 O OG  . SER A 1 21  ? 7.887   -0.414  13.233  1.00 37.28 ? 99  SER A OG  1 
ATOM   113 N N   . ARG A 1 22  ? 9.968   0.540   9.311   1.00 22.99 ? 100 ARG A N   1 
ATOM   114 C CA  . ARG A 1 22  ? 11.146  0.992   8.570   1.00 24.90 ? 100 ARG A CA  1 
ATOM   115 C C   . ARG A 1 22  ? 10.969  2.346   7.866   1.00 25.29 ? 100 ARG A C   1 
ATOM   116 O O   . ARG A 1 22  ? 9.939   2.615   7.259   1.00 27.07 ? 100 ARG A O   1 
ATOM   117 C CB  . ARG A 1 22  ? 11.571  -0.070  7.553   1.00 22.72 ? 100 ARG A CB  1 
ATOM   118 C CG  . ARG A 1 22  ? 12.958  0.152   6.964   1.00 24.87 ? 100 ARG A CG  1 
ATOM   119 C CD  . ARG A 1 22  ? 13.158  -0.787  5.790   1.00 25.25 ? 100 ARG A CD  1 
ATOM   120 N NE  . ARG A 1 22  ? 12.828  -2.173  6.142   1.00 23.76 ? 100 ARG A NE  1 
ATOM   121 C CZ  . ARG A 1 22  ? 12.568  -3.123  5.248   1.00 21.22 ? 100 ARG A CZ  1 
ATOM   122 N NH1 . ARG A 1 22  ? 12.583  -2.836  3.953   1.00 24.60 ? 100 ARG A NH1 1 
ATOM   123 N NH2 . ARG A 1 22  ? 12.301  -4.355  5.641   1.00 22.71 ? 100 ARG A NH2 1 
ATOM   124 N N   . ASP A 1 23  ? 11.982  3.205   7.968   1.00 27.13 ? 101 ASP A N   1 
ATOM   125 C CA  . ASP A 1 23  ? 12.017  4.428   7.165   1.00 27.69 ? 101 ASP A CA  1 
ATOM   126 C C   . ASP A 1 23  ? 12.647  4.069   5.822   1.00 29.12 ? 101 ASP A C   1 
ATOM   127 O O   . ASP A 1 23  ? 13.499  3.179   5.748   1.00 27.67 ? 101 ASP A O   1 
ATOM   128 C CB  . ASP A 1 23  ? 12.819  5.528   7.876   1.00 31.84 ? 101 ASP A CB  1 
ATOM   129 C CG  . ASP A 1 23  ? 12.176  5.969   9.182   1.00 37.66 ? 101 ASP A CG  1 
ATOM   130 O OD1 . ASP A 1 23  ? 10.947  6.210   9.195   1.00 41.70 ? 101 ASP A OD1 1 
ATOM   131 O OD2 . ASP A 1 23  ? 12.894  6.062   10.202  1.00 41.97 ? 101 ASP A OD2 1 
ATOM   132 N N   . TRP A 1 24  ? 12.210  4.721   4.751   1.00 28.17 ? 102 TRP A N   1 
ATOM   133 C CA  . TRP A 1 24  ? 12.738  4.414   3.425   1.00 28.35 ? 102 TRP A CA  1 
ATOM   134 C C   . TRP A 1 24  ? 12.801  5.676   2.604   1.00 28.02 ? 102 TRP A C   1 
ATOM   135 O O   . TRP A 1 24  ? 12.011  6.595   2.811   1.00 25.49 ? 102 TRP A O   1 
ATOM   136 C CB  . TRP A 1 24  ? 11.904  3.335   2.705   1.00 25.17 ? 102 TRP A CB  1 
ATOM   137 C CG  . TRP A 1 24  ? 10.468  3.753   2.300   1.00 28.86 ? 102 TRP A CG  1 
ATOM   138 C CD1 . TRP A 1 24  ? 9.402   3.954   3.137   1.00 30.20 ? 102 TRP A CD1 1 
ATOM   139 C CD2 . TRP A 1 24  ? 9.969   3.977   0.962   1.00 23.77 ? 102 TRP A CD2 1 
ATOM   140 N NE1 . TRP A 1 24  ? 8.282   4.296   2.409   1.00 28.17 ? 102 TRP A NE1 1 
ATOM   141 C CE2 . TRP A 1 24  ? 8.604   4.324   1.076   1.00 30.80 ? 102 TRP A CE2 1 
ATOM   142 C CE3 . TRP A 1 24  ? 10.546  3.924   -0.314  1.00 28.35 ? 102 TRP A CE3 1 
ATOM   143 C CZ2 . TRP A 1 24  ? 7.805   4.625   -0.041  1.00 29.02 ? 102 TRP A CZ2 1 
ATOM   144 C CZ3 . TRP A 1 24  ? 9.753   4.215   -1.424  1.00 28.81 ? 102 TRP A CZ3 1 
ATOM   145 C CH2 . TRP A 1 24  ? 8.388   4.558   -1.275  1.00 24.21 ? 102 TRP A CH2 1 
ATOM   146 N N   . SER A 1 25  ? 13.762  5.741   1.691   1.00 26.99 ? 103 SER A N   1 
ATOM   147 C CA  . SER A 1 25  ? 13.816  6.861   0.766   1.00 28.88 ? 103 SER A CA  1 
ATOM   148 C C   . SER A 1 25  ? 13.566  6.341   -0.630  1.00 25.69 ? 103 SER A C   1 
ATOM   149 O O   . SER A 1 25  ? 13.965  5.227   -0.949  1.00 33.96 ? 103 SER A O   1 
ATOM   150 C CB  . SER A 1 25  ? 15.180  7.556   0.828   1.00 28.93 ? 103 SER A CB  1 
ATOM   151 O OG  . SER A 1 25  ? 15.426  8.113   2.105   1.00 31.06 ? 103 SER A OG  1 
ATOM   152 N N   . MET A 1 26  ? 12.908  7.143   -1.462  1.00 26.13 ? 104 MET A N   1 
ATOM   153 C CA  . MET A 1 26  ? 12.761  6.844   -2.884  1.00 27.42 ? 104 MET A CA  1 
ATOM   154 C C   . MET A 1 26  ? 13.933  7.448   -3.656  1.00 26.20 ? 104 MET A C   1 
ATOM   155 O O   . MET A 1 26  ? 14.330  8.573   -3.401  1.00 24.12 ? 104 MET A O   1 
ATOM   156 C CB  . MET A 1 26  ? 11.456  7.446   -3.437  1.00 26.82 ? 104 MET A CB  1 
ATOM   157 C CG  . MET A 1 26  ? 10.175  6.943   -2.783  1.00 29.08 ? 104 MET A CG  1 
ATOM   158 S SD  . MET A 1 26  ? 8.734   7.966   -3.198  1.00 32.61 ? 104 MET A SD  1 
ATOM   159 C CE  . MET A 1 26  ? 8.637   9.032   -1.770  1.00 29.79 ? 104 MET A CE  1 
ATOM   160 N N   . LEU A 1 27  ? 14.480  6.706   -4.611  1.00 24.44 ? 105 LEU A N   1 
ATOM   161 C CA  . LEU A 1 27  ? 15.544  7.233   -5.461  1.00 24.51 ? 105 LEU A CA  1 
ATOM   162 C C   . LEU A 1 27  ? 15.035  8.384   -6.322  1.00 27.15 ? 105 LEU A C   1 
ATOM   163 O O   . LEU A 1 27  ? 15.708  9.411   -6.485  1.00 25.62 ? 105 LEU A O   1 
ATOM   164 C CB  . LEU A 1 27  ? 16.074  6.135   -6.368  1.00 21.27 ? 105 LEU A CB  1 
ATOM   165 C CG  . LEU A 1 27  ? 16.665  4.925   -5.654  1.00 30.23 ? 105 LEU A CG  1 
ATOM   166 C CD1 . LEU A 1 27  ? 17.180  3.907   -6.675  1.00 30.57 ? 105 LEU A CD1 1 
ATOM   167 C CD2 . LEU A 1 27  ? 17.765  5.357   -4.716  1.00 31.31 ? 105 LEU A CD2 1 
ATOM   168 N N   . ILE A 1 28  ? 13.860  8.192   -6.908  1.00 26.33 ? 106 ILE A N   1 
ATOM   169 C CA  . ILE A 1 28  ? 13.191  9.254   -7.668  1.00 24.70 ? 106 ILE A CA  1 
ATOM   170 C C   . ILE A 1 28  ? 11.769  9.342   -7.146  1.00 26.81 ? 106 ILE A C   1 
ATOM   171 O O   . ILE A 1 28  ? 10.887  8.621   -7.603  1.00 23.56 ? 106 ILE A O   1 
ATOM   172 C CB  . ILE A 1 28  ? 13.188  8.979   -9.177  1.00 28.56 ? 106 ILE A CB  1 
ATOM   173 C CG1 . ILE A 1 28  ? 14.618  8.745   -9.680  1.00 30.79 ? 106 ILE A CG1 1 
ATOM   174 C CG2 . ILE A 1 28  ? 12.532  10.142  -9.936  1.00 31.14 ? 106 ILE A CG2 1 
ATOM   175 C CD1 . ILE A 1 28  ? 14.700  8.383   -11.148 1.00 32.44 ? 106 ILE A CD1 1 
ATOM   176 N N   . PRO A 1 29  ? 11.560  10.210  -6.151  1.00 28.67 ? 107 PRO A N   1 
ATOM   177 C CA  . PRO A 1 29  ? 10.293  10.349  -5.434  1.00 26.64 ? 107 PRO A CA  1 
ATOM   178 C C   . PRO A 1 29  ? 9.126   10.697  -6.347  1.00 25.78 ? 107 PRO A C   1 
ATOM   179 O O   . PRO A 1 29  ? 9.254   11.477  -7.291  1.00 25.88 ? 107 PRO A O   1 
ATOM   180 C CB  . PRO A 1 29  ? 10.568  11.508  -4.466  1.00 27.91 ? 107 PRO A CB  1 
ATOM   181 C CG  . PRO A 1 29  ? 12.049  11.495  -4.280  1.00 24.77 ? 107 PRO A CG  1 
ATOM   182 C CD  . PRO A 1 29  ? 12.595  11.110  -5.617  1.00 28.91 ? 107 PRO A CD  1 
ATOM   183 N N   . LYS A 1 30  ? 7.987   10.081  -6.077  1.00 23.61 ? 108 LYS A N   1 
ATOM   184 C CA  . LYS A 1 30  ? 6.740   10.537  -6.657  1.00 24.10 ? 108 LYS A CA  1 
ATOM   185 C C   . LYS A 1 30  ? 5.658   10.422  -5.599  1.00 24.65 ? 108 LYS A C   1 
ATOM   186 O O   . LYS A 1 30  ? 5.538   9.404   -4.919  1.00 24.27 ? 108 LYS A O   1 
ATOM   187 C CB  . LYS A 1 30  ? 6.361   9.743   -7.904  1.00 30.49 ? 108 LYS A CB  1 
ATOM   188 C CG  . LYS A 1 30  ? 5.037   10.219  -8.493  1.00 33.06 ? 108 LYS A CG  1 
ATOM   189 C CD  . LYS A 1 30  ? 4.746   9.631   -9.854  1.00 42.39 ? 108 LYS A CD  1 
ATOM   190 C CE  . LYS A 1 30  ? 4.100   10.689  -10.754 1.00 50.93 ? 108 LYS A CE  1 
ATOM   191 N NZ  . LYS A 1 30  ? 3.058   11.500  -10.041 1.00 44.28 ? 108 LYS A NZ  1 
ATOM   192 N N   . GLN A 1 31  ? 4.884   11.479  -5.431  1.00 22.23 ? 109 GLN A N   1 
ATOM   193 C CA  . GLN A 1 31  ? 3.846   11.457  -4.417  1.00 24.55 ? 109 GLN A CA  1 
ATOM   194 C C   . GLN A 1 31  ? 2.599   12.076  -4.998  1.00 24.51 ? 109 GLN A C   1 
ATOM   195 O O   . GLN A 1 31  ? 2.653   13.180  -5.535  1.00 24.89 ? 109 GLN A O   1 
ATOM   196 C CB  . GLN A 1 31  ? 4.289   12.221  -3.167  1.00 24.70 ? 109 GLN A CB  1 
ATOM   197 C CG  . GLN A 1 31  ? 3.207   12.272  -2.102  1.00 30.42 ? 109 GLN A CG  1 
ATOM   198 C CD  . GLN A 1 31  ? 3.651   13.000  -0.859  1.00 34.21 ? 109 GLN A CD  1 
ATOM   199 O OE1 . GLN A 1 31  ? 4.270   12.412  0.025   1.00 39.44 ? 109 GLN A OE1 1 
ATOM   200 N NE2 . GLN A 1 31  ? 3.342   14.287  -0.783  1.00 34.45 ? 109 GLN A NE2 1 
ATOM   201 N N   . LYS A 1 32  ? 1.494   11.338  -4.923  1.00 21.53 ? 110 LYS A N   1 
ATOM   202 C CA  . LYS A 1 32  ? 0.206   11.798  -5.413  1.00 22.23 ? 110 LYS A CA  1 
ATOM   203 C C   . LYS A 1 32  ? -0.804  11.664  -4.276  1.00 22.41 ? 110 LYS A C   1 
ATOM   204 O O   . LYS A 1 32  ? -0.788  10.685  -3.528  1.00 20.89 ? 110 LYS A O   1 
ATOM   205 C CB  . LYS A 1 32  ? -0.230  10.955  -6.607  1.00 23.36 ? 110 LYS A CB  1 
ATOM   206 C CG  . LYS A 1 32  ? -1.307  11.576  -7.495  1.00 32.49 ? 110 LYS A CG  1 
ATOM   207 C CD  . LYS A 1 32  ? -1.468  10.737  -8.762  1.00 40.52 ? 110 LYS A CD  1 
ATOM   208 C CE  . LYS A 1 32  ? -2.215  11.472  -9.869  1.00 42.85 ? 110 LYS A CE  1 
ATOM   209 N NZ  . LYS A 1 32  ? -2.678  10.521  -10.936 1.00 51.80 ? 110 LYS A NZ  1 
ATOM   210 N N   . VAL A 1 33  ? -1.660  12.661  -4.116  1.00 22.14 ? 111 VAL A N   1 
ATOM   211 C CA  . VAL A 1 33  ? -2.769  12.519  -3.182  1.00 23.55 ? 111 VAL A CA  1 
ATOM   212 C C   . VAL A 1 33  ? -3.991  12.179  -4.009  1.00 22.12 ? 111 VAL A C   1 
ATOM   213 O O   . VAL A 1 33  ? -4.250  12.815  -5.036  1.00 23.77 ? 111 VAL A O   1 
ATOM   214 C CB  . VAL A 1 33  ? -3.024  13.809  -2.364  1.00 24.56 ? 111 VAL A CB  1 
ATOM   215 C CG1 . VAL A 1 33  ? -4.347  13.706  -1.608  1.00 19.34 ? 111 VAL A CG1 1 
ATOM   216 C CG2 . VAL A 1 33  ? -1.870  14.073  -1.402  1.00 21.02 ? 111 VAL A CG2 1 
ATOM   217 N N   . ALA A 1 34  ? -4.730  11.170  -3.568  1.00 20.57 ? 112 ALA A N   1 
ATOM   218 C CA  . ALA A 1 34  ? -5.978  10.775  -4.213  1.00 25.43 ? 112 ALA A CA  1 
ATOM   219 C C   . ALA A 1 34  ? -7.044  10.714  -3.138  1.00 20.62 ? 112 ALA A C   1 
ATOM   220 O O   . ALA A 1 34  ? -7.161  9.723   -2.422  1.00 20.39 ? 112 ALA A O   1 
ATOM   221 C CB  . ALA A 1 34  ? -5.824  9.426   -4.892  1.00 22.57 ? 112 ALA A CB  1 
ATOM   222 N N   . GLY A 1 35  ? -7.797  11.794  -2.999  1.00 21.45 ? 113 GLY A N   1 
ATOM   223 C CA  . GLY A 1 35  ? -8.778  11.883  -1.936  1.00 24.73 ? 113 GLY A CA  1 
ATOM   224 C C   . GLY A 1 35  ? -8.113  11.842  -0.573  1.00 18.15 ? 113 GLY A C   1 
ATOM   225 O O   . GLY A 1 35  ? -7.192  12.598  -0.309  1.00 21.21 ? 113 GLY A O   1 
ATOM   226 N N   . PRO A 1 36  ? -8.578  10.937  0.298   1.00 19.22 ? 114 PRO A N   1 
ATOM   227 C CA  . PRO A 1 36  ? -8.124  10.898  1.689   1.00 19.15 ? 114 PRO A CA  1 
ATOM   228 C C   . PRO A 1 36  ? -6.844  10.070  1.853   1.00 19.99 ? 114 PRO A C   1 
ATOM   229 O O   . PRO A 1 36  ? -6.426  9.794   2.985   1.00 19.82 ? 114 PRO A O   1 
ATOM   230 C CB  . PRO A 1 36  ? -9.301  10.225  2.401   1.00 20.74 ? 114 PRO A CB  1 
ATOM   231 C CG  . PRO A 1 36  ? -9.841  9.272   1.367   1.00 23.02 ? 114 PRO A CG  1 
ATOM   232 C CD  . PRO A 1 36  ? -9.653  9.960   0.031   1.00 22.33 ? 114 PRO A CD  1 
ATOM   233 N N   . LEU A 1 37  ? -6.236  9.681   0.735   1.00 16.54 ? 115 LEU A N   1 
ATOM   234 C CA  . LEU A 1 37  ? -5.072  8.802   0.768   1.00 20.76 ? 115 LEU A CA  1 
ATOM   235 C C   . LEU A 1 37  ? -3.878  9.381   0.011   1.00 19.59 ? 115 LEU A C   1 
ATOM   236 O O   . LEU A 1 37  ? -4.044  9.998   -1.038  1.00 19.27 ? 115 LEU A O   1 
ATOM   237 C CB  . LEU A 1 37  ? -5.427  7.413   0.211   1.00 19.35 ? 115 LEU A CB  1 
ATOM   238 C CG  . LEU A 1 37  ? -6.399  6.588   1.067   1.00 20.19 ? 115 LEU A CG  1 
ATOM   239 C CD1 . LEU A 1 37  ? -6.967  5.429   0.273   1.00 19.45 ? 115 LEU A CD1 1 
ATOM   240 C CD2 . LEU A 1 37  ? -5.717  6.080   2.337   1.00 22.79 ? 115 LEU A CD2 1 
ATOM   241 N N   . CYS A 1 38  ? -2.683  9.152   0.555   1.00 17.58 ? 116 CYS A N   1 
ATOM   242 C CA  . CYS A 1 38  ? -1.423  9.552   -0.053  1.00 19.64 ? 116 CYS A CA  1 
ATOM   243 C C   . CYS A 1 38  ? -0.775  8.332   -0.694  1.00 18.78 ? 116 CYS A C   1 
ATOM   244 O O   . CYS A 1 38  ? -0.736  7.263   -0.088  1.00 20.11 ? 116 CYS A O   1 
ATOM   245 C CB  . CYS A 1 38  ? -0.482  10.107  1.026   1.00 23.52 ? 116 CYS A CB  1 
ATOM   246 S SG  . CYS A 1 38  ? 1.221   10.369  0.451   1.00 32.71 ? 116 CYS A SG  1 
ATOM   247 N N   . ILE A 1 39  ? -0.291  8.487   -1.925  1.00 19.03 ? 117 ILE A N   1 
ATOM   248 C CA  . ILE A 1 39  ? 0.388   7.410   -2.645  1.00 19.71 ? 117 ILE A CA  1 
ATOM   249 C C   . ILE A 1 39  ? 1.804   7.847   -2.993  1.00 22.77 ? 117 ILE A C   1 
ATOM   250 O O   . ILE A 1 39  ? 1.998   8.856   -3.658  1.00 21.14 ? 117 ILE A O   1 
ATOM   251 C CB  . ILE A 1 39  ? -0.345  7.044   -3.958  1.00 20.83 ? 117 ILE A CB  1 
ATOM   252 C CG1 . ILE A 1 39  ? -1.813  6.688   -3.678  1.00 21.60 ? 117 ILE A CG1 1 
ATOM   253 C CG2 . ILE A 1 39  ? 0.366   5.895   -4.676  1.00 18.37 ? 117 ILE A CG2 1 
ATOM   254 C CD1 . ILE A 1 39  ? -2.763  7.125   -4.776  1.00 22.92 ? 117 ILE A CD1 1 
ATOM   255 N N   . ARG A 1 40  ? 2.793   7.090   -2.529  1.00 17.10 ? 118 ARG A N   1 
ATOM   256 C CA  . ARG A 1 40  ? 4.182   7.379   -2.854  1.00 22.77 ? 118 ARG A CA  1 
ATOM   257 C C   . ARG A 1 40  ? 4.741   6.217   -3.650  1.00 21.21 ? 118 ARG A C   1 
ATOM   258 O O   . ARG A 1 40  ? 4.415   5.058   -3.375  1.00 20.74 ? 118 ARG A O   1 
ATOM   259 C CB  . ARG A 1 40  ? 5.003   7.551   -1.572  1.00 24.06 ? 118 ARG A CB  1 
ATOM   260 C CG  . ARG A 1 40  ? 4.607   8.729   -0.723  1.00 28.70 ? 118 ARG A CG  1 
ATOM   261 C CD  . ARG A 1 40  ? 5.512   8.825   0.502   1.00 30.26 ? 118 ARG A CD  1 
ATOM   262 N NE  . ARG A 1 40  ? 5.412   10.112  1.188   1.00 38.24 ? 118 ARG A NE  1 
ATOM   263 C CZ  . ARG A 1 40  ? 4.536   10.387  2.154   1.00 42.84 ? 118 ARG A CZ  1 
ATOM   264 N NH1 . ARG A 1 40  ? 3.656   9.468   2.544   1.00 42.01 ? 118 ARG A NH1 1 
ATOM   265 N NH2 . ARG A 1 40  ? 4.533   11.589  2.724   1.00 44.68 ? 118 ARG A NH2 1 
ATOM   266 N N   . MET A 1 41  ? 5.569   6.510   -4.645  1.00 19.33 ? 119 MET A N   1 
ATOM   267 C CA  . MET A 1 41  ? 6.280   5.442   -5.319  1.00 20.39 ? 119 MET A CA  1 
ATOM   268 C C   . MET A 1 41  ? 7.621   5.903   -5.875  1.00 25.47 ? 119 MET A C   1 
ATOM   269 O O   . MET A 1 41  ? 7.798   7.063   -6.250  1.00 24.65 ? 119 MET A O   1 
ATOM   270 C CB  . MET A 1 41  ? 5.432   4.749   -6.406  1.00 24.94 ? 119 MET A CB  1 
ATOM   271 C CG  . MET A 1 41  ? 4.990   5.623   -7.559  1.00 29.88 ? 119 MET A CG  1 
ATOM   272 S SD  . MET A 1 41  ? 4.709   4.646   -9.065  1.00 32.65 ? 119 MET A SD  1 
ATOM   273 C CE  . MET A 1 41  ? 6.367   4.636   -9.752  1.00 30.26 ? 119 MET A CE  1 
ATOM   274 N N   . ASP A 1 42  ? 8.563   4.976   -5.910  1.00 20.16 ? 120 ASP A N   1 
ATOM   275 C CA  . ASP A 1 42  ? 9.895   5.278   -6.408  1.00 22.78 ? 120 ASP A CA  1 
ATOM   276 C C   . ASP A 1 42  ? 9.930   5.115   -7.921  1.00 22.54 ? 120 ASP A C   1 
ATOM   277 O O   . ASP A 1 42  ? 9.889   3.998   -8.434  1.00 21.53 ? 120 ASP A O   1 
ATOM   278 C CB  . ASP A 1 42  ? 10.910  4.341   -5.755  1.00 22.32 ? 120 ASP A CB  1 
ATOM   279 C CG  . ASP A 1 42  ? 12.333  4.740   -6.041  1.00 22.72 ? 120 ASP A CG  1 
ATOM   280 O OD1 . ASP A 1 42  ? 12.557  5.567   -6.967  1.00 20.62 ? 120 ASP A OD1 1 
ATOM   281 O OD2 . ASP A 1 42  ? 13.223  4.213   -5.338  1.00 21.32 ? 120 ASP A OD2 1 
ATOM   282 N N   . GLN A 1 43  ? 10.012  6.236   -8.632  1.00 24.74 ? 121 GLN A N   1 
ATOM   283 C CA  . GLN A 1 43  ? 10.016  6.229   -10.095 1.00 25.42 ? 121 GLN A CA  1 
ATOM   284 C C   . GLN A 1 43  ? 11.240  5.530   -10.697 1.00 28.73 ? 121 GLN A C   1 
ATOM   285 O O   . GLN A 1 43  ? 11.252  5.181   -11.876 1.00 25.53 ? 121 GLN A O   1 
ATOM   286 C CB  . GLN A 1 43  ? 9.922   7.667   -10.625 1.00 27.17 ? 121 GLN A CB  1 
ATOM   287 C CG  . GLN A 1 43  ? 9.580   7.757   -12.098 1.00 37.51 ? 121 GLN A CG  1 
ATOM   288 C CD  . GLN A 1 43  ? 8.169   7.267   -12.406 1.00 38.55 ? 121 GLN A CD  1 
ATOM   289 O OE1 . GLN A 1 43  ? 7.313   7.246   -11.396 1.00 47.49 ? 121 GLN A OE1 1 
ATOM   290 N NE2 . GLN A 1 43  ? 7.857   6.917   -13.543 1.00 38.09 ? 121 GLN A NE2 1 
ATOM   291 N N   . ALA A 1 44  ? 12.268  5.310   -9.886  1.00 26.12 ? 122 ALA A N   1 
ATOM   292 C CA  . ALA A 1 44  ? 13.485  4.672   -10.377 1.00 26.88 ? 122 ALA A CA  1 
ATOM   293 C C   . ALA A 1 44  ? 13.351  3.164   -10.594 1.00 29.06 ? 122 ALA A C   1 
ATOM   294 O O   . ALA A 1 44  ? 14.166  2.555   -11.289 1.00 31.73 ? 122 ALA A O   1 
ATOM   295 C CB  . ALA A 1 44  ? 14.650  4.968   -9.432  1.00 29.30 ? 122 ALA A CB  1 
ATOM   296 N N   . ILE A 1 45  ? 12.323  2.557   -10.012 1.00 25.63 ? 123 ILE A N   1 
ATOM   297 C CA  . ILE A 1 45  ? 12.281  1.100   -9.935  1.00 23.68 ? 123 ILE A CA  1 
ATOM   298 C C   . ILE A 1 45  ? 11.657  0.469   -11.172 1.00 27.43 ? 123 ILE A C   1 
ATOM   299 O O   . ILE A 1 45  ? 10.543  0.826   -11.574 1.00 26.85 ? 123 ILE A O   1 
ATOM   300 C CB  . ILE A 1 45  ? 11.521  0.631   -8.674  1.00 20.01 ? 123 ILE A CB  1 
ATOM   301 C CG1 . ILE A 1 45  ? 12.181  1.195   -7.410  1.00 26.56 ? 123 ILE A CG1 1 
ATOM   302 C CG2 . ILE A 1 45  ? 11.433  -0.888  -8.631  1.00 23.34 ? 123 ILE A CG2 1 
ATOM   303 C CD1 . ILE A 1 45  ? 13.616  0.737   -7.205  1.00 29.87 ? 123 ILE A CD1 1 
ATOM   304 N N   . MET A 1 46  ? 12.380  -0.478  -11.763 1.00 25.41 ? 124 MET A N   1 
ATOM   305 C CA  . MET A 1 46  ? 11.970  -1.092  -13.015 1.00 25.37 ? 124 MET A CA  1 
ATOM   306 C C   . MET A 1 46  ? 12.312  -2.570  -13.058 1.00 25.11 ? 124 MET A C   1 
ATOM   307 O O   . MET A 1 46  ? 13.266  -3.009  -12.424 1.00 25.77 ? 124 MET A O   1 
ATOM   308 C CB  . MET A 1 46  ? 12.625  -0.361  -14.190 1.00 29.35 ? 124 MET A CB  1 
ATOM   309 C CG  . MET A 1 46  ? 12.164  1.076   -14.320 1.00 32.32 ? 124 MET A CG  1 
ATOM   310 S SD  . MET A 1 46  ? 12.966  1.996   -15.649 1.00 56.61 ? 124 MET A SD  1 
ATOM   311 C CE  . MET A 1 46  ? 12.143  3.581   -15.454 1.00 51.35 ? 124 MET A CE  1 
ATOM   312 N N   . ASP A 1 47  ? 11.498  -3.337  -13.777 1.00 27.89 ? 125 ASP A N   1 
ATOM   313 C CA  . ASP A 1 47  ? 11.767  -4.748  -14.025 1.00 29.95 ? 125 ASP A CA  1 
ATOM   314 C C   . ASP A 1 47  ? 11.845  -5.618  -12.764 1.00 28.34 ? 125 ASP A C   1 
ATOM   315 O O   . ASP A 1 47  ? 12.534  -6.642  -12.731 1.00 27.86 ? 125 ASP A O   1 
ATOM   316 C CB  . ASP A 1 47  ? 13.036  -4.875  -14.875 1.00 32.42 ? 125 ASP A CB  1 
ATOM   317 C CG  . ASP A 1 47  ? 12.864  -4.250  -16.247 1.00 36.35 ? 125 ASP A CG  1 
ATOM   318 O OD1 . ASP A 1 47  ? 11.807  -4.487  -16.873 1.00 34.01 ? 125 ASP A OD1 1 
ATOM   319 O OD2 . ASP A 1 47  ? 13.766  -3.508  -16.689 1.00 39.97 ? 125 ASP A OD2 1 
ATOM   320 N N   . LYS A 1 48  ? 11.108  -5.226  -11.732 1.00 26.38 ? 126 LYS A N   1 
ATOM   321 C CA  . LYS A 1 48  ? 11.077  -5.998  -10.500 1.00 24.29 ? 126 LYS A CA  1 
ATOM   322 C C   . LYS A 1 48  ? 9.749   -6.734  -10.320 1.00 26.45 ? 126 LYS A C   1 
ATOM   323 O O   . LYS A 1 48  ? 8.730   -6.352  -10.896 1.00 26.10 ? 126 LYS A O   1 
ATOM   324 C CB  . LYS A 1 48  ? 11.316  -5.077  -9.311  1.00 26.24 ? 126 LYS A CB  1 
ATOM   325 C CG  . LYS A 1 48  ? 12.663  -4.388  -9.338  1.00 27.40 ? 126 LYS A CG  1 
ATOM   326 C CD  . LYS A 1 48  ? 13.791  -5.389  -9.137  1.00 31.57 ? 126 LYS A CD  1 
ATOM   327 C CE  . LYS A 1 48  ? 15.156  -4.718  -9.275  1.00 36.77 ? 126 LYS A CE  1 
ATOM   328 N NZ  . LYS A 1 48  ? 15.567  -4.516  -10.712 1.00 39.16 ? 126 LYS A NZ  1 
ATOM   329 N N   . ASN A 1 49  ? 9.778   -7.795  -9.523  1.00 24.65 ? 127 ASN A N   1 
ATOM   330 C CA  . ASN A 1 49  ? 8.564   -8.412  -9.024  1.00 27.13 ? 127 ASN A CA  1 
ATOM   331 C C   . ASN A 1 49  ? 8.195   -7.764  -7.690  1.00 24.31 ? 127 ASN A C   1 
ATOM   332 O O   . ASN A 1 49  ? 8.968   -7.795  -6.745  1.00 25.77 ? 127 ASN A O   1 
ATOM   333 C CB  . ASN A 1 49  ? 8.775   -9.917  -8.837  1.00 30.21 ? 127 ASN A CB  1 
ATOM   334 C CG  . ASN A 1 49  ? 9.019   -10.640 -10.150 1.00 37.01 ? 127 ASN A CG  1 
ATOM   335 O OD1 . ASN A 1 49  ? 8.332   -10.401 -11.145 1.00 35.74 ? 127 ASN A OD1 1 
ATOM   336 N ND2 . ASN A 1 49  ? 10.013  -11.525 -10.161 1.00 43.36 ? 127 ASN A ND2 1 
ATOM   337 N N   . ILE A 1 50  ? 7.007   -7.179  -7.623  1.00 23.29 ? 128 ILE A N   1 
ATOM   338 C CA  . ILE A 1 50  ? 6.601   -6.408  -6.465  1.00 20.42 ? 128 ILE A CA  1 
ATOM   339 C C   . ILE A 1 50  ? 5.382   -7.043  -5.808  1.00 21.14 ? 128 ILE A C   1 
ATOM   340 O O   . ILE A 1 50  ? 4.498   -7.587  -6.491  1.00 22.77 ? 128 ILE A O   1 
ATOM   341 C CB  . ILE A 1 50  ? 6.318   -4.930  -6.864  1.00 19.02 ? 128 ILE A CB  1 
ATOM   342 C CG1 . ILE A 1 50  ? 7.621   -4.254  -7.325  1.00 20.38 ? 128 ILE A CG1 1 
ATOM   343 C CG2 . ILE A 1 50  ? 5.731   -4.155  -5.690  1.00 19.57 ? 128 ILE A CG2 1 
ATOM   344 C CD1 . ILE A 1 50  ? 7.423   -2.904  -7.984  1.00 24.89 ? 128 ILE A CD1 1 
ATOM   345 N N   . ILE A 1 51  ? 5.350   -7.012  -4.480  1.00 20.47 ? 129 ILE A N   1 
ATOM   346 C CA  . ILE A 1 51  ? 4.200   -7.518  -3.735  1.00 20.21 ? 129 ILE A CA  1 
ATOM   347 C C   . ILE A 1 51  ? 3.640   -6.386  -2.882  1.00 17.73 ? 129 ILE A C   1 
ATOM   348 O O   . ILE A 1 51  ? 4.384   -5.735  -2.169  1.00 16.10 ? 129 ILE A O   1 
ATOM   349 C CB  . ILE A 1 51  ? 4.578   -8.734  -2.839  1.00 21.88 ? 129 ILE A CB  1 
ATOM   350 C CG1 . ILE A 1 51  ? 3.383   -9.184  -2.000  1.00 24.03 ? 129 ILE A CG1 1 
ATOM   351 C CG2 . ILE A 1 51  ? 5.754   -8.405  -1.936  1.00 27.33 ? 129 ILE A CG2 1 
ATOM   352 C CD1 . ILE A 1 51  ? 2.224   -9.718  -2.822  1.00 29.57 ? 129 ILE A CD1 1 
ATOM   353 N N   . LEU A 1 52  ? 2.336   -6.134  -2.981  1.00 18.06 ? 130 LEU A N   1 
ATOM   354 C CA  . LEU A 1 52  ? 1.684   -5.144  -2.121  1.00 17.76 ? 130 LEU A CA  1 
ATOM   355 C C   . LEU A 1 52  ? 1.219   -5.799  -0.813  1.00 18.28 ? 130 LEU A C   1 
ATOM   356 O O   . LEU A 1 52  ? 0.537   -6.824  -0.842  1.00 18.51 ? 130 LEU A O   1 
ATOM   357 C CB  . LEU A 1 52  ? 0.495   -4.502  -2.833  1.00 15.79 ? 130 LEU A CB  1 
ATOM   358 C CG  . LEU A 1 52  ? 0.681   -3.764  -4.157  1.00 21.16 ? 130 LEU A CG  1 
ATOM   359 C CD1 . LEU A 1 52  ? -0.517  -2.844  -4.413  1.00 18.00 ? 130 LEU A CD1 1 
ATOM   360 C CD2 . LEU A 1 52  ? 1.977   -2.968  -4.192  1.00 18.95 ? 130 LEU A CD2 1 
ATOM   361 N N   . LYS A 1 53  ? 1.619   -5.218  0.317   1.00 15.75 ? 131 LYS A N   1 
ATOM   362 C CA  . LYS A 1 53  ? 1.305   -5.746  1.639   1.00 17.47 ? 131 LYS A CA  1 
ATOM   363 C C   . LYS A 1 53  ? 0.611   -4.665  2.442   1.00 17.94 ? 131 LYS A C   1 
ATOM   364 O O   . LYS A 1 53  ? 0.999   -3.506  2.383   1.00 15.81 ? 131 LYS A O   1 
ATOM   365 C CB  . LYS A 1 53  ? 2.574   -6.178  2.365   1.00 16.42 ? 131 LYS A CB  1 
ATOM   366 C CG  . LYS A 1 53  ? 3.350   -7.272  1.635   1.00 18.71 ? 131 LYS A CG  1 
ATOM   367 C CD  . LYS A 1 53  ? 4.518   -7.771  2.487   1.00 22.28 ? 131 LYS A CD  1 
ATOM   368 C CE  . LYS A 1 53  ? 5.237   -8.931  1.813   1.00 28.72 ? 131 LYS A CE  1 
ATOM   369 N NZ  . LYS A 1 53  ? 6.304   -9.452  2.706   1.00 26.87 ? 131 LYS A NZ  1 
ATOM   370 N N   . ALA A 1 54  ? -0.399  -5.046  3.208   1.00 17.81 ? 132 ALA A N   1 
ATOM   371 C CA  . ALA A 1 54  ? -1.210  -4.054  3.906   1.00 19.78 ? 132 ALA A CA  1 
ATOM   372 C C   . ALA A 1 54  ? -1.466  -4.413  5.368   1.00 16.94 ? 132 ALA A C   1 
ATOM   373 O O   . ALA A 1 54  ? -1.423  -5.591  5.757   1.00 16.96 ? 132 ALA A O   1 
ATOM   374 C CB  . ALA A 1 54  ? -2.538  -3.862  3.181   1.00 20.36 ? 132 ALA A CB  1 
ATOM   375 N N   . ASN A 1 55  ? -1.749  -3.374  6.143   1.00 14.68 ? 133 ASN A N   1 
ATOM   376 C CA  . ASN A 1 55  ? -2.236  -3.466  7.514   1.00 15.54 ? 133 ASN A CA  1 
ATOM   377 C C   . ASN A 1 55  ? -3.611  -2.804  7.560   1.00 17.54 ? 133 ASN A C   1 
ATOM   378 O O   . ASN A 1 55  ? -3.730  -1.631  7.225   1.00 16.87 ? 133 ASN A O   1 
ATOM   379 C CB  . ASN A 1 55  ? -1.276  -2.732  8.464   1.00 16.61 ? 133 ASN A CB  1 
ATOM   380 C CG  . ASN A 1 55  ? -1.740  -2.771  9.920   1.00 15.66 ? 133 ASN A CG  1 
ATOM   381 O OD1 . ASN A 1 55  ? -2.416  -3.703  10.333  1.00 20.67 ? 133 ASN A OD1 1 
ATOM   382 N ND2 . ASN A 1 55  ? -1.376  -1.754  10.690  1.00 18.81 ? 133 ASN A ND2 1 
ATOM   383 N N   . PHE A 1 56  ? -4.642  -3.565  7.942   1.00 17.85 ? 134 PHE A N   1 
ATOM   384 C CA  . PHE A 1 56  ? -6.029  -3.074  8.014   1.00 18.07 ? 134 PHE A CA  1 
ATOM   385 C C   . PHE A 1 56  ? -6.540  -3.192  9.432   1.00 21.68 ? 134 PHE A C   1 
ATOM   386 O O   . PHE A 1 56  ? -6.224  -4.171  10.113  1.00 19.40 ? 134 PHE A O   1 
ATOM   387 C CB  . PHE A 1 56  ? -6.964  -3.957  7.172   1.00 17.18 ? 134 PHE A CB  1 
ATOM   388 C CG  . PHE A 1 56  ? -6.933  -3.675  5.689   1.00 21.85 ? 134 PHE A CG  1 
ATOM   389 C CD1 . PHE A 1 56  ? -6.083  -4.379  4.848   1.00 22.36 ? 134 PHE A CD1 1 
ATOM   390 C CD2 . PHE A 1 56  ? -7.780  -2.728  5.133   1.00 22.60 ? 134 PHE A CD2 1 
ATOM   391 C CE1 . PHE A 1 56  ? -6.063  -4.133  3.487   1.00 22.23 ? 134 PHE A CE1 1 
ATOM   392 C CE2 . PHE A 1 56  ? -7.756  -2.472  3.778   1.00 24.33 ? 134 PHE A CE2 1 
ATOM   393 C CZ  . PHE A 1 56  ? -6.903  -3.179  2.953   1.00 25.36 ? 134 PHE A CZ  1 
ATOM   394 N N   . SER A 1 57  ? -7.353  -2.236  9.879   1.00 18.91 ? 135 SER A N   1 
ATOM   395 C CA  . SER A 1 57  ? -8.060  -2.416  11.142  1.00 22.11 ? 135 SER A CA  1 
ATOM   396 C C   . SER A 1 57  ? -9.167  -3.424  10.885  1.00 24.15 ? 135 SER A C   1 
ATOM   397 O O   . SER A 1 57  ? -9.622  -3.592  9.750   1.00 22.37 ? 135 SER A O   1 
ATOM   398 C CB  . SER A 1 57  ? -8.630  -1.097  11.684  1.00 23.28 ? 135 SER A CB  1 
ATOM   399 O OG  . SER A 1 57  ? -9.708  -0.649  10.879  1.00 28.68 ? 135 SER A OG  1 
ATOM   400 N N   . VAL A 1 58  ? -9.575  -4.120  11.936  1.00 20.02 ? 136 VAL A N   1 
ATOM   401 C CA  . VAL A 1 58  ? -10.572 -5.172  11.823  1.00 23.20 ? 136 VAL A CA  1 
ATOM   402 C C   . VAL A 1 58  ? -11.580 -4.999  12.945  1.00 25.83 ? 136 VAL A C   1 
ATOM   403 O O   . VAL A 1 58  ? -11.210 -4.803  14.104  1.00 24.14 ? 136 VAL A O   1 
ATOM   404 C CB  . VAL A 1 58  ? -9.937  -6.561  11.949  1.00 24.88 ? 136 VAL A CB  1 
ATOM   405 C CG1 . VAL A 1 58  ? -11.018 -7.619  12.088  1.00 29.77 ? 136 VAL A CG1 1 
ATOM   406 C CG2 . VAL A 1 58  ? -9.030  -6.849  10.751  1.00 25.92 ? 136 VAL A CG2 1 
ATOM   407 N N   . ILE A 1 59  ? -12.855 -5.040  12.584  1.00 30.17 ? 137 ILE A N   1 
ATOM   408 C CA  . ILE A 1 59  ? -13.938 -4.919  13.543  1.00 32.85 ? 137 ILE A CA  1 
ATOM   409 C C   . ILE A 1 59  ? -14.990 -5.942  13.154  1.00 39.35 ? 137 ILE A C   1 
ATOM   410 O O   . ILE A 1 59  ? -15.328 -6.068  11.977  1.00 38.85 ? 137 ILE A O   1 
ATOM   411 C CB  . ILE A 1 59  ? -14.551 -3.510  13.523  1.00 34.84 ? 137 ILE A CB  1 
ATOM   412 C CG1 . ILE A 1 59  ? -13.548 -2.485  14.064  1.00 36.19 ? 137 ILE A CG1 1 
ATOM   413 C CG2 . ILE A 1 59  ? -15.841 -3.477  14.331  1.00 44.21 ? 137 ILE A CG2 1 
ATOM   414 C CD1 . ILE A 1 59  ? -14.067 -1.069  14.080  1.00 37.78 ? 137 ILE A CD1 1 
ATOM   415 N N   . PHE A 1 60  ? -15.489 -6.689  14.129  1.00 45.70 ? 138 PHE A N   1 
ATOM   416 C CA  . PHE A 1 60  ? -16.489 -7.706  13.834  1.00 50.24 ? 138 PHE A CA  1 
ATOM   417 C C   . PHE A 1 60  ? -15.940 -8.688  12.809  1.00 50.40 ? 138 PHE A C   1 
ATOM   418 O O   . PHE A 1 60  ? -16.682 -9.204  11.970  1.00 51.89 ? 138 PHE A O   1 
ATOM   419 C CB  . PHE A 1 60  ? -17.756 -7.059  13.274  1.00 52.72 ? 138 PHE A CB  1 
ATOM   420 C CG  . PHE A 1 60  ? -18.461 -6.161  14.244  1.00 56.77 ? 138 PHE A CG  1 
ATOM   421 C CD1 . PHE A 1 60  ? -18.908 -4.906  13.847  1.00 55.22 ? 138 PHE A CD1 1 
ATOM   422 C CD2 . PHE A 1 60  ? -18.691 -6.573  15.550  1.00 55.92 ? 138 PHE A CD2 1 
ATOM   423 C CE1 . PHE A 1 60  ? -19.563 -4.076  14.736  1.00 62.18 ? 138 PHE A CE1 1 
ATOM   424 C CE2 . PHE A 1 60  ? -19.344 -5.746  16.446  1.00 61.85 ? 138 PHE A CE2 1 
ATOM   425 C CZ  . PHE A 1 60  ? -19.783 -4.496  16.039  1.00 62.89 ? 138 PHE A CZ  1 
ATOM   426 N N   . ASP A 1 61  ? -14.634 -8.920  12.864  1.00 46.61 ? 139 ASP A N   1 
ATOM   427 C CA  . ASP A 1 61  ? -13.990 -9.886  11.979  1.00 47.14 ? 139 ASP A CA  1 
ATOM   428 C C   . ASP A 1 61  ? -14.128 -9.508  10.502  1.00 46.61 ? 139 ASP A C   1 
ATOM   429 O O   . ASP A 1 61  ? -14.160 -10.377 9.630   1.00 50.68 ? 139 ASP A O   1 
ATOM   430 C CB  . ASP A 1 61  ? -14.547 -11.289 12.224  1.00 49.64 ? 139 ASP A CB  1 
ATOM   431 C CG  . ASP A 1 61  ? -14.554 -11.664 13.702  1.00 53.67 ? 139 ASP A CG  1 
ATOM   432 O OD1 . ASP A 1 61  ? -13.514 -12.146 14.205  1.00 51.65 ? 139 ASP A OD1 1 
ATOM   433 O OD2 . ASP A 1 61  ? -15.602 -11.477 14.359  0.55 49.12 ? 139 ASP A OD2 1 
ATOM   434 N N   . ARG A 1 62  ? -14.214 -8.211  10.225  1.00 42.06 ? 140 ARG A N   1 
ATOM   435 C CA  . ARG A 1 62  ? -14.193 -7.736  8.845   1.00 43.50 ? 140 ARG A CA  1 
ATOM   436 C C   . ARG A 1 62  ? -13.221 -6.568  8.689   1.00 38.32 ? 140 ARG A C   1 
ATOM   437 O O   . ARG A 1 62  ? -13.070 -5.747  9.598   1.00 32.10 ? 140 ARG A O   1 
ATOM   438 C CB  . ARG A 1 62  ? -15.591 -7.343  8.370   1.00 47.12 ? 140 ARG A CB  1 
ATOM   439 C CG  . ARG A 1 62  ? -16.124 -6.066  8.990   1.00 48.07 ? 140 ARG A CG  1 
ATOM   440 C CD  . ARG A 1 62  ? -17.470 -5.701  8.390   1.00 58.11 ? 140 ARG A CD  1 
ATOM   441 N NE  . ARG A 1 62  ? -18.024 -4.491  8.991   1.00 67.94 ? 140 ARG A NE  1 
ATOM   442 C CZ  . ARG A 1 62  ? -17.954 -3.281  8.443   1.00 67.83 ? 140 ARG A CZ  1 
ATOM   443 N NH1 . ARG A 1 62  ? -17.355 -3.111  7.268   1.00 64.86 ? 140 ARG A NH1 1 
ATOM   444 N NH2 . ARG A 1 62  ? -18.488 -2.237  9.066   1.00 68.91 ? 140 ARG A NH2 1 
ATOM   445 N N   . LEU A 1 63  ? -12.557 -6.506  7.537   1.00 37.80 ? 141 LEU A N   1 
ATOM   446 C CA  . LEU A 1 63  ? -11.559 -5.465  7.291   1.00 37.48 ? 141 LEU A CA  1 
ATOM   447 C C   . LEU A 1 63  ? -12.241 -4.115  7.151   1.00 36.04 ? 141 LEU A C   1 
ATOM   448 O O   . LEU A 1 63  ? -13.182 -3.963  6.372   1.00 40.50 ? 141 LEU A O   1 
ATOM   449 C CB  . LEU A 1 63  ? -10.741 -5.785  6.039   1.00 31.70 ? 141 LEU A CB  1 
ATOM   450 C CG  . LEU A 1 63  ? -10.036 -7.138  6.086   1.00 32.41 ? 141 LEU A CG  1 
ATOM   451 C CD1 . LEU A 1 63  ? -9.415  -7.501  4.735   1.00 34.99 ? 141 LEU A CD1 1 
ATOM   452 C CD2 . LEU A 1 63  ? -8.994  -7.148  7.185   1.00 32.50 ? 141 LEU A CD2 1 
ATOM   453 N N   . GLU A 1 64  ? -11.773 -3.136  7.913   1.00 30.72 ? 142 GLU A N   1 
ATOM   454 C CA  . GLU A 1 64  ? -12.441 -1.849  7.955   1.00 33.13 ? 142 GLU A CA  1 
ATOM   455 C C   . GLU A 1 64  ? -11.662 -0.777  7.199   1.00 35.13 ? 142 GLU A C   1 
ATOM   456 O O   . GLU A 1 64  ? -11.982 -0.459  6.055   1.00 39.73 ? 142 GLU A O   1 
ATOM   457 C CB  . GLU A 1 64  ? -12.684 -1.418  9.405   1.00 32.33 ? 142 GLU A CB  1 
ATOM   458 C CG  . GLU A 1 64  ? -13.780 -0.371  9.563   1.00 40.41 ? 142 GLU A CG  1 
ATOM   459 C CD  . GLU A 1 64  ? -15.162 -0.924  9.244   1.00 50.69 ? 142 GLU A CD  1 
ATOM   460 O OE1 . GLU A 1 64  ? -15.611 -1.849  9.955   1.00 47.60 ? 142 GLU A OE1 1 
ATOM   461 O OE2 . GLU A 1 64  ? -15.795 -0.438  8.281   1.00 52.01 ? 142 GLU A OE2 1 
ATOM   462 N N   . THR A 1 65  ? -10.642 -0.223  7.842   1.00 24.86 ? 143 THR A N   1 
ATOM   463 C CA  . THR A 1 65  ? -9.895  0.898   7.279   1.00 23.22 ? 143 THR A CA  1 
ATOM   464 C C   . THR A 1 65  ? -8.461  0.473   6.979   1.00 23.83 ? 143 THR A C   1 
ATOM   465 O O   . THR A 1 65  ? -7.921  -0.401  7.646   1.00 19.23 ? 143 THR A O   1 
ATOM   466 C CB  . THR A 1 65  ? -9.870  2.086   8.248   1.00 25.47 ? 143 THR A CB  1 
ATOM   467 O OG1 . THR A 1 65  ? -9.018  1.788   9.364   1.00 29.26 ? 143 THR A OG1 1 
ATOM   468 C CG2 . THR A 1 65  ? -11.280 2.382   8.765   1.00 29.92 ? 143 THR A CG2 1 
ATOM   469 N N   . LEU A 1 66  ? -7.844  1.095   5.981   1.00 21.59 ? 144 LEU A N   1 
ATOM   470 C CA  . LEU A 1 66  ? -6.437  0.838   5.715   1.00 19.89 ? 144 LEU A CA  1 
ATOM   471 C C   . LEU A 1 66  ? -5.587  1.663   6.671   1.00 19.86 ? 144 LEU A C   1 
ATOM   472 O O   . LEU A 1 66  ? -5.751  2.884   6.746   1.00 21.88 ? 144 LEU A O   1 
ATOM   473 C CB  . LEU A 1 66  ? -6.104  1.208   4.275   1.00 20.85 ? 144 LEU A CB  1 
ATOM   474 C CG  . LEU A 1 66  ? -4.632  1.058   3.912   1.00 17.79 ? 144 LEU A CG  1 
ATOM   475 C CD1 . LEU A 1 66  ? -4.262  -0.412  3.835   1.00 18.86 ? 144 LEU A CD1 1 
ATOM   476 C CD2 . LEU A 1 66  ? -4.362  1.744   2.575   1.00 22.09 ? 144 LEU A CD2 1 
ATOM   477 N N   . ILE A 1 67  ? -4.677  1.012   7.396   1.00 17.50 ? 145 ILE A N   1 
ATOM   478 C CA  . ILE A 1 67  ? -3.706  1.734   8.219   1.00 16.81 ? 145 ILE A CA  1 
ATOM   479 C C   . ILE A 1 67  ? -2.462  2.094   7.407   1.00 18.87 ? 145 ILE A C   1 
ATOM   480 O O   . ILE A 1 67  ? -1.958  3.237   7.435   1.00 16.26 ? 145 ILE A O   1 
ATOM   481 C CB  . ILE A 1 67  ? -3.269  0.899   9.449   1.00 15.77 ? 145 ILE A CB  1 
ATOM   482 C CG1 . ILE A 1 67  ? -4.488  0.399   10.223  1.00 22.49 ? 145 ILE A CG1 1 
ATOM   483 C CG2 . ILE A 1 67  ? -2.349  1.729   10.364  1.00 16.57 ? 145 ILE A CG2 1 
ATOM   484 C CD1 . ILE A 1 67  ? -5.252  1.510   10.872  1.00 25.72 ? 145 ILE A CD1 1 
ATOM   485 N N   . LEU A 1 68  ? -1.959  1.108   6.678   1.00 15.74 ? 146 LEU A N   1 
ATOM   486 C CA  . LEU A 1 68  ? -0.726  1.290   5.924   1.00 16.64 ? 146 LEU A CA  1 
ATOM   487 C C   . LEU A 1 68  ? -0.609  0.226   4.849   1.00 16.24 ? 146 LEU A C   1 
ATOM   488 O O   . LEU A 1 68  ? -0.904  -0.939  5.095   1.00 17.78 ? 146 LEU A O   1 
ATOM   489 C CB  . LEU A 1 68  ? 0.492   1.208   6.861   1.00 17.12 ? 146 LEU A CB  1 
ATOM   490 C CG  . LEU A 1 68  ? 1.887   1.361   6.228   1.00 16.69 ? 146 LEU A CG  1 
ATOM   491 C CD1 . LEU A 1 68  ? 2.096   2.800   5.743   1.00 18.24 ? 146 LEU A CD1 1 
ATOM   492 C CD2 . LEU A 1 68  ? 2.976   0.978   7.229   1.00 20.30 ? 146 LEU A CD2 1 
ATOM   493 N N   . LEU A 1 69  ? -0.175  0.635   3.662   1.00 15.46 ? 147 LEU A N   1 
ATOM   494 C CA  . LEU A 1 69  ? 0.173   -0.307  2.594   1.00 16.36 ? 147 LEU A CA  1 
ATOM   495 C C   . LEU A 1 69  ? 1.582   -0.006  2.098   1.00 17.14 ? 147 LEU A C   1 
ATOM   496 O O   . LEU A 1 69  ? 1.907   1.148   1.834   1.00 18.13 ? 147 LEU A O   1 
ATOM   497 C CB  . LEU A 1 69  ? -0.840  -0.223  1.440   1.00 17.17 ? 147 LEU A CB  1 
ATOM   498 C CG  . LEU A 1 69  ? -0.586  -1.150  0.243   1.00 19.18 ? 147 LEU A CG  1 
ATOM   499 C CD1 . LEU A 1 69  ? -1.855  -1.442  -0.512  1.00 17.91 ? 147 LEU A CD1 1 
ATOM   500 C CD2 . LEU A 1 69  ? 0.490   -0.581  -0.688  1.00 16.20 ? 147 LEU A CD2 1 
ATOM   501 N N   . ARG A 1 70  ? 2.432   -1.030  1.989   1.00 16.38 ? 148 ARG A N   1 
ATOM   502 C CA  . ARG A 1 70  ? 3.743   -0.828  1.369   1.00 13.92 ? 148 ARG A CA  1 
ATOM   503 C C   . ARG A 1 70  ? 3.976   -1.842  0.245   1.00 16.28 ? 148 ARG A C   1 
ATOM   504 O O   . ARG A 1 70  ? 3.527   -2.974  0.344   1.00 16.63 ? 148 ARG A O   1 
ATOM   505 C CB  . ARG A 1 70  ? 4.860   -0.911  2.416   1.00 15.20 ? 148 ARG A CB  1 
ATOM   506 C CG  . ARG A 1 70  ? 4.939   0.339   3.259   1.00 19.18 ? 148 ARG A CG  1 
ATOM   507 C CD  . ARG A 1 70  ? 5.994   0.290   4.345   1.00 22.13 ? 148 ARG A CD  1 
ATOM   508 N NE  . ARG A 1 70  ? 6.241   1.653   4.803   1.00 20.14 ? 148 ARG A NE  1 
ATOM   509 C CZ  . ARG A 1 70  ? 7.124   1.998   5.735   1.00 23.94 ? 148 ARG A CZ  1 
ATOM   510 N NH1 . ARG A 1 70  ? 7.856   1.072   6.348   1.00 18.88 ? 148 ARG A NH1 1 
ATOM   511 N NH2 . ARG A 1 70  ? 7.268   3.283   6.056   1.00 21.70 ? 148 ARG A NH2 1 
ATOM   512 N N   . ALA A 1 71  ? 4.674   -1.410  -0.810  1.00 17.17 ? 149 ALA A N   1 
ATOM   513 C CA  . ALA A 1 71  ? 5.049   -2.270  -1.927  1.00 16.74 ? 149 ALA A CA  1 
ATOM   514 C C   . ALA A 1 71  ? 6.499   -2.691  -1.753  1.00 16.98 ? 149 ALA A C   1 
ATOM   515 O O   . ALA A 1 71  ? 7.366   -1.840  -1.556  1.00 19.24 ? 149 ALA A O   1 
ATOM   516 C CB  . ALA A 1 71  ? 4.890   -1.531  -3.236  1.00 14.02 ? 149 ALA A CB  1 
ATOM   517 N N   . PHE A 1 72  ? 6.753   -3.996  -1.841  1.00 17.78 ? 150 PHE A N   1 
ATOM   518 C CA  . PHE A 1 72  ? 8.081   -4.548  -1.583  1.00 21.12 ? 150 PHE A CA  1 
ATOM   519 C C   . PHE A 1 72  ? 8.584   -5.321  -2.792  1.00 21.45 ? 150 PHE A C   1 
ATOM   520 O O   . PHE A 1 72  ? 7.820   -6.021  -3.429  1.00 18.33 ? 150 PHE A O   1 
ATOM   521 C CB  . PHE A 1 72  ? 8.026   -5.526  -0.400  1.00 18.79 ? 150 PHE A CB  1 
ATOM   522 C CG  . PHE A 1 72  ? 7.700   -4.875  0.917   1.00 18.82 ? 150 PHE A CG  1 
ATOM   523 C CD1 . PHE A 1 72  ? 8.708   -4.471  1.767   1.00 20.24 ? 150 PHE A CD1 1 
ATOM   524 C CD2 . PHE A 1 72  ? 6.383   -4.683  1.306   1.00 18.51 ? 150 PHE A CD2 1 
ATOM   525 C CE1 . PHE A 1 72  ? 8.406   -3.876  2.997   1.00 20.16 ? 150 PHE A CE1 1 
ATOM   526 C CE2 . PHE A 1 72  ? 6.071   -4.079  2.528   1.00 16.72 ? 150 PHE A CE2 1 
ATOM   527 C CZ  . PHE A 1 72  ? 7.085   -3.674  3.365   1.00 17.72 ? 150 PHE A CZ  1 
ATOM   528 N N   . THR A 1 73  ? 9.875   -5.220  -3.090  1.00 19.14 ? 151 THR A N   1 
ATOM   529 C CA  . THR A 1 73  ? 10.489  -6.145  -4.040  1.00 23.37 ? 151 THR A CA  1 
ATOM   530 C C   . THR A 1 73  ? 10.638  -7.502  -3.360  1.00 25.80 ? 151 THR A C   1 
ATOM   531 O O   . THR A 1 73  ? 10.463  -7.600  -2.152  1.00 24.31 ? 151 THR A O   1 
ATOM   532 C CB  . THR A 1 73  ? 11.859  -5.653  -4.495  1.00 23.88 ? 151 THR A CB  1 
ATOM   533 O OG1 . THR A 1 73  ? 12.728  -5.590  -3.357  1.00 22.71 ? 151 THR A OG1 1 
ATOM   534 C CG2 . THR A 1 73  ? 11.733  -4.254  -5.105  1.00 24.14 ? 151 THR A CG2 1 
ATOM   535 N N   . GLU A 1 74  ? 10.947  -8.553  -4.116  1.00 26.97 ? 152 GLU A N   1 
ATOM   536 C CA  . GLU A 1 74  ? 11.043  -9.888  -3.499  1.00 30.29 ? 152 GLU A CA  1 
ATOM   537 C C   . GLU A 1 74  ? 12.174  -9.938  -2.475  1.00 28.85 ? 152 GLU A C   1 
ATOM   538 O O   . GLU A 1 74  ? 12.135  -10.742 -1.529  1.00 30.23 ? 152 GLU A O   1 
ATOM   539 C CB  . GLU A 1 74  ? 11.232  -11.007 -4.538  1.00 33.01 ? 152 GLU A CB  1 
ATOM   540 C CG  . GLU A 1 74  ? 11.156  -10.578 -5.992  1.00 38.30 ? 152 GLU A CG  1 
ATOM   541 C CD  . GLU A 1 74  ? 11.511  -11.710 -6.951  1.00 45.10 ? 152 GLU A CD  1 
ATOM   542 O OE1 . GLU A 1 74  ? 12.556  -11.604 -7.629  1.00 45.54 ? 152 GLU A OE1 1 
ATOM   543 O OE2 . GLU A 1 74  ? 10.746  -12.703 -7.030  1.00 46.12 ? 152 GLU A OE2 1 
ATOM   544 N N   . GLU A 1 75  ? 13.165  -9.067  -2.679  1.00 26.54 ? 153 GLU A N   1 
ATOM   545 C CA  . GLU A 1 75  ? 14.346  -8.949  -1.831  1.00 31.65 ? 153 GLU A CA  1 
ATOM   546 C C   . GLU A 1 75  ? 14.043  -8.215  -0.533  1.00 30.39 ? 153 GLU A C   1 
ATOM   547 O O   . GLU A 1 75  ? 14.873  -8.188  0.381   1.00 34.69 ? 153 GLU A O   1 
ATOM   548 C CB  . GLU A 1 75  ? 15.420  -8.133  -2.546  1.00 34.26 ? 153 GLU A CB  1 
ATOM   549 C CG  . GLU A 1 75  ? 16.050  -8.765  -3.760  1.00 39.35 ? 153 GLU A CG  1 
ATOM   550 C CD  . GLU A 1 75  ? 17.280  -7.983  -4.190  1.00 42.12 ? 153 GLU A CD  1 
ATOM   551 O OE1 . GLU A 1 75  ? 17.214  -6.732  -4.201  1.00 45.45 ? 153 GLU A OE1 1 
ATOM   552 O OE2 . GLU A 1 75  ? 18.319  -8.610  -4.484  1.00 47.98 ? 153 GLU A OE2 1 
ATOM   553 N N   . GLY A 1 76  ? 12.887  -7.562  -0.478  1.00 26.13 ? 154 GLY A N   1 
ATOM   554 C CA  . GLY A 1 76  ? 12.461  -6.881  0.729   1.00 25.77 ? 154 GLY A CA  1 
ATOM   555 C C   . GLY A 1 76  ? 12.550  -5.361  0.724   1.00 24.15 ? 154 GLY A C   1 
ATOM   556 O O   . GLY A 1 76  ? 12.293  -4.733  1.747   1.00 26.89 ? 154 GLY A O   1 
ATOM   557 N N   . ALA A 1 77  ? 12.904  -4.762  -0.409  1.00 24.04 ? 155 ALA A N   1 
ATOM   558 C CA  . ALA A 1 77  ? 13.032  -3.309  -0.491  1.00 21.73 ? 155 ALA A CA  1 
ATOM   559 C C   . ALA A 1 77  ? 11.672  -2.640  -0.716  1.00 26.33 ? 155 ALA A C   1 
ATOM   560 O O   . ALA A 1 77  ? 10.866  -3.139  -1.486  1.00 20.92 ? 155 ALA A O   1 
ATOM   561 C CB  . ALA A 1 77  ? 13.995  -2.927  -1.608  1.00 27.40 ? 155 ALA A CB  1 
ATOM   562 N N   . ILE A 1 78  ? 11.431  -1.519  -0.039  1.00 22.92 ? 156 ILE A N   1 
ATOM   563 C CA  . ILE A 1 78  ? 10.172  -0.779  -0.171  1.00 22.97 ? 156 ILE A CA  1 
ATOM   564 C C   . ILE A 1 78  ? 10.258  0.121   -1.378  1.00 21.51 ? 156 ILE A C   1 
ATOM   565 O O   . ILE A 1 78  ? 11.232  0.852   -1.527  1.00 25.92 ? 156 ILE A O   1 
ATOM   566 C CB  . ILE A 1 78  ? 9.933   0.124   1.052   1.00 23.15 ? 156 ILE A CB  1 
ATOM   567 C CG1 . ILE A 1 78  ? 9.789   -0.705  2.320   1.00 19.09 ? 156 ILE A CG1 1 
ATOM   568 C CG2 . ILE A 1 78  ? 8.709   1.019   0.845   1.00 22.95 ? 156 ILE A CG2 1 
ATOM   569 C CD1 . ILE A 1 78  ? 9.921   0.132   3.608   1.00 20.72 ? 156 ILE A CD1 1 
ATOM   570 N N   . VAL A 1 79  ? 9.252   0.073   -2.248  1.00 18.26 ? 157 VAL A N   1 
ATOM   571 C CA  . VAL A 1 79  ? 9.263   0.901   -3.444  1.00 20.68 ? 157 VAL A CA  1 
ATOM   572 C C   . VAL A 1 79  ? 7.973   1.691   -3.617  1.00 20.37 ? 157 VAL A C   1 
ATOM   573 O O   . VAL A 1 79  ? 7.778   2.377   -4.620  1.00 19.72 ? 157 VAL A O   1 
ATOM   574 C CB  . VAL A 1 79  ? 9.536   0.072   -4.702  1.00 21.29 ? 157 VAL A CB  1 
ATOM   575 C CG1 . VAL A 1 79  ? 10.887  -0.651  -4.563  1.00 20.76 ? 157 VAL A CG1 1 
ATOM   576 C CG2 . VAL A 1 79  ? 8.393   -0.916  -4.953  1.00 23.00 ? 157 VAL A CG2 1 
ATOM   577 N N   . GLY A 1 80  ? 7.089   1.609   -2.633  1.00 19.74 ? 158 GLY A N   1 
ATOM   578 C CA  . GLY A 1 80  ? 5.813   2.278   -2.768  1.00 21.70 ? 158 GLY A CA  1 
ATOM   579 C C   . GLY A 1 80  ? 5.049   2.220   -1.467  1.00 18.75 ? 158 GLY A C   1 
ATOM   580 O O   . GLY A 1 80  ? 5.336   1.383   -0.618  1.00 18.37 ? 158 GLY A O   1 
ATOM   581 N N   . GLU A 1 81  ? 4.074   3.111   -1.319  1.00 18.27 ? 159 GLU A N   1 
ATOM   582 C CA  . GLU A 1 81  ? 3.374   3.254   -0.055  1.00 18.29 ? 159 GLU A CA  1 
ATOM   583 C C   . GLU A 1 81  ? 2.051   3.979   -0.239  1.00 19.26 ? 159 GLU A C   1 
ATOM   584 O O   . GLU A 1 81  ? 1.949   4.949   -1.010  1.00 18.34 ? 159 GLU A O   1 
ATOM   585 C CB  . GLU A 1 81  ? 4.236   4.044   0.926   1.00 19.84 ? 159 GLU A CB  1 
ATOM   586 C CG  . GLU A 1 81  ? 3.681   4.140   2.334   1.00 18.56 ? 159 GLU A CG  1 
ATOM   587 C CD  . GLU A 1 81  ? 4.665   4.820   3.266   1.00 26.21 ? 159 GLU A CD  1 
ATOM   588 O OE1 . GLU A 1 81  ? 4.654   6.063   3.342   1.00 34.40 ? 159 GLU A OE1 1 
ATOM   589 O OE2 . GLU A 1 81  ? 5.470   4.116   3.896   1.00 25.86 ? 159 GLU A OE2 1 
ATOM   590 N N   . ILE A 1 82  ? 1.048   3.520   0.496   1.00 17.34 ? 160 ILE A N   1 
ATOM   591 C CA  . ILE A 1 82  ? -0.227  4.221   0.561   1.00 18.13 ? 160 ILE A CA  1 
ATOM   592 C C   . ILE A 1 82  ? -0.568  4.365   2.026   1.00 22.13 ? 160 ILE A C   1 
ATOM   593 O O   . ILE A 1 82  ? -0.525  3.387   2.788   1.00 18.48 ? 160 ILE A O   1 
ATOM   594 C CB  . ILE A 1 82  ? -1.364  3.448   -0.145  1.00 15.54 ? 160 ILE A CB  1 
ATOM   595 C CG1 . ILE A 1 82  ? -1.070  3.271   -1.631  1.00 16.35 ? 160 ILE A CG1 1 
ATOM   596 C CG2 . ILE A 1 82  ? -2.691  4.194   0.023   1.00 17.46 ? 160 ILE A CG2 1 
ATOM   597 C CD1 . ILE A 1 82  ? -2.136  2.411   -2.360  1.00 18.46 ? 160 ILE A CD1 1 
ATOM   598 N N   . SER A 1 83  ? -0.898  5.588   2.432   1.00 17.43 ? 161 SER A N   1 
ATOM   599 C CA  . SER A 1 83  ? -1.214  5.856   3.826   1.00 20.38 ? 161 SER A CA  1 
ATOM   600 C C   . SER A 1 83  ? -2.298  6.918   3.882   1.00 19.96 ? 161 SER A C   1 
ATOM   601 O O   . SER A 1 83  ? -2.417  7.731   2.972   1.00 20.82 ? 161 SER A O   1 
ATOM   602 C CB  . SER A 1 83  ? 0.034   6.343   4.555   1.00 26.01 ? 161 SER A CB  1 
ATOM   603 O OG  . SER A 1 83  ? 0.599   7.444   3.865   1.00 28.43 ? 161 SER A OG  1 
ATOM   604 N N   . PRO A 1 84  ? -3.101  6.908   4.949   1.00 24.05 ? 162 PRO A N   1 
ATOM   605 C CA  . PRO A 1 84  ? -4.097  7.965   5.127   1.00 22.54 ? 162 PRO A CA  1 
ATOM   606 C C   . PRO A 1 84  ? -3.407  9.314   5.297   1.00 24.22 ? 162 PRO A C   1 
ATOM   607 O O   . PRO A 1 84  ? -2.266  9.371   5.781   1.00 18.55 ? 162 PRO A O   1 
ATOM   608 C CB  . PRO A 1 84  ? -4.785  7.573   6.440   1.00 22.48 ? 162 PRO A CB  1 
ATOM   609 C CG  . PRO A 1 84  ? -4.542  6.094   6.569   1.00 26.84 ? 162 PRO A CG  1 
ATOM   610 C CD  . PRO A 1 84  ? -3.166  5.903   6.023   1.00 26.11 ? 162 PRO A CD  1 
ATOM   611 N N   . LEU A 1 85  ? -4.086  10.384  4.897   1.00 23.14 ? 163 LEU A N   1 
ATOM   612 C CA  . LEU A 1 85  ? -3.563  11.721  5.111   1.00 24.89 ? 163 LEU A CA  1 
ATOM   613 C C   . LEU A 1 85  ? -3.412  11.935  6.607   1.00 28.72 ? 163 LEU A C   1 
ATOM   614 O O   . LEU A 1 85  ? -4.129  11.319  7.385   1.00 30.69 ? 163 LEU A O   1 
ATOM   615 C CB  . LEU A 1 85  ? -4.520  12.752  4.517   1.00 23.06 ? 163 LEU A CB  1 
ATOM   616 C CG  . LEU A 1 85  ? -4.552  12.754  2.995   1.00 25.03 ? 163 LEU A CG  1 
ATOM   617 C CD1 . LEU A 1 85  ? -5.476  13.834  2.484   1.00 23.75 ? 163 LEU A CD1 1 
ATOM   618 C CD2 . LEU A 1 85  ? -3.138  12.949  2.460   1.00 23.28 ? 163 LEU A CD2 1 
ATOM   619 N N   . PRO A 1 86  ? -2.462  12.794  7.014   1.00 29.43 ? 164 PRO A N   1 
ATOM   620 C CA  . PRO A 1 86  ? -2.191  13.103  8.424   1.00 34.29 ? 164 PRO A CA  1 
ATOM   621 C C   . PRO A 1 86  ? -3.444  13.558  9.156   1.00 41.20 ? 164 PRO A C   1 
ATOM   622 O O   . PRO A 1 86  ? -3.679  13.149  10.295  1.00 45.77 ? 164 PRO A O   1 
ATOM   623 C CB  . PRO A 1 86  ? -1.203  14.267  8.340   1.00 36.49 ? 164 PRO A CB  1 
ATOM   624 C CG  . PRO A 1 86  ? -0.514  14.081  7.043   1.00 35.10 ? 164 PRO A CG  1 
ATOM   625 C CD  . PRO A 1 86  ? -1.538  13.497  6.106   1.00 32.51 ? 164 PRO A CD  1 
ATOM   626 N N   . SER A 1 87  ? -4.238  14.400  8.506   1.00 38.69 ? 165 SER A N   1 
ATOM   627 C CA  . SER A 1 87  ? -5.518  14.822  9.057   1.00 42.31 ? 165 SER A CA  1 
ATOM   628 C C   . SER A 1 87  ? -6.319  13.575  9.421   1.00 45.73 ? 165 SER A C   1 
ATOM   629 O O   . SER A 1 87  ? -7.361  13.643  10.088  1.00 41.68 ? 165 SER A O   1 
ATOM   630 C CB  . SER A 1 87  ? -6.282  15.649  8.027   1.00 41.72 ? 165 SER A CB  1 
ATOM   631 O OG  . SER A 1 87  ? -5.543  16.782  7.610   1.00 38.23 ? 165 SER A OG  1 
ATOM   632 N N   . LEU A 1 88  ? -5.798  12.435  8.969   1.00 42.47 ? 166 LEU A N   1 
ATOM   633 C CA  . LEU A 1 88  ? -6.462  11.144  9.077   1.00 41.00 ? 166 LEU A CA  1 
ATOM   634 C C   . LEU A 1 88  ? -7.968  11.251  8.838   1.00 41.10 ? 166 LEU A C   1 
ATOM   635 O O   . LEU A 1 88  ? -8.763  10.833  9.675   1.00 47.03 ? 166 LEU A O   1 
ATOM   636 C CB  . LEU A 1 88  ? -6.106  10.460  10.404  1.00 45.54 ? 166 LEU A CB  1 
ATOM   637 C CG  . LEU A 1 88  ? -4.651  9.954   10.382  1.00 43.64 ? 166 LEU A CG  1 
ATOM   638 C CD1 . LEU A 1 88  ? -4.155  9.441   11.722  1.00 50.87 ? 166 LEU A CD1 1 
ATOM   639 C CD2 . LEU A 1 88  ? -4.497  8.874   9.338   1.00 41.71 ? 166 LEU A CD2 1 
ATOM   640 N N   . PRO A 1 89  ? -8.348  11.797  7.667   1.00 40.41 ? 167 PRO A N   1 
ATOM   641 C CA  . PRO A 1 89  ? -9.721  12.079  7.220   1.00 36.73 ? 167 PRO A CA  1 
ATOM   642 C C   . PRO A 1 89  ? -10.671 10.884  7.271   1.00 43.39 ? 167 PRO A C   1 
ATOM   643 O O   . PRO A 1 89  ? -11.878 11.072  7.434   1.00 50.53 ? 167 PRO A O   1 
ATOM   644 C CB  . PRO A 1 89  ? -9.535  12.529  5.760   1.00 36.61 ? 167 PRO A CB  1 
ATOM   645 C CG  . PRO A 1 89  ? -8.176  12.081  5.368   1.00 31.57 ? 167 PRO A CG  1 
ATOM   646 C CD  . PRO A 1 89  ? -7.365  12.131  6.623   1.00 34.78 ? 167 PRO A CD  1 
ATOM   647 N N   . GLY A 1 90  ? -10.158 9.670   7.125   1.00 41.91 ? 168 GLY A N   1 
ATOM   648 C CA  . GLY A 1 90  ? -11.039 8.514   7.101   1.00 40.29 ? 168 GLY A CA  1 
ATOM   649 C C   . GLY A 1 90  ? -11.554 8.267   5.699   1.00 33.60 ? 168 GLY A C   1 
ATOM   650 O O   . GLY A 1 90  ? -11.749 9.208   4.910   1.00 37.49 ? 168 GLY A O   1 
ATOM   651 N N   . HIS A 1 91  ? -11.797 7.001   5.376   1.00 29.91 ? 169 HIS A N   1 
ATOM   652 C CA  . HIS A 1 91  ? -11.990 6.647   3.985   1.00 24.82 ? 169 HIS A CA  1 
ATOM   653 C C   . HIS A 1 91  ? -12.892 5.447   3.799   1.00 24.87 ? 169 HIS A C   1 
ATOM   654 O O   . HIS A 1 91  ? -13.162 4.699   4.734   1.00 24.78 ? 169 HIS A O   1 
ATOM   655 C CB  . HIS A 1 91  ? -10.631 6.368   3.333   1.00 25.28 ? 169 HIS A CB  1 
ATOM   656 C CG  . HIS A 1 91  ? -9.833  5.318   4.042   1.00 24.43 ? 169 HIS A CG  1 
ATOM   657 N ND1 . HIS A 1 91  ? -8.689  5.607   4.758   1.00 28.53 ? 169 HIS A ND1 1 
ATOM   658 C CD2 . HIS A 1 91  ? -10.020 3.979   4.151   1.00 22.37 ? 169 HIS A CD2 1 
ATOM   659 C CE1 . HIS A 1 91  ? -8.205  4.492   5.277   1.00 25.99 ? 169 HIS A CE1 1 
ATOM   660 N NE2 . HIS A 1 91  ? -8.991  3.488   4.919   1.00 25.95 ? 169 HIS A NE2 1 
ATOM   661 N N   . THR A 1 92  ? -13.343 5.266   2.566   1.00 22.78 ? 170 THR A N   1 
ATOM   662 C CA  . THR A 1 92  ? -14.194 4.149   2.220   1.00 24.53 ? 170 THR A CA  1 
ATOM   663 C C   . THR A 1 92  ? -13.343 3.070   1.565   1.00 26.16 ? 170 THR A C   1 
ATOM   664 O O   . THR A 1 92  ? -12.181 3.296   1.227   1.00 23.08 ? 170 THR A O   1 
ATOM   665 C CB  . THR A 1 92  ? -15.253 4.589   1.217   1.00 26.54 ? 170 THR A CB  1 
ATOM   666 O OG1 . THR A 1 92  ? -14.596 5.078   0.040   1.00 23.94 ? 170 THR A OG1 1 
ATOM   667 C CG2 . THR A 1 92  ? -16.110 5.710   1.814   1.00 27.05 ? 170 THR A CG2 1 
ATOM   668 N N   . ALA A 1 93  ? -13.922 1.898   1.369   1.00 24.87 ? 171 ALA A N   1 
ATOM   669 C CA  . ALA A 1 93  ? -13.205 0.838   0.672   1.00 26.19 ? 171 ALA A CA  1 
ATOM   670 C C   . ALA A 1 93  ? -12.969 1.254   -0.769  1.00 22.76 ? 171 ALA A C   1 
ATOM   671 O O   . ALA A 1 93  ? -11.973 0.889   -1.381  1.00 20.92 ? 171 ALA A O   1 
ATOM   672 C CB  . ALA A 1 93  ? -13.975 -0.443  0.723   1.00 27.64 ? 171 ALA A CB  1 
ATOM   673 N N   . GLU A 1 94  ? -13.896 2.025   -1.319  1.00 22.83 ? 172 GLU A N   1 
ATOM   674 C CA  . GLU A 1 94  ? -13.720 2.509   -2.676  1.00 22.77 ? 172 GLU A CA  1 
ATOM   675 C C   . GLU A 1 94  ? -12.481 3.416   -2.803  1.00 23.01 ? 172 GLU A C   1 
ATOM   676 O O   . GLU A 1 94  ? -11.770 3.369   -3.815  1.00 23.51 ? 172 GLU A O   1 
ATOM   677 C CB  . GLU A 1 94  ? -15.000 3.199   -3.155  1.00 30.01 ? 172 GLU A CB  1 
ATOM   678 C CG  . GLU A 1 94  ? -16.149 2.214   -3.477  1.00 30.80 ? 172 GLU A CG  1 
ATOM   679 C CD  . GLU A 1 94  ? -17.052 1.874   -2.278  1.00 42.58 ? 172 GLU A CD  1 
ATOM   680 O OE1 . GLU A 1 94  ? -16.649 2.097   -1.112  1.00 37.53 ? 172 GLU A OE1 1 
ATOM   681 O OE2 . GLU A 1 94  ? -18.182 1.379   -2.511  1.00 43.27 ? 172 GLU A OE2 1 
ATOM   682 N N   . ASP A 1 95  ? -12.221 4.229   -1.781  1.00 21.52 ? 173 ASP A N   1 
ATOM   683 C CA  . ASP A 1 95  ? -11.031 5.098   -1.758  1.00 21.27 ? 173 ASP A CA  1 
ATOM   684 C C   . ASP A 1 95  ? -9.750  4.263   -1.788  1.00 19.82 ? 173 ASP A C   1 
ATOM   685 O O   . ASP A 1 95  ? -8.792  4.583   -2.488  1.00 22.91 ? 173 ASP A O   1 
ATOM   686 C CB  . ASP A 1 95  ? -11.007 5.945   -0.485  1.00 22.53 ? 173 ASP A CB  1 
ATOM   687 C CG  . ASP A 1 95  ? -12.054 7.049   -0.479  1.00 25.31 ? 173 ASP A CG  1 
ATOM   688 O OD1 . ASP A 1 95  ? -12.316 7.644   -1.544  1.00 21.81 ? 173 ASP A OD1 1 
ATOM   689 O OD2 . ASP A 1 95  ? -12.602 7.318   0.611   1.00 24.88 ? 173 ASP A OD2 1 
ATOM   690 N N   . VAL A 1 96  ? -9.742  3.208   -0.990  1.00 19.99 ? 174 VAL A N   1 
ATOM   691 C CA  . VAL A 1 96  ? -8.601  2.298   -0.909  1.00 18.64 ? 174 VAL A CA  1 
ATOM   692 C C   . VAL A 1 96  ? -8.376  1.605   -2.251  1.00 17.20 ? 174 VAL A C   1 
ATOM   693 O O   . VAL A 1 96  ? -7.269  1.576   -2.774  1.00 19.81 ? 174 VAL A O   1 
ATOM   694 C CB  . VAL A 1 96  ? -8.814  1.260   0.220   1.00 19.03 ? 174 VAL A CB  1 
ATOM   695 C CG1 . VAL A 1 96  ? -7.784  0.138   0.129   1.00 19.00 ? 174 VAL A CG1 1 
ATOM   696 C CG2 . VAL A 1 96  ? -8.745  1.958   1.603   1.00 19.97 ? 174 VAL A CG2 1 
ATOM   697 N N   . LYS A 1 97  ? -9.442  1.071   -2.834  1.00 17.28 ? 175 LYS A N   1 
ATOM   698 C CA  . LYS A 1 97  ? -9.325  0.415   -4.136  1.00 17.12 ? 175 LYS A CA  1 
ATOM   699 C C   . LYS A 1 97  ? -8.809  1.385   -5.200  1.00 21.68 ? 175 LYS A C   1 
ATOM   700 O O   . LYS A 1 97  ? -7.998  1.019   -6.036  1.00 21.47 ? 175 LYS A O   1 
ATOM   701 C CB  . LYS A 1 97  ? -10.662 -0.196  -4.560  1.00 20.07 ? 175 LYS A CB  1 
ATOM   702 C CG  . LYS A 1 97  ? -11.137 -1.297  -3.620  1.00 24.66 ? 175 LYS A CG  1 
ATOM   703 C CD  . LYS A 1 97  ? -12.549 -1.791  -3.980  1.00 32.53 ? 175 LYS A CD  1 
ATOM   704 C CE  . LYS A 1 97  ? -13.078 -2.740  -2.915  1.00 33.57 ? 175 LYS A CE  1 
ATOM   705 N NZ  . LYS A 1 97  ? -14.540 -3.003  -3.084  1.00 46.50 ? 175 LYS A NZ  1 
ATOM   706 N N   . ASN A 1 98  ? -9.268  2.628   -5.162  1.00 19.66 ? 176 ASN A N   1 
ATOM   707 C CA  . ASN A 1 98  ? -8.805  3.609   -6.135  1.00 20.58 ? 176 ASN A CA  1 
ATOM   708 C C   . ASN A 1 98  ? -7.307  3.881   -5.980  1.00 19.01 ? 176 ASN A C   1 
ATOM   709 O O   . ASN A 1 98  ? -6.568  3.897   -6.959  1.00 22.44 ? 176 ASN A O   1 
ATOM   710 C CB  . ASN A 1 98  ? -9.579  4.922   -6.018  1.00 26.92 ? 176 ASN A CB  1 
ATOM   711 C CG  . ASN A 1 98  ? -9.064  5.983   -6.980  1.00 28.73 ? 176 ASN A CG  1 
ATOM   712 O OD1 . ASN A 1 98  ? -9.262  5.887   -8.193  1.00 30.84 ? 176 ASN A OD1 1 
ATOM   713 N ND2 . ASN A 1 98  ? -8.396  6.996   -6.445  1.00 26.53 ? 176 ASN A ND2 1 
ATOM   714 N N   . ALA A 1 99  ? -6.876  4.100   -4.746  1.00 20.88 ? 177 ALA A N   1 
ATOM   715 C CA  . ALA A 1 99  ? -5.474  4.386   -4.462  1.00 20.15 ? 177 ALA A CA  1 
ATOM   716 C C   . ALA A 1 99  ? -4.570  3.211   -4.843  1.00 19.61 ? 177 ALA A C   1 
ATOM   717 O O   . ALA A 1 99  ? -3.478  3.406   -5.387  1.00 22.42 ? 177 ALA A O   1 
ATOM   718 C CB  . ALA A 1 99  ? -5.296  4.767   -2.992  1.00 19.49 ? 177 ALA A CB  1 
ATOM   719 N N   . VAL A 1 100 ? -5.017  1.991   -4.583  1.00 18.94 ? 178 VAL A N   1 
ATOM   720 C CA  . VAL A 1 100 ? -4.220  0.824   -4.987  1.00 21.48 ? 178 VAL A CA  1 
ATOM   721 C C   . VAL A 1 100 ? -4.087  0.722   -6.513  1.00 22.54 ? 178 VAL A C   1 
ATOM   722 O O   . VAL A 1 100 ? -3.030  0.374   -7.042  1.00 18.79 ? 178 VAL A O   1 
ATOM   723 C CB  . VAL A 1 100 ? -4.795  -0.496  -4.422  1.00 18.99 ? 178 VAL A CB  1 
ATOM   724 C CG1 . VAL A 1 100 ? -4.036  -1.696  -5.009  1.00 22.65 ? 178 VAL A CG1 1 
ATOM   725 C CG2 . VAL A 1 100 ? -4.687  -0.496  -2.922  1.00 18.00 ? 178 VAL A CG2 1 
ATOM   726 N N   . GLY A 1 101 ? -5.158  1.043   -7.230  1.00 20.19 ? 179 GLY A N   1 
ATOM   727 C CA  . GLY A 1 101 ? -5.128  0.956   -8.683  1.00 20.57 ? 179 GLY A CA  1 
ATOM   728 C C   . GLY A 1 101 ? -4.146  1.963   -9.249  1.00 21.39 ? 179 GLY A C   1 
ATOM   729 O O   . GLY A 1 101 ? -3.427  1.687   -10.206 1.00 22.65 ? 179 GLY A O   1 
ATOM   730 N N   . VAL A 1 102 ? -4.119  3.142   -8.643  1.00 21.52 ? 180 VAL A N   1 
ATOM   731 C CA  . VAL A 1 102 ? -3.175  4.186   -9.021  1.00 22.89 ? 180 VAL A CA  1 
ATOM   732 C C   . VAL A 1 102 ? -1.726  3.741   -8.802  1.00 21.50 ? 180 VAL A C   1 
ATOM   733 O O   . VAL A 1 102 ? -0.867  3.959   -9.653  1.00 23.06 ? 180 VAL A O   1 
ATOM   734 C CB  . VAL A 1 102 ? -3.443  5.486   -8.245  1.00 26.25 ? 180 VAL A CB  1 
ATOM   735 C CG1 . VAL A 1 102 ? -2.262  6.455   -8.399  1.00 21.84 ? 180 VAL A CG1 1 
ATOM   736 C CG2 . VAL A 1 102 ? -4.761  6.118   -8.710  1.00 23.97 ? 180 VAL A CG2 1 
ATOM   737 N N   . LEU A 1 103 ? -1.461  3.101   -7.669  1.00 19.98 ? 181 LEU A N   1 
ATOM   738 C CA  . LEU A 1 103 ? -0.114  2.631   -7.372  1.00 21.20 ? 181 LEU A CA  1 
ATOM   739 C C   . LEU A 1 103 ? 0.281   1.497   -8.308  1.00 21.30 ? 181 LEU A C   1 
ATOM   740 O O   . LEU A 1 103 ? 1.371   1.496   -8.861  1.00 19.30 ? 181 LEU A O   1 
ATOM   741 C CB  . LEU A 1 103 ? 0.000   2.166   -5.916  1.00 17.63 ? 181 LEU A CB  1 
ATOM   742 C CG  . LEU A 1 103 ? 1.334   1.545   -5.508  1.00 17.00 ? 181 LEU A CG  1 
ATOM   743 C CD1 . LEU A 1 103 ? 2.482   2.537   -5.758  1.00 19.18 ? 181 LEU A CD1 1 
ATOM   744 C CD2 . LEU A 1 103 ? 1.276   1.120   -4.034  1.00 17.18 ? 181 LEU A CD2 1 
ATOM   745 N N   . ILE A 1 104 ? -0.610  0.529   -8.482  1.00 17.99 ? 182 ILE A N   1 
ATOM   746 C CA  . ILE A 1 104 ? -0.342  -0.563  -9.407  1.00 19.28 ? 182 ILE A CA  1 
ATOM   747 C C   . ILE A 1 104 ? -0.092  -0.041  -10.815 1.00 20.60 ? 182 ILE A C   1 
ATOM   748 O O   . ILE A 1 104 ? 0.813   -0.508  -11.505 1.00 22.39 ? 182 ILE A O   1 
ATOM   749 C CB  . ILE A 1 104 ? -1.488  -1.603  -9.421  1.00 21.51 ? 182 ILE A CB  1 
ATOM   750 C CG1 . ILE A 1 104 ? -1.526  -2.352  -8.089  1.00 17.62 ? 182 ILE A CG1 1 
ATOM   751 C CG2 . ILE A 1 104 ? -1.296  -2.601  -10.562 1.00 22.38 ? 182 ILE A CG2 1 
ATOM   752 C CD1 . ILE A 1 104 ? -2.573  -3.443  -8.040  1.00 19.22 ? 182 ILE A CD1 1 
ATOM   753 N N   . GLY A 1 105 ? -0.888  0.937   -11.239 1.00 23.41 ? 183 GLY A N   1 
ATOM   754 C CA  . GLY A 1 105 ? -0.726  1.518   -12.562 1.00 23.83 ? 183 GLY A CA  1 
ATOM   755 C C   . GLY A 1 105 ? 0.640   2.147   -12.760 1.00 26.04 ? 183 GLY A C   1 
ATOM   756 O O   . GLY A 1 105 ? 1.310   1.913   -13.771 1.00 26.58 ? 183 GLY A O   1 
ATOM   757 N N   . GLY A 1 106 ? 1.072   2.943   -11.788 1.00 24.45 ? 184 GLY A N   1 
ATOM   758 C CA  . GLY A 1 106 ? 2.369   3.594   -11.880 1.00 24.54 ? 184 GLY A CA  1 
ATOM   759 C C   . GLY A 1 106 ? 3.537   2.613   -11.913 1.00 27.98 ? 184 GLY A C   1 
ATOM   760 O O   . GLY A 1 106 ? 4.474   2.767   -12.706 1.00 27.23 ? 184 GLY A O   1 
ATOM   761 N N   . LEU A 1 107 ? 3.477   1.602   -11.049 1.00 21.20 ? 185 LEU A N   1 
ATOM   762 C CA  . LEU A 1 107 ? 4.525   0.588   -10.968 1.00 24.29 ? 185 LEU A CA  1 
ATOM   763 C C   . LEU A 1 107 ? 4.616   -0.226  -12.248 1.00 25.04 ? 185 LEU A C   1 
ATOM   764 O O   . LEU A 1 107 ? 5.715   -0.512  -12.732 1.00 24.87 ? 185 LEU A O   1 
ATOM   765 C CB  . LEU A 1 107 ? 4.293   -0.342  -9.765  1.00 22.17 ? 185 LEU A CB  1 
ATOM   766 C CG  . LEU A 1 107 ? 4.578   0.294   -8.394  1.00 22.36 ? 185 LEU A CG  1 
ATOM   767 C CD1 . LEU A 1 107 ? 4.114   -0.586  -7.221  1.00 20.80 ? 185 LEU A CD1 1 
ATOM   768 C CD2 . LEU A 1 107 ? 6.046   0.651   -8.251  1.00 21.48 ? 185 LEU A CD2 1 
ATOM   769 N N   . GLU A 1 108 ? 3.456   -0.596  -12.789 1.00 23.70 ? 186 GLU A N   1 
ATOM   770 C CA  . GLU A 1 108 ? 3.389   -1.385  -14.009 1.00 25.21 ? 186 GLU A CA  1 
ATOM   771 C C   . GLU A 1 108 ? 3.809   -0.581  -15.238 1.00 28.34 ? 186 GLU A C   1 
ATOM   772 O O   . GLU A 1 108 ? 4.294   -1.147  -16.217 1.00 27.50 ? 186 GLU A O   1 
ATOM   773 C CB  . GLU A 1 108 ? 1.984   -1.967  -14.202 1.00 27.80 ? 186 GLU A CB  1 
ATOM   774 C CG  . GLU A 1 108 ? 1.688   -3.128  -13.279 1.00 27.85 ? 186 GLU A CG  1 
ATOM   775 C CD  . GLU A 1 108 ? 0.334   -3.767  -13.528 1.00 32.95 ? 186 GLU A CD  1 
ATOM   776 O OE1 . GLU A 1 108 ? -0.495  -3.179  -14.258 1.00 36.22 ? 186 GLU A OE1 1 
ATOM   777 O OE2 . GLU A 1 108 ? 0.096   -4.860  -12.984 1.00 34.33 ? 186 GLU A OE2 1 
ATOM   778 N N   . ALA A 1 109 ? 3.626   0.738   -15.182 1.00 30.07 ? 187 ALA A N   1 
ATOM   779 C CA  . ALA A 1 109 ? 4.058   1.603   -16.276 1.00 32.23 ? 187 ALA A CA  1 
ATOM   780 C C   . ALA A 1 109 ? 5.578   1.606   -16.351 1.00 30.53 ? 187 ALA A C   1 
ATOM   781 O O   . ALA A 1 109 ? 6.160   1.823   -17.422 1.00 27.92 ? 187 ALA A O   1 
ATOM   782 C CB  . ALA A 1 109 ? 3.523   3.022   -16.099 1.00 28.94 ? 187 ALA A CB  1 
ATOM   783 N N   . ASN A 1 110 ? 6.216   1.355   -15.208 1.00 28.11 ? 188 ASN A N   1 
ATOM   784 C CA  . ASN A 1 110 ? 7.672   1.248   -15.134 1.00 27.66 ? 188 ASN A CA  1 
ATOM   785 C C   . ASN A 1 110 ? 8.156   -0.187  -15.274 1.00 29.31 ? 188 ASN A C   1 
ATOM   786 O O   . ASN A 1 110 ? 9.264   -0.522  -14.861 1.00 29.35 ? 188 ASN A O   1 
ATOM   787 C CB  . ASN A 1 110 ? 8.220   1.873   -13.848 1.00 27.00 ? 188 ASN A CB  1 
ATOM   788 C CG  . ASN A 1 110 ? 8.091   3.381   -13.833 1.00 34.65 ? 188 ASN A CG  1 
ATOM   789 O OD1 . ASN A 1 110 ? 8.076   4.003   -12.769 1.00 35.35 ? 188 ASN A OD1 1 
ATOM   790 N ND2 . ASN A 1 110 ? 7.977   3.978   -15.012 1.00 30.79 ? 188 ASN A ND2 1 
ATOM   791 N N   . ASP A 1 111 ? 7.302   -1.039  -15.837 1.00 26.53 ? 189 ASP A N   1 
ATOM   792 C CA  . ASP A 1 111 ? 7.718   -2.370  -16.263 1.00 29.20 ? 189 ASP A CA  1 
ATOM   793 C C   . ASP A 1 111 ? 7.934   -3.341  -15.110 1.00 26.85 ? 189 ASP A C   1 
ATOM   794 O O   . ASP A 1 111 ? 8.693   -4.302  -15.238 1.00 28.71 ? 189 ASP A O   1 
ATOM   795 C CB  . ASP A 1 111 ? 8.988   -2.267  -17.122 1.00 30.52 ? 189 ASP A CB  1 
ATOM   796 C CG  . ASP A 1 111 ? 8.752   -1.512  -18.419 1.00 30.94 ? 189 ASP A CG  1 
ATOM   797 O OD1 . ASP A 1 111 ? 7.719   -1.773  -19.069 1.00 30.93 ? 189 ASP A OD1 1 
ATOM   798 O OD2 . ASP A 1 111 ? 9.587   -0.650  -18.783 1.00 32.23 ? 189 ASP A OD2 1 
ATOM   799 N N   . ASN A 1 112 ? 7.279   -3.085  -13.980 1.00 26.99 ? 190 ASN A N   1 
ATOM   800 C CA  . ASN A 1 112 ? 7.303   -4.015  -12.860 1.00 23.64 ? 190 ASN A CA  1 
ATOM   801 C C   . ASN A 1 112 ? 6.117   -4.980  -12.887 1.00 23.10 ? 190 ASN A C   1 
ATOM   802 O O   . ASN A 1 112 ? 5.062   -4.664  -13.425 1.00 26.46 ? 190 ASN A O   1 
ATOM   803 C CB  . ASN A 1 112 ? 7.310   -3.262  -11.529 1.00 23.75 ? 190 ASN A CB  1 
ATOM   804 C CG  . ASN A 1 112 ? 8.497   -2.343  -11.394 1.00 20.22 ? 190 ASN A CG  1 
ATOM   805 O OD1 . ASN A 1 112 ? 9.637   -2.788  -11.299 1.00 24.19 ? 190 ASN A OD1 1 
ATOM   806 N ND2 . ASN A 1 112 ? 8.237   -1.055  -11.397 1.00 20.42 ? 190 ASN A ND2 1 
ATOM   807 N N   . THR A 1 113 ? 6.298   -6.156  -12.300 1.00 23.45 ? 191 THR A N   1 
ATOM   808 C CA  . THR A 1 113 ? 5.197   -7.095  -12.134 1.00 28.35 ? 191 THR A CA  1 
ATOM   809 C C   . THR A 1 113 ? 4.665   -6.954  -10.706 1.00 24.61 ? 191 THR A C   1 
ATOM   810 O O   . THR A 1 113 ? 5.403   -7.141  -9.744  1.00 29.18 ? 191 THR A O   1 
ATOM   811 C CB  . THR A 1 113 ? 5.661   -8.532  -12.412 1.00 32.61 ? 191 THR A CB  1 
ATOM   812 O OG1 . THR A 1 113 ? 6.304   -8.570  -13.692 1.00 34.41 ? 191 THR A OG1 1 
ATOM   813 C CG2 . THR A 1 113 ? 4.488   -9.502  -12.403 1.00 30.74 ? 191 THR A CG2 1 
ATOM   814 N N   . VAL A 1 114 ? 3.397   -6.590  -10.579 1.00 23.81 ? 192 VAL A N   1 
ATOM   815 C CA  . VAL A 1 114 ? 2.809   -6.304  -9.271  1.00 24.77 ? 192 VAL A CA  1 
ATOM   816 C C   . VAL A 1 114 ? 1.745   -7.342  -8.915  1.00 26.04 ? 192 VAL A C   1 
ATOM   817 O O   . VAL A 1 114 ? 0.817   -7.594  -9.690  1.00 25.96 ? 192 VAL A O   1 
ATOM   818 C CB  . VAL A 1 114 ? 2.158   -4.899  -9.233  1.00 24.63 ? 192 VAL A CB  1 
ATOM   819 C CG1 . VAL A 1 114 ? 1.666   -4.565  -7.818  1.00 24.74 ? 192 VAL A CG1 1 
ATOM   820 C CG2 . VAL A 1 114 ? 3.127   -3.832  -9.738  1.00 24.32 ? 192 VAL A CG2 1 
ATOM   821 N N   . ARG A 1 115 ? 1.894   -7.950  -7.744  1.00 22.72 ? 193 ARG A N   1 
ATOM   822 C CA  . ARG A 1 115 ? 0.845   -8.788  -7.178  1.00 25.28 ? 193 ARG A CA  1 
ATOM   823 C C   . ARG A 1 115 ? 0.455   -8.249  -5.807  1.00 23.66 ? 193 ARG A C   1 
ATOM   824 O O   . ARG A 1 115 ? 1.183   -7.450  -5.221  1.00 19.95 ? 193 ARG A O   1 
ATOM   825 C CB  . ARG A 1 115 ? 1.305   -10.249 -7.085  1.00 28.76 ? 193 ARG A CB  1 
ATOM   826 C CG  . ARG A 1 115 ? 1.694   -10.857 -8.441  1.00 36.91 ? 193 ARG A CG  1 
ATOM   827 C CD  . ARG A 1 115 ? 2.261   -12.265 -8.293  1.00 46.31 ? 193 ARG A CD  1 
ATOM   828 N NE  . ARG A 1 115 ? 2.408   -12.938 -9.583  1.00 55.07 ? 193 ARG A NE  1 
ATOM   829 C CZ  . ARG A 1 115 ? 2.576   -14.251 -9.731  1.00 62.08 ? 193 ARG A CZ  1 
ATOM   830 N NH1 . ARG A 1 115 ? 2.616   -15.045 -8.666  1.00 60.94 ? 193 ARG A NH1 1 
ATOM   831 N NH2 . ARG A 1 115 ? 2.697   -14.776 -10.946 1.00 62.71 ? 193 ARG A NH2 1 
ATOM   832 N N   . VAL A 1 116 ? -0.703  -8.671  -5.310  1.00 22.25 ? 194 VAL A N   1 
ATOM   833 C CA  . VAL A 1 116 ? -1.176  -8.232  -4.001  1.00 23.56 ? 194 VAL A CA  1 
ATOM   834 C C   . VAL A 1 116 ? -1.305  -9.412  -3.048  1.00 21.31 ? 194 VAL A C   1 
ATOM   835 O O   . VAL A 1 116 ? -1.511  -10.541 -3.465  1.00 20.60 ? 194 VAL A O   1 
ATOM   836 C CB  . VAL A 1 116 ? -2.530  -7.482  -4.097  1.00 22.03 ? 194 VAL A CB  1 
ATOM   837 C CG1 . VAL A 1 116 ? -2.428  -6.353  -5.109  1.00 23.11 ? 194 VAL A CG1 1 
ATOM   838 C CG2 . VAL A 1 116 ? -3.654  -8.442  -4.478  1.00 24.45 ? 194 VAL A CG2 1 
ATOM   839 N N   . SER A 1 117 ? -1.184  -9.128  -1.760  1.00 21.76 ? 195 SER A N   1 
ATOM   840 C CA  . SER A 1 117 ? -1.309  -10.128 -0.718  1.00 21.41 ? 195 SER A CA  1 
ATOM   841 C C   . SER A 1 117 ? -2.694  -10.742 -0.662  1.00 25.88 ? 195 SER A C   1 
ATOM   842 O O   . SER A 1 117 ? -3.654  -10.210 -1.214  1.00 24.66 ? 195 SER A O   1 
ATOM   843 C CB  . SER A 1 117 ? -1.046  -9.488  0.637   1.00 21.81 ? 195 SER A CB  1 
ATOM   844 O OG  . SER A 1 117 ? -2.141  -8.649  0.973   1.00 19.08 ? 195 SER A OG  1 
ATOM   845 N N   . GLU A 1 118 ? -2.785  -11.856 0.054   1.00 27.39 ? 196 GLU A N   1 
ATOM   846 C CA  . GLU A 1 118 ? -4.064  -12.506 0.318   1.00 31.62 ? 196 GLU A CA  1 
ATOM   847 C C   . GLU A 1 118 ? -5.036  -11.550 0.998   1.00 27.06 ? 196 GLU A C   1 
ATOM   848 O O   . GLU A 1 118 ? -6.224  -11.543 0.702   1.00 28.88 ? 196 GLU A O   1 
ATOM   849 C CB  . GLU A 1 118 ? -3.847  -13.717 1.218   1.00 30.49 ? 196 GLU A CB  1 
ATOM   850 C CG  . GLU A 1 118 ? -2.890  -14.743 0.652   1.00 42.11 ? 196 GLU A CG  1 
ATOM   851 C CD  . GLU A 1 118 ? -2.929  -16.044 1.425   1.00 51.47 ? 196 GLU A CD  1 
ATOM   852 O OE1 . GLU A 1 118 ? -3.463  -16.041 2.560   1.00 47.11 ? 196 GLU A OE1 1 
ATOM   853 O OE2 . GLU A 1 118 ? -2.439  -17.067 0.893   1.00 59.27 ? 196 GLU A OE2 1 
ATOM   854 N N   . THR A 1 119 ? -4.523  -10.735 1.912   1.00 25.55 ? 197 THR A N   1 
ATOM   855 C CA  . THR A 1 119 ? -5.366  -9.771  2.612   1.00 23.64 ? 197 THR A CA  1 
ATOM   856 C C   . THR A 1 119 ? -6.009  -8.787  1.626   1.00 25.92 ? 197 THR A C   1 
ATOM   857 O O   . THR A 1 119 ? -7.205  -8.490  1.714   1.00 27.60 ? 197 THR A O   1 
ATOM   858 C CB  . THR A 1 119 ? -4.568  -9.036  3.699   1.00 24.55 ? 197 THR A CB  1 
ATOM   859 O OG1 . THR A 1 119 ? -3.885  -10.003 4.512   1.00 26.39 ? 197 THR A OG1 1 
ATOM   860 C CG2 . THR A 1 119 ? -5.489  -8.193  4.588   1.00 24.81 ? 197 THR A CG2 1 
ATOM   861 N N   . LEU A 1 120 ? -5.227  -8.307  0.663   1.00 24.80 ? 198 LEU A N   1 
ATOM   862 C CA  . LEU A 1 120 ? -5.732  -7.341  -0.307  1.00 23.54 ? 198 LEU A CA  1 
ATOM   863 C C   . LEU A 1 120 ? -6.646  -7.985  -1.347  1.00 26.78 ? 198 LEU A C   1 
ATOM   864 O O   . LEU A 1 120 ? -7.638  -7.377  -1.762  1.00 26.04 ? 198 LEU A O   1 
ATOM   865 C CB  . LEU A 1 120 ? -4.572  -6.600  -0.989  1.00 24.40 ? 198 LEU A CB  1 
ATOM   866 C CG  . LEU A 1 120 ? -3.913  -5.486  -0.162  1.00 20.40 ? 198 LEU A CG  1 
ATOM   867 C CD1 . LEU A 1 120 ? -2.521  -5.120  -0.712  1.00 18.34 ? 198 LEU A CD1 1 
ATOM   868 C CD2 . LEU A 1 120 ? -4.817  -4.249  -0.126  1.00 20.92 ? 198 LEU A CD2 1 
ATOM   869 N N   . GLN A 1 121 ? -6.299  -9.203  -1.765  1.00 27.96 ? 199 GLN A N   1 
ATOM   870 C CA  . GLN A 1 121 ? -7.130  -9.983  -2.683  1.00 31.31 ? 199 GLN A CA  1 
ATOM   871 C C   . GLN A 1 121 ? -8.536  -10.074 -2.119  1.00 32.36 ? 199 GLN A C   1 
ATOM   872 O O   . GLN A 1 121 ? -9.509  -9.810  -2.824  1.00 38.62 ? 199 GLN A O   1 
ATOM   873 C CB  . GLN A 1 121 ? -6.573  -11.400 -2.865  1.00 32.91 ? 199 GLN A CB  1 
ATOM   874 C CG  . GLN A 1 121 ? -5.256  -11.496 -3.619  1.00 31.49 ? 199 GLN A CG  1 
ATOM   875 C CD  . GLN A 1 121 ? -4.698  -12.920 -3.656  1.00 37.52 ? 199 GLN A CD  1 
ATOM   876 O OE1 . GLN A 1 121 ? -5.441  -13.894 -3.537  1.00 44.86 ? 199 GLN A OE1 1 
ATOM   877 N NE2 . GLN A 1 121 ? -3.385  -13.040 -3.812  1.00 35.96 ? 199 GLN A NE2 1 
ATOM   878 N N   . ARG A 1 122 ? -8.632  -10.447 -0.844  1.00 31.83 ? 200 ARG A N   1 
ATOM   879 C CA  . ARG A 1 122 ? -9.913  -10.551 -0.153  1.00 35.41 ? 200 ARG A CA  1 
ATOM   880 C C   . ARG A 1 122 ? -10.642 -9.214  -0.117  1.00 36.03 ? 200 ARG A C   1 
ATOM   881 O O   . ARG A 1 122 ? -11.846 -9.143  -0.363  1.00 41.01 ? 200 ARG A O   1 
ATOM   882 C CB  . ARG A 1 122 ? -9.716  -11.074 1.269   1.00 38.20 ? 200 ARG A CB  1 
ATOM   883 C CG  . ARG A 1 122 ? -10.850 -10.698 2.217   1.00 45.13 ? 200 ARG A CG  1 
ATOM   884 C CD  . ARG A 1 122 ? -11.104 -11.791 3.236   1.00 48.29 ? 200 ARG A CD  1 
ATOM   885 N NE  . ARG A 1 122 ? -11.574 -13.025 2.603   1.00 51.22 ? 200 ARG A NE  1 
ATOM   886 C CZ  . ARG A 1 122 ? -12.846 -13.416 2.569   1.00 47.35 ? 200 ARG A CZ  1 
ATOM   887 N NH1 . ARG A 1 122 ? -13.796 -12.679 3.135   1.00 50.99 ? 200 ARG A NH1 1 
ATOM   888 N NH2 . ARG A 1 122 ? -13.168 -14.553 1.968   1.00 51.20 ? 200 ARG A NH2 1 
ATOM   889 N N   . PHE A 1 123 ? -9.902  -8.154  0.177   1.00 34.15 ? 201 PHE A N   1 
ATOM   890 C CA  . PHE A 1 123 ? -10.462 -6.807  0.225   1.00 31.44 ? 201 PHE A CA  1 
ATOM   891 C C   . PHE A 1 123 ? -10.973 -6.355  -1.142  1.00 26.69 ? 201 PHE A C   1 
ATOM   892 O O   . PHE A 1 123 ? -11.874 -5.523  -1.231  1.00 30.79 ? 201 PHE A O   1 
ATOM   893 C CB  . PHE A 1 123 ? -9.408  -5.815  0.757   1.00 30.78 ? 201 PHE A CB  1 
ATOM   894 C CG  . PHE A 1 123 ? -9.968  -4.466  1.104   1.00 25.39 ? 201 PHE A CG  1 
ATOM   895 C CD1 . PHE A 1 123 ? -10.553 -4.245  2.344   1.00 27.69 ? 201 PHE A CD1 1 
ATOM   896 C CD2 . PHE A 1 123 ? -9.915  -3.427  0.199   1.00 26.80 ? 201 PHE A CD2 1 
ATOM   897 C CE1 . PHE A 1 123 ? -11.077 -3.003  2.678   1.00 30.65 ? 201 PHE A CE1 1 
ATOM   898 C CE2 . PHE A 1 123 ? -10.442 -2.180  0.522   1.00 25.92 ? 201 PHE A CE2 1 
ATOM   899 C CZ  . PHE A 1 123 ? -11.025 -1.972  1.761   1.00 25.23 ? 201 PHE A CZ  1 
ATOM   900 N N   . ALA A 1 124 ? -10.418 -6.916  -2.209  1.00 29.07 ? 202 ALA A N   1 
ATOM   901 C CA  . ALA A 1 124 ? -10.670 -6.410  -3.559  1.00 29.70 ? 202 ALA A CA  1 
ATOM   902 C C   . ALA A 1 124 ? -12.141 -6.490  -3.970  1.00 33.78 ? 202 ALA A C   1 
ATOM   903 O O   . ALA A 1 124 ? -12.595 -5.730  -4.825  1.00 33.87 ? 202 ALA A O   1 
ATOM   904 C CB  . ALA A 1 124 ? -9.785  -7.120  -4.581  1.00 32.22 ? 202 ALA A CB  1 
ATOM   905 N N   . TRP A 1 125 ? -12.882 -7.411  -3.360  1.00 31.85 ? 203 TRP A N   1 
ATOM   906 C CA  . TRP A 1 125 ? -14.314 -7.525  -3.628  1.00 35.91 ? 203 TRP A CA  1 
ATOM   907 C C   . TRP A 1 125 ? -15.119 -7.370  -2.341  1.00 45.07 ? 203 TRP A C   1 
ATOM   908 O O   . TRP A 1 125 ? -16.103 -6.624  -2.299  1.00 50.95 ? 203 TRP A O   1 
ATOM   909 C CB  . TRP A 1 125 ? -14.639 -8.862  -4.280  1.00 33.66 ? 203 TRP A CB  1 
ATOM   910 C CG  . TRP A 1 125 ? -13.582 -9.359  -5.214  1.00 28.17 ? 203 TRP A CG  1 
ATOM   911 C CD1 . TRP A 1 125 ? -12.514 -10.129 -4.888  1.00 30.05 ? 203 TRP A CD1 1 
ATOM   912 C CD2 . TRP A 1 125 ? -13.501 -9.133  -6.633  1.00 27.75 ? 203 TRP A CD2 1 
ATOM   913 N NE1 . TRP A 1 125 ? -11.760 -10.387 -6.002  1.00 28.06 ? 203 TRP A NE1 1 
ATOM   914 C CE2 . TRP A 1 125 ? -12.349 -9.798  -7.092  1.00 26.27 ? 203 TRP A CE2 1 
ATOM   915 C CE3 . TRP A 1 125 ? -14.289 -8.439  -7.557  1.00 25.75 ? 203 TRP A CE3 1 
ATOM   916 C CZ2 . TRP A 1 125 ? -11.958 -9.786  -8.431  1.00 26.63 ? 203 TRP A CZ2 1 
ATOM   917 C CZ3 . TRP A 1 125 ? -13.900 -8.423  -8.893  1.00 23.51 ? 203 TRP A CZ3 1 
ATOM   918 C CH2 . TRP A 1 125 ? -12.745 -9.096  -9.316  1.00 30.26 ? 203 TRP A CH2 1 
HETATM 919 O O   . HOH B 2 .   ? -7.551  8.267   5.000   1.00 24.46 ? 1   HOH A O   1 
HETATM 920 O O   . HOH B 2 .   ? 8.613   2.372   -10.503 1.00 28.40 ? 2   HOH A O   1 
HETATM 921 O O   . HOH B 2 .   ? 3.445   -7.430  12.280  1.00 23.37 ? 3   HOH A O   1 
HETATM 922 O O   . HOH B 2 .   ? -13.696 9.444   1.726   1.00 27.22 ? 4   HOH A O   1 
HETATM 923 O O   . HOH B 2 .   ? 0.842   -0.103  10.166  1.00 26.47 ? 5   HOH A O   1 
HETATM 924 O O   . HOH B 2 .   ? -15.873 6.637   -1.655  1.00 31.19 ? 6   HOH A O   1 
HETATM 925 O O   . HOH B 2 .   ? 13.206  2.392   -3.413  1.00 28.89 ? 7   HOH A O   1 
HETATM 926 O O   . HOH B 2 .   ? -7.474  -4.188  20.238  1.00 31.02 ? 8   HOH A O   1 
HETATM 927 O O   . HOH B 2 .   ? 10.592  -8.774  8.743   1.00 32.89 ? 9   HOH A O   1 
HETATM 928 O O   . HOH B 2 .   ? -4.517  5.222   10.669  1.00 29.99 ? 10  HOH A O   1 
HETATM 929 O O   . HOH B 2 .   ? 1.776   14.219  -7.758  1.00 32.09 ? 11  HOH A O   1 
HETATM 930 O O   . HOH B 2 .   ? 5.774   -9.781  5.327   1.00 24.05 ? 12  HOH A O   1 
HETATM 931 O O   . HOH B 2 .   ? -8.324  7.248   -3.283  1.00 29.16 ? 13  HOH A O   1 
HETATM 932 O O   . HOH B 2 .   ? 9.752   -7.580  12.745  1.00 29.03 ? 14  HOH A O   1 
HETATM 933 O O   . HOH B 2 .   ? 4.920   5.773   -13.203 1.00 33.29 ? 15  HOH A O   1 
HETATM 934 O O   . HOH B 2 .   ? 14.844  -8.343  2.920   1.00 23.89 ? 16  HOH A O   1 
HETATM 935 O O   . HOH B 2 .   ? 0.291   1.066   -16.260 1.00 34.03 ? 17  HOH A O   1 
HETATM 936 O O   . HOH B 2 .   ? 15.162  -0.662  -11.197 1.00 33.61 ? 18  HOH A O   1 
HETATM 937 O O   . HOH B 2 .   ? 15.093  -4.987  -4.452  1.00 32.13 ? 19  HOH A O   1 
HETATM 938 O O   . HOH B 2 .   ? -1.602  5.416   -12.071 1.00 33.12 ? 20  HOH A O   1 
HETATM 939 O O   . HOH B 2 .   ? 4.328   3.440   9.591   1.00 34.10 ? 21  HOH A O   1 
HETATM 940 O O   . HOH B 2 .   ? 0.456   -11.856 3.343   1.00 31.75 ? 22  HOH A O   1 
HETATM 941 O O   . HOH B 2 .   ? -6.569  4.553   8.885   1.00 28.12 ? 23  HOH A O   1 
HETATM 942 O O   . HOH B 2 .   ? -1.383  -6.124  -10.793 1.00 39.14 ? 24  HOH A O   1 
HETATM 943 O O   . HOH B 2 .   ? -12.810 -11.941 -1.583  1.00 39.39 ? 25  HOH A O   1 
HETATM 944 O O   . HOH B 2 .   ? -4.614  12.450  -7.602  1.00 35.70 ? 26  HOH A O   1 
HETATM 945 O O   . HOH B 2 .   ? -16.569 1.494   2.774   1.00 27.99 ? 27  HOH A O   1 
HETATM 946 O O   . HOH B 2 .   ? 11.452  -6.472  3.998   1.00 32.95 ? 28  HOH A O   1 
HETATM 947 O O   . HOH B 2 .   ? 17.443  -6.456  0.074   1.00 32.69 ? 29  HOH A O   1 
HETATM 948 O O   . HOH B 2 .   ? 1.643   -6.849  -13.120 1.00 34.45 ? 30  HOH A O   1 
HETATM 949 O O   . HOH B 2 .   ? -7.525  3.687   -9.789  1.00 31.83 ? 31  HOH A O   1 
HETATM 950 O O   . HOH B 2 .   ? -0.330  -12.936 1.051   1.00 32.37 ? 32  HOH A O   1 
HETATM 951 O O   . HOH B 2 .   ? 9.961   -9.260  0.566   1.00 33.57 ? 33  HOH A O   1 
HETATM 952 O O   . HOH B 2 .   ? 12.102  -0.876  11.238  1.00 33.91 ? 34  HOH A O   1 
HETATM 953 O O   . HOH B 2 .   ? 4.912   -9.893  -8.169  1.00 33.72 ? 35  HOH A O   1 
HETATM 954 O O   . HOH B 2 .   ? -11.504 9.917   10.054  1.00 37.79 ? 36  HOH A O   1 
HETATM 955 O O   . HOH B 2 .   ? 0.181   4.738   8.771   1.00 35.25 ? 37  HOH A O   1 
HETATM 956 O O   . HOH B 2 .   ? 0.140   10.501  4.927   1.00 39.03 ? 38  HOH A O   1 
HETATM 957 O O   . HOH B 2 .   ? -7.453  15.194  -0.744  1.00 32.23 ? 39  HOH A O   1 
HETATM 958 O O   . HOH B 2 .   ? 0.897   -7.104  13.658  1.00 20.79 ? 40  HOH A O   1 
HETATM 959 O O   . HOH B 2 .   ? 10.126  -9.866  11.656  1.00 40.35 ? 41  HOH A O   1 
HETATM 960 O O   . HOH B 2 .   ? 1.305   2.615   10.324  1.00 28.50 ? 42  HOH A O   1 
HETATM 961 O O   . HOH B 2 .   ? -7.760  -2.839  22.416  1.00 38.40 ? 43  HOH A O   1 
HETATM 962 O O   . HOH B 2 .   ? 2.088   7.810   1.497   1.00 32.09 ? 44  HOH A O   1 
HETATM 963 O O   . HOH B 2 .   ? 8.161   -12.297 3.125   1.00 37.27 ? 45  HOH A O   1 
HETATM 964 O O   . HOH B 2 .   ? -6.775  -0.207  18.483  1.00 36.53 ? 46  HOH A O   1 
HETATM 965 O O   . HOH B 2 .   ? -10.241 12.476  11.095  1.00 39.26 ? 47  HOH A O   1 
HETATM 966 O O   . HOH B 2 .   ? 7.087   -11.987 5.911   1.00 36.61 ? 48  HOH A O   1 
HETATM 967 O O   . HOH B 2 .   ? 14.267  2.740   9.825   1.00 31.61 ? 49  HOH A O   1 
HETATM 968 O O   . HOH B 2 .   ? 12.502  -8.887  4.538   1.00 34.23 ? 50  HOH A O   1 
HETATM 969 O O   . HOH B 2 .   ? -10.753 8.369   -3.696  1.00 32.65 ? 51  HOH A O   1 
HETATM 970 O O   . HOH B 2 .   ? 8.782   -8.775  15.724  1.00 38.52 ? 52  HOH A O   1 
HETATM 971 O O   . HOH B 2 .   ? -4.118  0.034   -12.485 1.00 33.21 ? 53  HOH A O   1 
HETATM 972 O O   . HOH B 2 .   ? 9.781   6.552   5.483   1.00 39.96 ? 54  HOH A O   1 
HETATM 973 O O   . HOH B 2 .   ? -0.893  -1.209  -15.546 1.00 40.23 ? 55  HOH A O   1 
HETATM 974 O O   . HOH B 2 .   ? 1.849   -11.258 1.332   1.00 39.69 ? 56  HOH A O   1 
HETATM 975 O O   . HOH B 2 .   ? -1.460  7.941   8.274   1.00 40.79 ? 57  HOH A O   1 
HETATM 976 O O   . HOH B 2 .   ? 14.828  -1.902  10.041  1.00 37.09 ? 58  HOH A O   1 
HETATM 977 O O   . HOH B 2 .   ? 8.599   11.686  -10.203 1.00 36.76 ? 59  HOH A O   1 
HETATM 978 O O   . HOH B 2 .   ? -14.009 9.585   -2.059  1.00 43.99 ? 60  HOH A O   1 
HETATM 979 O O   . HOH B 2 .   ? -15.792 -11.278 6.728   1.00 49.17 ? 61  HOH A O   1 
HETATM 980 O O   . HOH B 2 .   ? 0.637   -9.672  -11.865 1.00 40.02 ? 62  HOH A O   1 
HETATM 981 O O   . HOH B 2 .   ? 13.802  -0.577  2.086   1.00 20.35 ? 63  HOH A O   1 
HETATM 982 O O   . HOH B 2 .   ? 14.883  1.618   3.694   1.00 25.13 ? 64  HOH A O   1 
HETATM 983 O O   . HOH B 2 .   ? 13.921  1.185   -0.366  1.00 35.61 ? 65  HOH A O   1 
HETATM 984 O O   . HOH B 2 .   ? -14.426 -12.496 0.551   1.00 42.52 ? 66  HOH A O   1 
HETATM 985 O O   . HOH B 2 .   ? 19.738  -5.112  -1.277  1.00 36.28 ? 67  HOH A O   1 
HETATM 986 O O   . HOH B 2 .   ? 2.501   10.100  5.714   1.00 43.85 ? 68  HOH A O   1 
HETATM 987 O O   . HOH B 2 .   ? -16.737 -9.578  4.486   1.00 47.61 ? 69  HOH A O   1 
HETATM 988 O O   . HOH B 2 .   ? -17.486 -3.051  -1.083  1.00 41.41 ? 70  HOH A O   1 
HETATM 989 O O   . HOH B 2 .   ? 17.456  -4.986  -2.157  1.00 37.56 ? 71  HOH A O   1 
HETATM 990 O O   . HOH B 2 .   ? -13.639 -8.868  5.583   1.00 43.77 ? 72  HOH A O   1 
HETATM 991 O O   . HOH B 2 .   ? -10.511 -10.916 9.369   1.00 49.07 ? 73  HOH A O   1 
HETATM 992 O O   . HOH B 2 .   ? 4.872   -6.457  -20.457 0.50 50.96 ? 74  HOH A O   1 
HETATM 993 O O   . HOH B 2 .   ? 7.763   -10.850 0.790   1.00 43.88 ? 75  HOH A O   1 
HETATM 994 O O   . HOH B 2 .   ? -14.908 11.556  -3.630  1.00 47.03 ? 76  HOH A O   1 
HETATM 995 O O   . HOH B 2 .   ? 4.146   9.570   9.388   1.00 48.43 ? 77  HOH A O   1 
HETATM 996 O O   . HOH B 2 .   ? 2.078   -1.149  -19.000 1.00 41.89 ? 78  HOH A O   1 
HETATM 997 O O   . HOH B 2 .   ? -14.729 -5.757  4.180   1.00 40.61 ? 231 HOH A O   1 
HETATM 998 O O   . HOH B 2 .   ? 14.281  -0.111  -16.739 1.00 47.99 ? 232 HOH A O   1 
HETATM 999 O O   . HOH B 2 .   ? -11.025 -11.419 7.172   1.00 58.37 ? 233 HOH A O   1 
# 
